data_6WKX
#
_entry.id   6WKX
#
_cell.length_a   1.00
_cell.length_b   1.00
_cell.length_c   1.00
_cell.angle_alpha   90.00
_cell.angle_beta   90.00
_cell.angle_gamma   90.00
#
_symmetry.space_group_name_H-M   'P 1'
#
_entity_poly.entity_id   1
_entity_poly.type   'polypeptide(L)'
_entity_poly.pdbx_seq_one_letter_code
;QAEILRAYARILEAQ
;
_entity_poly.pdbx_strand_id   A,V,W,X,Y,B,Z,a,b,c,C,d,e,f,g,D,h,i,j,k,E,l,m,n,o,F,p,q,r,s,G,t,u,v,w,H,x,y,z,0,I,1,2,3,4,J,5,6,7,8,K,9,AA,BA,CA,L,DA,EA,FA,GA,M,HA,IA,JA,KA,N,LA,MA,NA,OA,O,PA,QA,RA,SA,P,TA,UA,VA,WA,Q,XA,YA,ZA,aA,R,bA,cA,dA,eA,S,fA,gA,hA,iA,T,jA,kA,lA,mA,U,nA,oA,pA,qA
#
# COMPACT_ATOMS: atom_id res chain seq x y z
N GLN A 1 -20.01 13.60 2.37
CA GLN A 1 -20.27 12.54 1.42
C GLN A 1 -18.97 11.91 0.95
N ALA A 2 -17.87 12.63 1.15
CA ALA A 2 -16.56 12.13 0.76
C ALA A 2 -16.28 10.75 1.34
N GLU A 3 -16.91 10.41 2.46
CA GLU A 3 -16.77 9.06 2.99
C GLU A 3 -17.19 8.01 1.98
N ILE A 4 -18.30 8.24 1.29
CA ILE A 4 -18.78 7.26 0.32
C ILE A 4 -17.74 7.03 -0.76
N LEU A 5 -17.19 8.11 -1.31
CA LEU A 5 -16.23 7.95 -2.38
C LEU A 5 -14.93 7.33 -1.89
N ARG A 6 -14.47 7.72 -0.70
CA ARG A 6 -13.30 7.07 -0.13
C ARG A 6 -13.51 5.58 -0.04
N ALA A 7 -14.61 5.15 0.57
CA ALA A 7 -14.91 3.72 0.64
C ALA A 7 -14.91 3.10 -0.75
N TYR A 8 -15.60 3.72 -1.70
CA TYR A 8 -15.63 3.24 -3.07
C TYR A 8 -14.24 3.00 -3.62
N ALA A 9 -13.29 3.86 -3.26
CA ALA A 9 -11.93 3.70 -3.74
C ALA A 9 -11.30 2.42 -3.22
N ARG A 10 -11.56 2.07 -1.97
CA ARG A 10 -11.00 0.84 -1.43
C ARG A 10 -11.49 -0.37 -2.19
N ILE A 11 -12.77 -0.37 -2.57
CA ILE A 11 -13.27 -1.43 -3.43
C ILE A 11 -12.54 -1.41 -4.76
N LEU A 12 -12.55 -0.26 -5.43
CA LEU A 12 -12.08 -0.18 -6.80
C LEU A 12 -10.58 -0.42 -6.92
N GLU A 13 -9.85 -0.38 -5.81
CA GLU A 13 -8.43 -0.66 -5.89
C GLU A 13 -8.13 -2.13 -5.68
N ALA A 14 -8.90 -2.80 -4.83
CA ALA A 14 -8.59 -4.17 -4.46
C ALA A 14 -9.20 -5.19 -5.40
N GLN A 15 -9.99 -4.75 -6.37
CA GLN A 15 -10.63 -5.66 -7.30
C GLN A 15 -9.60 -6.44 -8.09
N GLN B 1 -15.33 -4.86 -18.09
CA GLN B 1 -14.20 -5.66 -18.52
C GLN B 1 -12.92 -5.21 -17.85
N ALA B 2 -12.90 -3.94 -17.45
CA ALA B 2 -11.76 -3.43 -16.72
C ALA B 2 -11.51 -4.20 -15.43
N GLU B 3 -12.54 -4.88 -14.92
CA GLU B 3 -12.36 -5.69 -13.71
C GLU B 3 -11.26 -6.72 -13.90
N ILE B 4 -11.19 -7.34 -15.08
CA ILE B 4 -10.16 -8.33 -15.32
C ILE B 4 -8.78 -7.72 -15.15
N LEU B 5 -8.56 -6.56 -15.75
CA LEU B 5 -7.25 -5.95 -15.65
C LEU B 5 -6.95 -5.47 -14.24
N ARG B 6 -7.94 -4.91 -13.56
CA ARG B 6 -7.74 -4.54 -12.16
C ARG B 6 -7.25 -5.74 -11.36
N ALA B 7 -7.99 -6.84 -11.43
CA ALA B 7 -7.57 -8.04 -10.73
C ALA B 7 -6.16 -8.45 -11.13
N TYR B 8 -5.87 -8.44 -12.43
CA TYR B 8 -4.53 -8.78 -12.90
C TYR B 8 -3.47 -7.93 -12.22
N ALA B 9 -3.79 -6.67 -11.97
CA ALA B 9 -2.83 -5.79 -11.32
C ALA B 9 -2.50 -6.27 -9.92
N ARG B 10 -3.50 -6.76 -9.19
CA ARG B 10 -3.23 -7.25 -7.84
C ARG B 10 -2.27 -8.42 -7.87
N ILE B 11 -2.44 -9.32 -8.83
CA ILE B 11 -1.47 -10.40 -9.00
C ILE B 11 -0.09 -9.83 -9.28
N LEU B 12 0.00 -8.97 -10.29
CA LEU B 12 1.29 -8.50 -10.75
C LEU B 12 2.03 -7.68 -9.73
N GLU B 13 1.32 -7.07 -8.78
CA GLU B 13 2.02 -6.25 -7.80
C GLU B 13 2.59 -7.10 -6.66
N ALA B 14 1.89 -8.15 -6.28
CA ALA B 14 2.26 -8.93 -5.11
C ALA B 14 3.26 -10.03 -5.43
N GLN B 15 3.58 -10.23 -6.70
CA GLN B 15 4.49 -11.29 -7.09
C GLN B 15 5.87 -11.08 -6.47
N GLN C 1 11.47 -13.76 -16.32
CA GLN C 1 12.57 -13.52 -15.40
C GLN C 1 12.28 -12.31 -14.53
N ALA C 2 11.45 -11.42 -15.03
CA ALA C 2 11.04 -10.27 -14.24
C ALA C 2 10.35 -10.68 -12.94
N GLU C 3 9.83 -11.91 -12.88
CA GLU C 3 9.23 -12.40 -11.65
C GLU C 3 10.20 -12.32 -10.49
N ILE C 4 11.46 -12.67 -10.73
CA ILE C 4 12.44 -12.63 -9.65
C ILE C 4 12.57 -11.21 -9.10
N LEU C 5 12.67 -10.23 -9.99
CA LEU C 5 12.82 -8.86 -9.51
C LEU C 5 11.56 -8.35 -8.83
N ARG C 6 10.39 -8.71 -9.37
CA ARG C 6 9.15 -8.34 -8.69
C ARG C 6 9.13 -8.87 -7.27
N ALA C 7 9.42 -10.17 -7.10
CA ALA C 7 9.49 -10.72 -5.76
C ALA C 7 10.48 -9.96 -4.90
N TYR C 8 11.71 -9.77 -5.42
CA TYR C 8 12.72 -9.00 -4.71
C TYR C 8 12.19 -7.66 -4.23
N ALA C 9 11.32 -7.04 -5.01
CA ALA C 9 10.77 -5.74 -4.62
C ALA C 9 9.96 -5.85 -3.34
N ARG C 10 9.19 -6.93 -3.20
CA ARG C 10 8.39 -7.08 -2.00
C ARG C 10 9.27 -7.15 -0.76
N ILE C 11 10.34 -7.95 -0.82
CA ILE C 11 11.29 -7.99 0.28
C ILE C 11 11.84 -6.60 0.55
N LEU C 12 12.46 -5.99 -0.47
CA LEU C 12 13.10 -4.70 -0.27
C LEU C 12 12.12 -3.62 0.15
N GLU C 13 10.83 -3.86 0.01
CA GLU C 13 9.84 -2.94 0.52
C GLU C 13 9.53 -3.20 1.98
N ALA C 14 9.09 -4.41 2.30
CA ALA C 14 8.59 -4.70 3.63
C ALA C 14 9.67 -4.72 4.68
N GLN C 15 10.93 -4.57 4.29
CA GLN C 15 12.02 -4.58 5.24
C GLN C 15 11.88 -3.45 6.25
N GLN D 1 23.45 -0.95 5.89
CA GLN D 1 23.00 -0.02 6.91
C GLN D 1 21.66 0.60 6.51
N ALA D 2 21.41 0.64 5.21
CA ALA D 2 20.13 1.13 4.73
C ALA D 2 18.97 0.32 5.27
N GLU D 3 19.23 -0.91 5.72
CA GLU D 3 18.17 -1.73 6.31
C GLU D 3 17.53 -1.01 7.49
N ILE D 4 18.34 -0.35 8.31
CA ILE D 4 17.79 0.35 9.46
C ILE D 4 16.78 1.40 9.02
N LEU D 5 17.15 2.21 8.03
CA LEU D 5 16.24 3.26 7.59
C LEU D 5 15.01 2.68 6.91
N ARG D 6 15.18 1.64 6.09
CA ARG D 6 14.03 0.98 5.50
C ARG D 6 13.05 0.56 6.57
N ALA D 7 13.51 -0.19 7.58
CA ALA D 7 12.64 -0.59 8.65
C ALA D 7 11.99 0.62 9.31
N TYR D 8 12.79 1.64 9.63
CA TYR D 8 12.26 2.86 10.22
C TYR D 8 11.11 3.43 9.43
N ALA D 9 11.17 3.33 8.11
CA ALA D 9 10.08 3.83 7.28
C ALA D 9 8.78 3.09 7.54
N ARG D 10 8.85 1.77 7.74
CA ARG D 10 7.64 1.02 8.01
C ARG D 10 6.96 1.50 9.28
N ILE D 11 7.75 1.78 10.31
CA ILE D 11 7.19 2.40 11.52
C ILE D 11 6.57 3.73 11.18
N LEU D 12 7.35 4.62 10.58
CA LEU D 12 6.93 6.00 10.40
C LEU D 12 5.76 6.14 9.44
N GLU D 13 5.44 5.10 8.68
CA GLU D 13 4.29 5.20 7.80
C GLU D 13 3.02 4.68 8.47
N ALA D 14 3.13 3.65 9.29
CA ALA D 14 1.95 3.01 9.85
C ALA D 14 1.47 3.68 11.13
N GLN D 15 2.18 4.68 11.61
CA GLN D 15 1.80 5.35 12.84
C GLN D 15 0.44 5.99 12.70
N GLN E 1 3.79 16.36 17.55
CA GLN E 1 2.37 16.27 17.28
C GLN E 1 2.11 15.57 15.96
N ALA E 2 3.15 15.51 15.13
CA ALA E 2 3.04 14.84 13.84
C ALA E 2 2.50 13.43 13.96
N GLU E 3 2.70 12.79 15.11
CA GLU E 3 2.12 11.47 15.33
C GLU E 3 0.60 11.50 15.17
N ILE E 4 -0.05 12.53 15.70
CA ILE E 4 -1.50 12.60 15.61
C ILE E 4 -1.94 12.64 14.15
N LEU E 5 -1.28 13.49 13.35
CA LEU E 5 -1.69 13.61 11.97
C LEU E 5 -1.37 12.34 11.18
N ARG E 6 -0.21 11.74 11.44
CA ARG E 6 0.09 10.47 10.79
C ARG E 6 -0.99 9.45 11.07
N ALA E 7 -1.33 9.25 12.34
CA ALA E 7 -2.41 8.34 12.67
C ALA E 7 -3.69 8.71 11.93
N TYR E 8 -4.07 9.99 11.97
CA TYR E 8 -5.24 10.46 11.26
C TYR E 8 -5.23 10.04 9.81
N ALA E 9 -4.06 10.05 9.17
CA ALA E 9 -3.96 9.63 7.79
C ALA E 9 -4.36 8.18 7.60
N ARG E 10 -3.98 7.30 8.53
CA ARG E 10 -4.34 5.91 8.39
C ARG E 10 -5.85 5.73 8.40
N ILE E 11 -6.54 6.46 9.27
CA ILE E 11 -8.00 6.45 9.24
C ILE E 11 -8.50 6.95 7.90
N LEU E 12 -8.05 8.14 7.51
CA LEU E 12 -8.62 8.80 6.35
C LEU E 12 -8.31 8.08 5.05
N GLU E 13 -7.36 7.15 5.06
CA GLU E 13 -7.10 6.41 3.83
C GLU E 13 -7.92 5.14 3.77
N ALA E 14 -8.15 4.48 4.90
CA ALA E 14 -8.79 3.17 4.90
C ALA E 14 -10.30 3.27 4.88
N GLN E 15 -10.85 4.47 4.98
CA GLN E 15 -12.29 4.64 5.02
C GLN E 15 -12.92 4.13 3.74
N GLN F 1 -23.98 4.73 4.69
CA GLN F 1 -24.02 3.61 3.77
C GLN F 1 -22.62 3.09 3.49
N ALA F 2 -21.62 3.94 3.78
CA ALA F 2 -20.24 3.54 3.58
C ALA F 2 -19.90 2.22 4.26
N GLU F 3 -20.64 1.86 5.31
CA GLU F 3 -20.44 0.57 5.93
C GLU F 3 -20.63 -0.57 4.93
N ILE F 4 -21.66 -0.47 4.10
CA ILE F 4 -21.93 -1.53 3.14
C ILE F 4 -20.74 -1.71 2.20
N LEU F 5 -20.23 -0.60 1.67
CA LEU F 5 -19.13 -0.71 0.73
C LEU F 5 -17.85 -1.19 1.40
N ARG F 6 -17.59 -0.70 2.61
CA ARG F 6 -16.43 -1.20 3.34
C ARG F 6 -16.52 -2.71 3.50
N ALA F 7 -17.65 -3.21 4.00
CA ALA F 7 -17.81 -4.66 4.10
C ALA F 7 -17.59 -5.33 2.75
N TYR F 8 -18.21 -4.82 1.70
CA TYR F 8 -18.02 -5.37 0.37
C TYR F 8 -16.56 -5.48 0.01
N ALA F 9 -15.75 -4.52 0.42
CA ALA F 9 -14.33 -4.58 0.11
C ALA F 9 -13.65 -5.76 0.77
N ARG F 10 -14.03 -6.09 2.00
CA ARG F 10 -13.43 -7.22 2.67
C ARG F 10 -13.71 -8.51 1.92
N ILE F 11 -14.92 -8.66 1.39
CA ILE F 11 -15.22 -9.79 0.53
C ILE F 11 -14.33 -9.75 -0.70
N LEU F 12 -14.37 -8.64 -1.42
CA LEU F 12 -13.73 -8.56 -2.73
C LEU F 12 -12.22 -8.65 -2.66
N GLU F 13 -11.64 -8.49 -1.47
CA GLU F 13 -10.19 -8.64 -1.37
C GLU F 13 -9.79 -10.07 -1.05
N ALA F 14 -10.60 -10.78 -0.26
CA ALA F 14 -10.22 -12.10 0.22
C ALA F 14 -10.60 -13.21 -0.73
N GLN F 15 -11.31 -12.88 -1.82
CA GLN F 15 -11.74 -13.89 -2.77
C GLN F 15 -10.55 -14.60 -3.38
N GLN G 1 -15.12 -14.00 -14.06
CA GLN G 1 -13.87 -14.72 -14.32
C GLN G 1 -12.73 -14.11 -13.52
N ALA G 2 -12.88 -12.83 -13.19
CA ALA G 2 -11.89 -12.18 -12.34
C ALA G 2 -11.73 -12.87 -11.00
N GLU G 3 -12.75 -13.62 -10.57
CA GLU G 3 -12.65 -14.35 -9.33
C GLU G 3 -11.44 -15.28 -9.33
N ILE G 4 -11.17 -15.94 -10.45
CA ILE G 4 -10.03 -16.84 -10.52
C ILE G 4 -8.75 -16.09 -10.21
N LEU G 5 -8.56 -14.94 -10.85
CA LEU G 5 -7.34 -14.18 -10.63
C LEU G 5 -7.25 -13.63 -9.22
N ARG G 6 -8.37 -13.14 -8.68
CA ARG G 6 -8.37 -12.69 -7.30
C ARG G 6 -7.89 -13.81 -6.38
N ALA G 7 -8.51 -14.98 -6.48
CA ALA G 7 -8.07 -16.11 -5.68
C ALA G 7 -6.58 -16.38 -5.89
N TYR G 8 -6.14 -16.40 -7.13
CA TYR G 8 -4.73 -16.63 -7.42
C TYR G 8 -3.84 -15.65 -6.67
N ALA G 9 -4.31 -14.42 -6.52
CA ALA G 9 -3.51 -13.42 -5.82
C ALA G 9 -3.32 -13.80 -4.36
N ARG G 10 -4.35 -14.36 -3.73
CA ARG G 10 -4.20 -14.76 -2.34
C ARG G 10 -3.15 -15.85 -2.19
N ILE G 11 -3.10 -16.79 -3.11
CA ILE G 11 -2.04 -17.78 -3.10
C ILE G 11 -0.69 -17.08 -3.25
N LEU G 12 -0.56 -16.26 -4.28
CA LEU G 12 0.73 -15.69 -4.62
C LEU G 12 1.26 -14.76 -3.55
N GLU G 13 0.39 -14.18 -2.73
CA GLU G 13 0.89 -13.26 -1.72
C GLU G 13 1.38 -14.00 -0.49
N ALA G 14 0.74 -15.10 -0.13
CA ALA G 14 1.04 -15.79 1.11
C ALA G 14 2.16 -16.80 0.97
N GLN G 15 2.65 -17.02 -0.24
CA GLN G 15 3.70 -18.00 -0.46
C GLN G 15 4.95 -17.62 0.31
N GLN H 1 11.96 -20.14 -8.64
CA GLN H 1 12.92 -19.77 -7.61
C GLN H 1 12.42 -18.56 -6.85
N ALA H 2 11.56 -17.77 -7.49
CA ALA H 2 10.96 -16.63 -6.82
C ALA H 2 10.16 -17.06 -5.59
N GLU H 3 9.75 -18.33 -5.53
CA GLU H 3 9.05 -18.82 -4.35
C GLU H 3 9.86 -18.60 -3.09
N ILE H 4 11.17 -18.82 -3.16
CA ILE H 4 12.00 -18.65 -1.98
C ILE H 4 11.93 -17.21 -1.49
N LEU H 5 12.03 -16.25 -2.41
CA LEU H 5 12.00 -14.85 -2.00
C LEU H 5 10.63 -14.45 -1.49
N ARG H 6 9.57 -14.93 -2.15
CA ARG H 6 8.23 -14.67 -1.64
C ARG H 6 8.09 -15.14 -0.21
N ALA H 7 8.46 -16.39 0.06
CA ALA H 7 8.43 -16.87 1.43
C ALA H 7 9.24 -15.99 2.36
N TYR H 8 10.48 -15.70 1.99
CA TYR H 8 11.32 -14.81 2.76
C TYR H 8 10.62 -13.52 3.11
N ALA H 9 9.80 -13.00 2.19
CA ALA H 9 9.10 -11.76 2.45
C ALA H 9 8.14 -11.90 3.62
N ARG H 10 7.46 -13.03 3.73
CA ARG H 10 6.53 -13.22 4.84
C ARG H 10 7.26 -13.15 6.17
N ILE H 11 8.39 -13.83 6.28
CA ILE H 11 9.20 -13.73 7.48
C ILE H 11 9.57 -12.29 7.74
N LEU H 12 10.26 -11.66 6.79
CA LEU H 12 10.75 -10.31 6.98
C LEU H 12 9.64 -9.32 7.22
N GLU H 13 8.40 -9.70 6.95
CA GLU H 13 7.27 -8.84 7.29
C GLU H 13 6.81 -9.08 8.72
N ALA H 14 6.44 -10.31 9.04
CA ALA H 14 5.81 -10.61 10.31
C ALA H 14 6.76 -10.46 11.49
N GLN H 15 8.03 -10.21 11.24
CA GLN H 15 8.99 -10.07 12.32
C GLN H 15 8.62 -8.92 13.23
N GLN I 1 19.87 -5.32 14.13
CA GLN I 1 19.21 -4.38 15.03
C GLN I 1 17.89 -3.92 14.45
N ALA I 2 17.79 -3.96 13.12
CA ALA I 2 16.54 -3.62 12.46
C ALA I 2 15.40 -4.51 12.92
N GLU I 3 15.72 -5.70 13.44
CA GLU I 3 14.67 -6.58 13.95
C GLU I 3 13.83 -5.89 15.01
N ILE I 4 14.46 -5.11 15.88
CA ILE I 4 13.72 -4.43 16.93
C ILE I 4 12.68 -3.50 16.31
N LEU I 5 13.08 -2.70 15.33
CA LEU I 5 12.14 -1.77 14.73
C LEU I 5 11.06 -2.49 13.93
N ARG I 6 11.44 -3.55 13.21
CA ARG I 6 10.43 -4.33 12.52
C ARG I 6 9.36 -4.82 13.48
N ALA I 7 9.77 -5.46 14.57
CA ALA I 7 8.81 -5.90 15.57
C ALA I 7 7.98 -4.74 16.08
N TYR I 8 8.63 -3.64 16.43
CA TYR I 8 7.93 -2.45 16.89
C TYR I 8 6.83 -2.03 15.93
N ALA I 9 7.07 -2.17 14.64
CA ALA I 9 6.05 -1.82 13.66
C ALA I 9 4.80 -2.67 13.80
N ARG I 10 4.97 -3.97 14.08
CA ARG I 10 3.80 -4.82 14.23
C ARG I 10 2.93 -4.35 15.39
N ILE I 11 3.56 -3.95 16.50
CA ILE I 11 2.80 -3.36 17.59
C ILE I 11 2.09 -2.10 17.11
N LEU I 12 2.87 -1.17 16.56
CA LEU I 12 2.34 0.15 16.26
C LEU I 12 1.29 0.14 15.16
N GLU I 13 1.17 -0.96 14.42
CA GLU I 13 0.13 -1.00 13.41
C GLU I 13 -1.16 -1.61 13.95
N ALA I 14 -1.05 -2.59 14.83
CA ALA I 14 -2.23 -3.33 15.28
C ALA I 14 -2.92 -2.66 16.45
N GLN I 15 -2.38 -1.57 16.97
CA GLN I 15 -2.96 -0.90 18.10
C GLN I 15 -4.36 -0.39 17.76
N GLN J 1 -2.60 10.44 22.43
CA GLN J 1 -3.97 10.20 21.99
C GLN J 1 -3.99 9.43 20.69
N ALA J 2 -2.85 9.44 19.99
CA ALA J 2 -2.74 8.71 18.74
C ALA J 2 -3.16 7.25 18.87
N GLU J 3 -3.05 6.69 20.07
CA GLU J 3 -3.53 5.33 20.29
C GLU J 3 -5.00 5.20 19.95
N ILE J 4 -5.81 6.18 20.35
CA ILE J 4 -7.24 6.11 20.07
C ILE J 4 -7.49 6.04 18.58
N LEU J 5 -6.83 6.92 17.81
CA LEU J 5 -7.07 6.94 16.39
C LEU J 5 -6.54 5.68 15.71
N ARG J 6 -5.37 5.19 16.14
CA ARG J 6 -4.87 3.95 15.59
C ARG J 6 -5.89 2.83 15.81
N ALA J 7 -6.36 2.66 17.03
CA ALA J 7 -7.39 1.66 17.28
C ALA J 7 -8.59 1.87 16.37
N TYR J 8 -9.08 3.11 16.29
CA TYR J 8 -10.20 3.43 15.43
C TYR J 8 -9.97 2.96 14.01
N ALA J 9 -8.75 3.04 13.52
CA ALA J 9 -8.43 2.58 12.18
C ALA J 9 -8.67 1.10 12.02
N ARG J 10 -8.32 0.31 13.04
CA ARG J 10 -8.53 -1.12 12.92
C ARG J 10 -10.01 -1.45 12.77
N ILE J 11 -10.87 -0.76 13.52
CA ILE J 11 -12.30 -0.92 13.31
C ILE J 11 -12.67 -0.52 11.89
N LEU J 12 -12.30 0.70 11.50
CA LEU J 12 -12.78 1.25 10.24
C LEU J 12 -12.25 0.50 9.03
N GLU J 13 -11.22 -0.32 9.20
CA GLU J 13 -10.75 -1.08 8.05
C GLU J 13 -11.42 -2.44 7.95
N ALA J 14 -11.73 -3.07 9.09
CA ALA J 14 -12.25 -4.43 9.08
C ALA J 14 -13.75 -4.48 8.88
N GLN J 15 -14.42 -3.33 8.85
CA GLN J 15 -15.85 -3.31 8.70
C GLN J 15 -16.27 -3.93 7.38
N GLN K 1 -15.49 22.18 -0.06
CA GLN K 1 -15.96 21.20 -1.02
C GLN K 1 -14.80 20.48 -1.67
N ALA K 2 -13.62 21.08 -1.58
CA ALA K 2 -12.43 20.48 -2.15
C ALA K 2 -12.21 19.06 -1.67
N GLU K 3 -12.74 18.71 -0.49
CA GLU K 3 -12.66 17.33 -0.03
C GLU K 3 -13.31 16.38 -1.03
N ILE K 4 -14.46 16.75 -1.58
CA ILE K 4 -15.14 15.87 -2.51
C ILE K 4 -14.27 15.61 -3.72
N LEU K 5 -13.68 16.66 -4.29
CA LEU K 5 -12.87 16.46 -5.47
C LEU K 5 -11.59 15.70 -5.17
N ARG K 6 -10.96 15.98 -4.03
CA ARG K 6 -9.80 15.20 -3.64
C ARG K 6 -10.13 13.73 -3.59
N ALA K 7 -11.20 13.38 -2.86
CA ALA K 7 -11.62 11.98 -2.82
C ALA K 7 -11.86 11.44 -4.22
N TYR K 8 -12.59 12.17 -5.04
CA TYR K 8 -12.82 11.76 -6.42
C TYR K 8 -11.53 11.43 -7.15
N ALA K 9 -10.47 12.18 -6.88
CA ALA K 9 -9.19 11.91 -7.53
C ALA K 9 -8.65 10.55 -7.15
N ARG K 10 -8.79 10.17 -5.88
CA ARG K 10 -8.28 8.86 -5.46
C ARG K 10 -8.98 7.75 -6.21
N ILE K 11 -10.28 7.88 -6.43
CA ILE K 11 -10.99 6.92 -7.27
C ILE K 11 -10.42 6.95 -8.68
N LEU K 12 -10.40 8.13 -9.29
CA LEU K 12 -10.08 8.24 -10.71
C LEU K 12 -8.65 7.87 -11.01
N GLU K 13 -7.79 7.79 -10.00
CA GLU K 13 -6.41 7.37 -10.27
C GLU K 13 -6.24 5.87 -10.15
N ALA K 14 -6.97 5.23 -9.25
CA ALA K 14 -6.76 3.82 -8.97
C ALA K 14 -7.57 2.92 -9.88
N GLN K 15 -8.41 3.48 -10.72
CA GLN K 15 -9.25 2.68 -11.60
C GLN K 15 -8.40 1.85 -12.54
N GLN L 1 -15.08 4.48 -21.69
CA GLN L 1 -14.10 3.60 -22.30
C GLN L 1 -12.71 3.90 -21.76
N ALA L 2 -12.52 5.14 -21.32
CA ALA L 2 -11.25 5.50 -20.71
C ALA L 2 -10.94 4.64 -19.50
N GLU L 3 -11.95 4.04 -18.88
CA GLU L 3 -11.72 3.15 -17.76
C GLU L 3 -10.75 2.03 -18.11
N ILE L 4 -10.88 1.48 -19.31
CA ILE L 4 -9.99 0.40 -19.72
C ILE L 4 -8.55 0.87 -19.70
N LEU L 5 -8.28 2.04 -20.27
CA LEU L 5 -6.92 2.53 -20.32
C LEU L 5 -6.41 2.89 -18.93
N ARG L 6 -7.25 3.52 -18.11
CA ARG L 6 -6.84 3.79 -16.74
C ARG L 6 -6.40 2.51 -16.04
N ALA L 7 -7.25 1.48 -16.07
CA ALA L 7 -6.86 0.20 -15.48
C ALA L 7 -5.55 -0.30 -16.07
N TYR L 8 -5.41 -0.25 -17.39
CA TYR L 8 -4.19 -0.68 -18.04
C TYR L 8 -2.98 0.02 -17.46
N ALA L 9 -3.13 1.30 -17.12
CA ALA L 9 -2.02 2.05 -16.55
C ALA L 9 -1.58 1.46 -15.23
N ARG L 10 -2.53 1.03 -14.40
CA ARG L 10 -2.15 0.45 -13.12
C ARG L 10 -1.33 -0.81 -13.31
N ILE L 11 -1.68 -1.63 -14.28
CA ILE L 11 -0.86 -2.78 -14.61
C ILE L 11 0.53 -2.33 -15.03
N LEU L 12 0.58 -1.43 -16.01
CA LEU L 12 1.85 -1.06 -16.62
C LEU L 12 2.78 -0.36 -15.65
N GLU L 13 2.25 0.26 -14.59
CA GLU L 13 3.14 0.95 -13.68
C GLU L 13 3.75 0.01 -12.66
N ALA L 14 3.00 -1.00 -12.23
CA ALA L 14 3.43 -1.88 -11.15
C ALA L 14 4.27 -3.04 -11.64
N GLN L 15 4.42 -3.20 -12.94
CA GLN L 15 5.18 -4.32 -13.48
C GLN L 15 6.62 -4.27 -13.03
N GLN M 1 10.74 -6.92 -23.59
CA GLN M 1 11.96 -6.84 -22.80
C GLN M 1 11.90 -5.65 -21.85
N ALA M 2 11.09 -4.66 -22.22
CA ALA M 2 10.89 -3.52 -21.33
C ALA M 2 10.34 -3.94 -19.98
N GLU M 3 9.71 -5.11 -19.91
CA GLU M 3 9.20 -5.61 -18.63
C GLU M 3 10.31 -5.69 -17.60
N ILE M 4 11.50 -6.13 -18.00
CA ILE M 4 12.60 -6.24 -17.06
C ILE M 4 12.92 -4.88 -16.47
N LEU M 5 13.01 -3.86 -17.31
CA LEU M 5 13.35 -2.53 -16.81
C LEU M 5 12.24 -1.96 -15.96
N ARG M 6 10.98 -2.16 -16.36
CA ARG M 6 9.88 -1.73 -15.52
C ARG M 6 9.98 -2.32 -14.13
N ALA M 7 10.15 -3.65 -14.06
CA ALA M 7 10.33 -4.27 -12.75
C ALA M 7 11.49 -3.66 -12.00
N TYR M 8 12.64 -3.55 -12.65
CA TYR M 8 13.81 -2.93 -12.04
C TYR M 8 13.47 -1.57 -11.44
N ALA M 9 12.58 -0.82 -12.08
CA ALA M 9 12.22 0.49 -11.57
C ALA M 9 11.55 0.39 -10.22
N ARG M 10 10.70 -0.62 -10.02
CA ARG M 10 10.03 -0.76 -8.74
C ARG M 10 11.05 -0.98 -7.62
N ILE M 11 12.01 -1.86 -7.85
CA ILE M 11 13.08 -2.05 -6.88
C ILE M 11 13.79 -0.73 -6.62
N LEU M 12 14.34 -0.13 -7.66
CA LEU M 12 15.12 1.09 -7.50
C LEU M 12 14.32 2.23 -6.92
N GLU M 13 13.00 2.10 -6.90
CA GLU M 13 12.18 3.10 -6.24
C GLU M 13 12.01 2.78 -4.76
N ALA M 14 11.49 1.61 -4.45
CA ALA M 14 11.13 1.28 -3.08
C ALA M 14 12.32 1.12 -2.16
N GLN M 15 13.54 1.17 -2.70
CA GLN M 15 14.72 1.01 -1.90
C GLN M 15 14.81 2.09 -0.83
N GLN N 1 26.44 3.53 -2.50
CA GLN N 1 26.22 4.45 -1.40
C GLN N 1 24.91 5.21 -1.60
N ALA N 2 24.51 5.34 -2.87
CA ALA N 2 23.23 5.97 -3.17
C ALA N 2 22.07 5.24 -2.51
N GLU N 3 22.25 3.97 -2.17
CA GLU N 3 21.20 3.23 -1.47
C GLU N 3 20.78 3.93 -0.20
N ILE N 4 21.74 4.48 0.55
CA ILE N 4 21.40 5.16 1.79
C ILE N 4 20.45 6.32 1.51
N LEU N 5 20.78 7.14 0.52
CA LEU N 5 19.93 8.29 0.25
C LEU N 5 18.58 7.87 -0.31
N ARG N 6 18.55 6.86 -1.17
CA ARG N 6 17.28 6.35 -1.65
C ARG N 6 16.39 5.94 -0.49
N ALA N 7 16.90 5.11 0.41
CA ALA N 7 16.12 4.74 1.58
C ALA N 7 15.68 5.96 2.36
N TYR N 8 16.61 6.89 2.63
CA TYR N 8 16.28 8.12 3.32
C TYR N 8 15.10 8.83 2.70
N ALA N 9 14.99 8.80 1.37
CA ALA N 9 13.87 9.44 0.71
C ALA N 9 12.55 8.80 1.09
N ARG N 10 12.51 7.48 1.24
CA ARG N 10 11.26 6.83 1.62
C ARG N 10 10.80 7.30 2.97
N ILE N 11 11.72 7.46 3.92
CA ILE N 11 11.37 8.05 5.20
C ILE N 11 10.84 9.45 5.00
N LEU N 12 11.63 10.31 4.35
CA LEU N 12 11.33 11.72 4.29
C LEU N 12 10.08 12.02 3.47
N GLU N 13 9.57 11.06 2.71
CA GLU N 13 8.33 11.31 1.99
C GLU N 13 7.11 10.88 2.78
N ALA N 14 7.21 9.79 3.55
CA ALA N 14 6.05 9.24 4.22
C ALA N 14 5.79 9.87 5.57
N GLN N 15 6.65 10.78 6.00
CA GLN N 15 6.49 11.41 7.30
C GLN N 15 5.19 12.20 7.35
N GLN O 1 10.08 21.93 12.19
CA GLN O 1 8.63 21.99 12.10
C GLN O 1 8.16 21.38 10.79
N ALA O 2 9.08 21.27 9.83
CA ALA O 2 8.75 20.69 8.54
C ALA O 2 8.10 19.33 8.67
N GLU O 3 8.36 18.61 9.76
CA GLU O 3 7.69 17.35 9.99
C GLU O 3 6.18 17.52 10.01
N ILE O 4 5.69 18.57 10.67
CA ILE O 4 4.26 18.78 10.76
C ILE O 4 3.66 18.94 9.37
N LEU O 5 4.28 19.76 8.53
CA LEU O 5 3.73 19.99 7.20
C LEU O 5 3.84 18.75 6.33
N ARG O 6 4.96 18.02 6.43
CA ARG O 6 5.06 16.78 5.69
C ARG O 6 3.92 15.84 6.06
N ALA O 7 3.72 15.61 7.36
CA ALA O 7 2.59 14.79 7.78
C ALA O 7 1.28 15.32 7.22
N TYR O 8 1.04 16.61 7.34
CA TYR O 8 -0.16 17.23 6.81
C TYR O 8 -0.37 16.89 5.35
N ALA O 9 0.72 16.82 4.58
CA ALA O 9 0.61 16.48 3.18
C ALA O 9 0.05 15.07 2.98
N ARG O 10 0.46 14.13 3.81
CA ARG O 10 -0.06 12.77 3.66
C ARG O 10 -1.56 12.74 3.85
N ILE O 11 -2.06 13.47 4.83
CA ILE O 11 -3.52 13.60 4.97
C ILE O 11 -4.11 14.22 3.73
N LEU O 12 -3.61 15.38 3.35
CA LEU O 12 -4.23 16.16 2.28
C LEU O 12 -4.16 15.47 0.93
N GLU O 13 -3.31 14.47 0.78
CA GLU O 13 -3.27 13.76 -0.49
C GLU O 13 -4.21 12.58 -0.52
N ALA O 14 -4.37 11.88 0.61
CA ALA O 14 -5.13 10.65 0.64
C ALA O 14 -6.62 10.88 0.81
N GLN O 15 -7.03 12.12 1.02
CA GLN O 15 -8.43 12.42 1.24
C GLN O 15 -9.26 12.04 0.02
N GLN P 1 -27.38 -4.38 7.05
CA GLN P 1 -27.20 -5.54 6.18
C GLN P 1 -25.74 -5.93 6.11
N ALA P 2 -24.87 -4.99 6.47
CA ALA P 2 -23.44 -5.25 6.46
C ALA P 2 -23.07 -6.50 7.23
N GLU P 3 -23.89 -6.89 8.21
CA GLU P 3 -23.65 -8.13 8.91
C GLU P 3 -23.61 -9.31 7.97
N ILE P 4 -24.54 -9.36 7.01
CA ILE P 4 -24.59 -10.48 6.08
C ILE P 4 -23.29 -10.58 5.31
N LEU P 5 -22.82 -9.44 4.78
CA LEU P 5 -21.60 -9.48 3.98
C LEU P 5 -20.38 -9.80 4.83
N ARG P 6 -20.31 -9.25 6.04
CA ARG P 6 -19.22 -9.60 6.92
C ARG P 6 -19.17 -11.10 7.15
N ALA P 7 -20.30 -11.69 7.53
CA ALA P 7 -20.34 -13.13 7.69
C ALA P 7 -19.89 -13.85 6.43
N TYR P 8 -20.43 -13.44 5.28
CA TYR P 8 -20.03 -14.02 4.00
C TYR P 8 -18.52 -14.01 3.82
N ALA P 9 -17.87 -12.95 4.29
CA ALA P 9 -16.41 -12.88 4.15
C ALA P 9 -15.73 -13.97 4.94
N ARG P 10 -16.23 -14.27 6.14
CA ARG P 10 -15.60 -15.32 6.94
C ARG P 10 -15.66 -16.66 6.22
N ILE P 11 -16.79 -16.94 5.57
CA ILE P 11 -16.86 -18.13 4.74
C ILE P 11 -15.84 -18.06 3.62
N LEU P 12 -15.89 -16.98 2.84
CA LEU P 12 -15.11 -16.91 1.61
C LEU P 12 -13.62 -16.85 1.88
N GLU P 13 -13.21 -16.58 3.11
CA GLU P 13 -11.77 -16.59 3.39
C GLU P 13 -11.28 -17.95 3.84
N ALA P 14 -12.11 -18.71 4.55
CA ALA P 14 -11.67 -19.95 5.15
C ALA P 14 -11.84 -21.13 4.21
N GLN P 15 -12.43 -20.92 3.04
CA GLN P 15 -12.64 -22.01 2.10
C GLN P 15 -11.33 -22.62 1.68
N GLN Q 1 -14.58 -22.92 -9.49
CA GLN Q 1 -13.26 -23.53 -9.56
C GLN Q 1 -12.28 -22.78 -8.67
N ALA Q 2 -12.59 -21.50 -8.42
CA ALA Q 2 -11.77 -20.72 -7.51
C ALA Q 2 -11.72 -21.34 -6.12
N GLU Q 3 -12.70 -22.16 -5.78
CA GLU Q 3 -12.70 -22.84 -4.49
C GLU Q 3 -11.42 -23.64 -4.28
N ILE Q 4 -10.95 -24.31 -5.33
CA ILE Q 4 -9.73 -25.10 -5.22
C ILE Q 4 -8.57 -24.22 -4.81
N LEU Q 5 -8.41 -23.08 -5.48
CA LEU Q 5 -7.30 -22.20 -5.15
C LEU Q 5 -7.45 -21.58 -3.78
N ARG Q 6 -8.66 -21.18 -3.40
CA ARG Q 6 -8.87 -20.69 -2.06
C ARG Q 6 -8.41 -21.70 -1.03
N ALA Q 7 -8.90 -22.94 -1.14
CA ALA Q 7 -8.45 -23.97 -0.23
C ALA Q 7 -6.94 -24.11 -0.24
N TYR Q 8 -6.34 -24.13 -1.43
CA TYR Q 8 -4.90 -24.24 -1.54
C TYR Q 8 -4.20 -23.15 -0.75
N ALA Q 9 -4.79 -21.96 -0.71
CA ALA Q 9 -4.18 -20.86 0.03
C ALA Q 9 -4.14 -21.17 1.52
N ARG Q 10 -5.18 -21.80 2.05
CA ARG Q 10 -5.17 -22.12 3.46
C ARG Q 10 -4.05 -23.08 3.80
N ILE Q 11 -3.81 -24.06 2.94
CA ILE Q 11 -2.66 -24.93 3.12
C ILE Q 11 -1.38 -24.12 3.11
N LEU Q 12 -1.19 -23.33 2.05
CA LEU Q 12 0.08 -22.65 1.84
C LEU Q 12 0.37 -21.62 2.92
N GLU Q 13 -0.64 -21.10 3.59
CA GLU Q 13 -0.36 -20.09 4.61
C GLU Q 13 0.04 -20.74 5.93
N ALA Q 14 -0.53 -21.87 6.26
CA ALA Q 14 -0.32 -22.48 7.57
C ALA Q 14 0.90 -23.38 7.62
N GLN Q 15 1.56 -23.60 6.49
CA GLN Q 15 2.70 -24.48 6.45
C GLN Q 15 3.82 -23.95 7.34
N GLN R 1 12.08 -26.14 -0.58
CA GLN R 1 12.86 -25.63 0.54
C GLN R 1 12.15 -24.44 1.18
N ALA R 2 11.32 -23.77 0.38
CA ALA R 2 10.52 -22.68 0.92
C ALA R 2 9.64 -23.12 2.06
N GLU R 3 9.34 -24.42 2.14
CA GLU R 3 8.55 -24.93 3.26
C GLU R 3 9.17 -24.58 4.59
N ILE R 4 10.49 -24.68 4.69
CA ILE R 4 11.15 -24.37 5.95
C ILE R 4 10.88 -22.93 6.34
N LEU R 5 11.03 -22.00 5.40
CA LEU R 5 10.81 -20.61 5.73
C LEU R 5 9.35 -20.32 6.04
N ARG R 6 8.43 -20.93 5.31
CA ARG R 6 7.02 -20.77 5.63
C ARG R 6 6.74 -21.20 7.06
N ALA R 7 7.21 -22.39 7.43
CA ALA R 7 7.03 -22.82 8.82
C ALA R 7 7.64 -21.82 9.78
N TYR R 8 8.89 -21.43 9.54
CA TYR R 8 9.55 -20.43 10.36
C TYR R 8 8.69 -19.19 10.56
N ALA R 9 7.94 -18.80 9.53
CA ALA R 9 7.09 -17.62 9.63
C ALA R 9 6.03 -17.81 10.68
N ARG R 10 5.44 -19.00 10.77
CA ARG R 10 4.41 -19.22 11.77
C ARG R 10 4.95 -19.03 13.18
N ILE R 11 6.13 -19.60 13.46
CA ILE R 11 6.77 -19.37 14.74
C ILE R 11 6.97 -17.89 14.97
N LEU R 12 7.70 -17.23 14.06
CA LEU R 12 8.05 -15.84 14.25
C LEU R 12 6.82 -14.94 14.31
N GLU R 13 5.66 -15.45 13.90
CA GLU R 13 4.42 -14.71 14.06
C GLU R 13 3.82 -14.92 15.43
N ALA R 14 3.53 -16.17 15.77
CA ALA R 14 2.78 -16.47 16.98
C ALA R 14 3.56 -16.19 18.25
N GLN R 15 4.82 -15.82 18.14
CA GLN R 15 5.63 -15.55 19.31
C GLN R 15 5.05 -14.40 20.11
N GLN S 1 15.71 -9.67 22.15
CA GLN S 1 14.86 -8.77 22.91
C GLN S 1 13.59 -8.46 22.15
N ALA S 2 13.65 -8.57 20.83
CA ALA S 2 12.47 -8.38 20.01
C ALA S 2 11.37 -9.37 20.37
N GLU S 3 11.72 -10.49 20.99
CA GLU S 3 10.71 -11.45 21.42
C GLU S 3 9.68 -10.80 22.33
N ILE S 4 10.14 -9.93 23.24
CA ILE S 4 9.20 -9.27 24.14
C ILE S 4 8.17 -8.49 23.36
N LEU S 5 8.61 -7.69 22.39
CA LEU S 5 7.68 -6.88 21.63
C LEU S 5 6.77 -7.73 20.76
N ARG S 6 7.33 -8.78 20.14
CA ARG S 6 6.49 -9.68 19.37
C ARG S 6 5.36 -10.23 20.23
N ALA S 7 5.70 -10.80 21.39
CA ALA S 7 4.66 -11.28 22.29
C ALA S 7 3.67 -10.18 22.63
N TYR S 8 4.17 -9.01 23.00
CA TYR S 8 3.30 -7.87 23.31
C TYR S 8 2.30 -7.61 22.20
N ALA S 9 2.71 -7.79 20.96
CA ALA S 9 1.79 -7.58 19.85
C ALA S 9 0.62 -8.54 19.89
N ARG S 10 0.87 -9.79 20.26
CA ARG S 10 -0.22 -10.75 20.32
C ARG S 10 -1.27 -10.33 21.34
N ILE S 11 -0.83 -9.82 22.48
CA ILE S 11 -1.76 -9.25 23.44
C ILE S 11 -2.51 -8.10 22.82
N LEU S 12 -1.78 -7.11 22.32
CA LEU S 12 -2.38 -5.87 21.88
C LEU S 12 -3.28 -6.03 20.67
N GLU S 13 -3.20 -7.16 19.99
CA GLU S 13 -4.11 -7.35 18.86
C GLU S 13 -5.38 -8.07 19.27
N ALA S 14 -5.30 -8.99 20.21
CA ALA S 14 -6.45 -9.81 20.56
C ALA S 14 -7.34 -9.18 21.60
N GLN S 15 -6.96 -8.01 22.11
CA GLN S 15 -7.75 -7.35 23.13
C GLN S 15 -9.12 -7.00 22.61
N GLN T 1 -8.97 4.14 26.87
CA GLN T 1 -10.25 3.75 26.28
C GLN T 1 -10.04 2.92 25.03
N ALA T 2 -8.83 3.01 24.48
CA ALA T 2 -8.50 2.25 23.28
C ALA T 2 -8.79 0.77 23.45
N GLU T 3 -8.78 0.26 24.67
CA GLU T 3 -9.15 -1.13 24.90
C GLU T 3 -10.56 -1.41 24.39
N ILE T 4 -11.49 -0.51 24.65
CA ILE T 4 -12.87 -0.72 24.21
C ILE T 4 -12.93 -0.87 22.70
N LEU T 5 -12.26 0.02 21.98
CA LEU T 5 -12.32 -0.04 20.52
C LEU T 5 -11.59 -1.27 19.99
N ARG T 6 -10.45 -1.61 20.58
CA ARG T 6 -9.77 -2.83 20.17
C ARG T 6 -10.69 -4.03 20.31
N ALA T 7 -11.30 -4.19 21.49
CA ALA T 7 -12.26 -5.28 21.66
C ALA T 7 -13.35 -5.22 20.61
N TYR T 8 -13.94 -4.05 20.41
CA TYR T 8 -14.97 -3.88 19.40
C TYR T 8 -14.53 -4.39 18.03
N ALA T 9 -13.27 -4.19 17.70
CA ALA T 9 -12.74 -4.68 16.43
C ALA T 9 -12.82 -6.18 16.32
N ARG T 10 -12.52 -6.90 17.41
CA ARG T 10 -12.59 -8.35 17.36
C ARG T 10 -14.00 -8.82 17.04
N ILE T 11 -15.00 -8.20 17.64
CA ILE T 11 -16.38 -8.49 17.28
C ILE T 11 -16.61 -8.19 15.81
N LEU T 12 -16.30 -6.97 15.41
CA LEU T 12 -16.67 -6.51 14.06
C LEU T 12 -15.94 -7.26 12.97
N GLU T 13 -14.86 -7.96 13.30
CA GLU T 13 -14.18 -8.73 12.27
C GLU T 13 -14.72 -10.14 12.16
N ALA T 14 -15.10 -10.75 13.28
CA ALA T 14 -15.49 -12.15 13.28
C ALA T 14 -16.93 -12.36 12.91
N GLN T 15 -17.70 -11.29 12.74
CA GLN T 15 -19.10 -11.41 12.42
C GLN T 15 -19.30 -12.13 11.09
N GLN U 1 -10.45 30.41 -2.62
CA GLN U 1 -11.13 29.53 -3.55
C GLN U 1 -10.13 28.73 -4.37
N ALA U 2 -8.89 29.23 -4.39
CA ALA U 2 -7.83 28.55 -5.13
C ALA U 2 -7.71 27.08 -4.75
N GLU U 3 -8.12 26.73 -3.54
CA GLU U 3 -8.13 25.32 -3.14
C GLU U 3 -8.98 24.49 -4.09
N ILE U 4 -10.14 25.00 -4.47
CA ILE U 4 -11.03 24.24 -5.35
C ILE U 4 -10.33 23.95 -6.67
N LEU U 5 -9.71 24.98 -7.26
CA LEU U 5 -9.07 24.78 -8.56
C LEU U 5 -7.85 23.88 -8.44
N ARG U 6 -7.06 24.04 -7.37
CA ARG U 6 -5.94 23.14 -7.16
C ARG U 6 -6.42 21.69 -7.12
N ALA U 7 -7.42 21.40 -6.28
CA ALA U 7 -7.97 20.06 -6.26
C ALA U 7 -8.41 19.62 -7.64
N TYR U 8 -9.16 20.45 -8.34
CA TYR U 8 -9.60 20.14 -9.69
C TYR U 8 -8.45 19.74 -10.58
N ALA U 9 -7.30 20.37 -10.42
CA ALA U 9 -6.14 20.02 -11.23
C ALA U 9 -5.68 18.59 -10.97
N ARG U 10 -5.71 18.16 -9.71
CA ARG U 10 -5.29 16.80 -9.43
C ARG U 10 -6.18 15.78 -10.12
N ILE U 11 -7.49 16.05 -10.18
CA ILE U 11 -8.37 15.21 -10.97
C ILE U 11 -7.97 15.26 -12.43
N LEU U 12 -7.92 16.46 -12.98
CA LEU U 12 -7.75 16.62 -14.43
C LEU U 12 -6.41 16.13 -14.92
N GLU U 13 -5.45 15.92 -14.03
CA GLU U 13 -4.17 15.40 -14.49
C GLU U 13 -4.13 13.88 -14.46
N ALA U 14 -4.80 13.26 -13.50
CA ALA U 14 -4.70 11.82 -13.30
C ALA U 14 -5.70 11.05 -14.14
N GLN U 15 -6.59 11.73 -14.85
CA GLN U 15 -7.59 11.06 -15.64
C GLN U 15 -6.95 10.21 -16.72
N GLN V 1 -14.37 13.94 -24.86
CA GLN V 1 -13.57 13.00 -25.62
C GLN V 1 -12.11 13.14 -25.25
N ALA V 2 -11.74 14.33 -24.77
CA ALA V 2 -10.37 14.55 -24.31
C ALA V 2 -9.99 13.60 -23.19
N GLU V 3 -11.00 13.06 -22.48
CA GLU V 3 -10.71 12.09 -21.42
C GLU V 3 -9.91 10.91 -21.95
N ILE V 4 -10.24 10.43 -23.14
CA ILE V 4 -9.52 9.30 -23.70
C ILE V 4 -8.04 9.63 -23.84
N LEU V 5 -7.74 10.81 -24.39
CA LEU V 5 -6.34 11.17 -24.58
C LEU V 5 -5.64 11.41 -23.26
N ARG V 6 -6.31 12.05 -22.31
CA ARG V 6 -5.71 12.21 -20.99
C ARG V 6 -5.32 10.86 -20.41
N ALA V 7 -6.26 9.93 -20.37
CA ALA V 7 -5.94 8.59 -19.89
C ALA V 7 -4.77 8.00 -20.65
N TYR V 8 -4.78 8.10 -21.99
CA TYR V 8 -3.70 7.59 -22.80
C TYR V 8 -2.36 8.15 -22.35
N ALA V 9 -2.35 9.42 -21.93
CA ALA V 9 -1.10 10.03 -21.49
C ALA V 9 -0.56 9.33 -20.24
N ARG V 10 -1.45 8.94 -19.33
CA ARG V 10 -0.98 8.26 -18.12
C ARG V 10 -0.30 6.95 -18.47
N ILE V 11 -0.87 6.21 -19.42
CA ILE V 11 -0.20 5.01 -19.90
C ILE V 11 1.15 5.36 -20.47
N LEU V 12 1.19 6.29 -21.40
CA LEU V 12 2.41 6.58 -22.15
C LEU V 12 3.51 7.14 -21.27
N GLU V 13 3.17 7.74 -20.14
CA GLU V 13 4.24 8.30 -19.30
C GLU V 13 4.86 7.24 -18.41
N ALA V 14 4.07 6.28 -17.94
CA ALA V 14 4.54 5.32 -16.97
C ALA V 14 5.19 4.12 -17.59
N GLN V 15 5.17 4.01 -18.92
CA GLN V 15 5.74 2.86 -19.59
C GLN V 15 7.23 2.75 -19.31
N GLN W 1 9.77 0.29 -30.41
CA GLN W 1 11.08 0.22 -29.77
C GLN W 1 11.26 1.35 -28.78
N ALA W 2 10.51 2.44 -28.99
CA ALA W 2 10.53 3.54 -28.05
C ALA W 2 10.10 3.10 -26.66
N GLU W 3 9.37 1.99 -26.56
CA GLU W 3 8.99 1.48 -25.25
C GLU W 3 10.19 1.24 -24.37
N ILE W 4 11.27 0.71 -24.93
CA ILE W 4 12.46 0.45 -24.14
C ILE W 4 12.99 1.74 -23.53
N LEU W 5 13.07 2.80 -24.34
CA LEU W 5 13.60 4.05 -23.82
C LEU W 5 12.66 4.68 -22.82
N ARG W 6 11.35 4.61 -23.07
CA ARG W 6 10.40 5.11 -22.09
C ARG W 6 10.61 4.42 -20.75
N ALA W 7 10.65 3.09 -20.74
CA ALA W 7 10.92 2.38 -19.50
C ALA W 7 12.22 2.84 -18.87
N TYR W 8 13.30 2.87 -19.65
CA TYR W 8 14.58 3.37 -19.17
C TYR W 8 14.46 4.71 -18.48
N ALA W 9 13.57 5.57 -18.97
CA ALA W 9 13.41 6.87 -18.37
C ALA W 9 12.89 6.77 -16.94
N ARG W 10 11.98 5.84 -16.69
CA ARG W 10 11.46 5.69 -15.34
C ARG W 10 12.57 5.32 -14.37
N ILE W 11 13.41 4.36 -14.74
CA ILE W 11 14.57 4.02 -13.93
C ILE W 11 15.42 5.25 -13.69
N LEU W 12 15.90 5.86 -14.79
CA LEU W 12 16.83 6.98 -14.67
C LEU W 12 16.20 8.16 -13.94
N GLU W 13 14.89 8.16 -13.77
CA GLU W 13 14.25 9.19 -12.97
C GLU W 13 14.24 8.81 -11.49
N ALA W 14 13.65 7.67 -11.17
CA ALA W 14 13.41 7.32 -9.78
C ALA W 14 14.69 6.99 -9.02
N GLN W 15 15.83 6.96 -9.70
CA GLN W 15 17.08 6.63 -9.06
C GLN W 15 17.41 7.65 -7.98
N GLN X 1 28.84 8.09 -11.00
CA GLN X 1 28.84 8.96 -9.85
C GLN X 1 27.60 9.84 -9.86
N ALA X 2 27.06 10.08 -11.05
CA ALA X 2 25.83 10.85 -11.17
C ALA X 2 24.69 10.19 -10.40
N GLU X 3 24.78 8.89 -10.13
CA GLU X 3 23.76 8.22 -9.35
C GLU X 3 23.56 8.89 -8.00
N ILE X 4 24.65 9.30 -7.36
CA ILE X 4 24.53 9.94 -6.06
C ILE X 4 23.68 11.20 -6.17
N LEU X 5 23.96 12.04 -7.15
CA LEU X 5 23.20 13.28 -7.28
C LEU X 5 21.76 13.01 -7.68
N ARG X 6 21.53 12.06 -8.58
CA ARG X 6 20.17 11.69 -8.91
C ARG X 6 19.38 11.32 -7.67
N ALA X 7 19.91 10.40 -6.87
CA ALA X 7 19.26 10.03 -5.63
C ALA X 7 19.03 11.25 -4.75
N TYR X 8 20.06 12.06 -4.57
CA TYR X 8 19.94 13.28 -3.78
C TYR X 8 18.78 14.13 -4.22
N ALA X 9 18.50 14.18 -5.53
CA ALA X 9 17.38 14.96 -6.02
C ALA X 9 16.06 14.43 -5.50
N ARG X 10 15.91 13.11 -5.42
CA ARG X 10 14.66 12.57 -4.91
C ARG X 10 14.40 13.00 -3.48
N ILE X 11 15.44 13.02 -2.65
CA ILE X 11 15.31 13.57 -1.31
C ILE X 11 14.91 15.04 -1.38
N LEU X 12 15.69 15.83 -2.11
CA LEU X 12 15.52 17.28 -2.07
C LEU X 12 14.22 17.73 -2.70
N GLU X 13 13.54 16.86 -3.43
CA GLU X 13 12.26 17.26 -3.98
C GLU X 13 11.09 16.90 -3.07
N ALA X 14 11.19 15.78 -2.37
CA ALA X 14 10.07 15.29 -1.58
C ALA X 14 10.03 15.89 -0.18
N GLN X 15 11.02 16.68 0.18
CA GLN X 15 11.07 17.27 1.51
C GLN X 15 9.87 18.15 1.75
N GLN Y 1 16.25 27.11 6.36
CA GLN Y 1 14.80 27.31 6.44
C GLN Y 1 14.12 26.83 5.18
N ALA Y 2 14.92 26.68 4.11
CA ALA Y 2 14.38 26.20 2.85
C ALA Y 2 13.62 24.90 3.00
N GLU Y 3 13.93 24.11 4.02
CA GLU Y 3 13.17 22.90 4.28
C GLU Y 3 11.70 23.22 4.50
N ILE Y 4 11.40 24.27 5.25
CA ILE Y 4 10.02 24.61 5.52
C ILE Y 4 9.28 24.90 4.23
N LEU Y 5 9.88 25.70 3.36
CA LEU Y 5 9.20 26.05 2.12
C LEU Y 5 9.07 24.85 1.20
N ARG Y 6 10.11 24.02 1.11
CA ARG Y 6 10.00 22.81 0.32
C ARG Y 6 8.82 21.97 0.79
N ALA Y 7 8.75 21.69 2.09
CA ALA Y 7 7.62 20.95 2.60
C ALA Y 7 6.30 21.63 2.24
N TYR Y 8 6.22 22.94 2.46
CA TYR Y 8 5.03 23.69 2.09
C TYR Y 8 4.61 23.44 0.66
N ALA Y 9 5.58 23.32 -0.24
CA ALA Y 9 5.28 23.05 -1.64
C ALA Y 9 4.56 21.73 -1.82
N ARG Y 10 4.97 20.70 -1.08
CA ARG Y 10 4.31 19.42 -1.23
C ARG Y 10 2.85 19.51 -0.86
N ILE Y 11 2.53 20.24 0.21
CA ILE Y 11 1.14 20.49 0.54
C ILE Y 11 0.45 21.23 -0.60
N LEU Y 12 1.02 22.36 -1.00
CA LEU Y 12 0.35 23.25 -1.93
C LEU Y 12 0.20 22.63 -3.32
N GLU Y 13 0.92 21.56 -3.61
CA GLU Y 13 0.74 20.93 -4.91
C GLU Y 13 -0.31 19.83 -4.86
N ALA Y 14 -0.40 19.10 -3.76
CA ALA Y 14 -1.28 17.95 -3.69
C ALA Y 14 -2.70 18.31 -3.32
N GLN Y 15 -2.96 19.56 -3.01
CA GLN Y 15 -4.29 19.99 -2.61
C GLN Y 15 -5.29 19.75 -3.73
N GLN Z 1 -30.21 -13.69 9.37
CA GLN Z 1 -29.81 -14.87 8.61
C GLN Z 1 -28.32 -15.12 8.72
N ALA Z 2 -27.60 -14.07 9.14
CA ALA Z 2 -26.15 -14.19 9.31
C ALA Z 2 -25.78 -15.37 10.19
N GLU Z 3 -26.67 -15.80 11.07
CA GLU Z 3 -26.41 -16.98 11.87
C GLU Z 3 -26.15 -18.20 11.00
N ILE Z 4 -26.93 -18.37 9.94
CA ILE Z 4 -26.77 -19.52 9.08
C ILE Z 4 -25.37 -19.52 8.46
N LEU Z 5 -24.94 -18.38 7.94
CA LEU Z 5 -23.64 -18.33 7.29
C LEU Z 5 -22.51 -18.49 8.30
N ARG Z 6 -22.65 -17.88 9.48
CA ARG Z 6 -21.64 -18.10 10.51
C ARG Z 6 -21.49 -19.57 10.82
N ALA Z 7 -22.60 -20.25 11.09
CA ALA Z 7 -22.53 -21.69 11.31
C ALA Z 7 -21.87 -22.40 10.16
N TYR Z 8 -22.28 -22.10 8.93
CA TYR Z 8 -21.68 -22.68 7.75
C TYR Z 8 -20.17 -22.53 7.75
N ALA Z 9 -19.67 -21.40 8.23
CA ALA Z 9 -18.23 -21.19 8.27
C ALA Z 9 -17.55 -22.18 9.20
N ARG Z 10 -18.16 -22.48 10.34
CA ARG Z 10 -17.55 -23.42 11.25
C ARG Z 10 -17.40 -24.79 10.61
N ILE Z 11 -18.40 -25.21 9.84
CA ILE Z 11 -18.26 -26.44 9.07
C ILE Z 11 -17.12 -26.31 8.08
N LEU Z 12 -17.18 -25.28 7.24
CA LEU Z 12 -16.26 -25.18 6.12
C LEU Z 12 -14.82 -24.96 6.56
N GLU Z 13 -14.58 -24.60 7.81
CA GLU Z 13 -13.21 -24.45 8.26
C GLU Z 13 -12.66 -25.74 8.83
N ALA Z 14 -13.49 -26.54 9.48
CA ALA Z 14 -13.02 -27.72 10.19
C ALA Z 14 -12.95 -28.95 9.30
N GLN Z 15 -13.41 -28.85 8.07
CA GLN Z 15 -13.41 -29.98 7.18
C GLN Z 15 -11.99 -30.48 6.93
N GLN AA 1 -13.80 -31.56 -4.52
CA GLN AA 1 -12.42 -32.03 -4.39
C GLN AA 1 -11.64 -31.15 -3.43
N ALA AA 2 -12.09 -29.90 -3.29
CA ALA AA 2 -11.46 -29.00 -2.32
C ALA AA 2 -11.53 -29.55 -0.91
N GLU AA 3 -12.48 -30.47 -0.64
CA GLU AA 3 -12.56 -31.08 0.67
C GLU AA 3 -11.25 -31.74 1.06
N ILE AA 4 -10.60 -32.41 0.11
CA ILE AA 4 -9.34 -33.07 0.42
C ILE AA 4 -8.32 -32.06 0.92
N LEU AA 5 -8.19 -30.94 0.22
CA LEU AA 5 -7.21 -29.94 0.62
C LEU AA 5 -7.57 -29.29 1.94
N ARG AA 6 -8.86 -29.00 2.14
CA ARG AA 6 -9.28 -28.46 3.43
C ARG AA 6 -8.87 -29.38 4.55
N ALA AA 7 -9.22 -30.67 4.46
CA ALA AA 7 -8.80 -31.62 5.46
C ALA AA 7 -7.29 -31.61 5.64
N TYR AA 8 -6.55 -31.63 4.53
CA TYR AA 8 -5.09 -31.59 4.60
C TYR AA 8 -4.61 -30.41 5.41
N ALA AA 9 -5.30 -29.28 5.32
CA ALA AA 9 -4.90 -28.10 6.07
C ALA AA 9 -5.01 -28.34 7.56
N ARG AA 10 -6.05 -29.04 8.00
CA ARG AA 10 -6.19 -29.30 9.42
C ARG AA 10 -5.03 -30.14 9.94
N ILE AA 11 -4.59 -31.13 9.17
CA ILE AA 11 -3.40 -31.87 9.54
C ILE AA 11 -2.21 -30.94 9.62
N LEU AA 12 -1.96 -30.18 8.56
CA LEU AA 12 -0.75 -29.39 8.47
C LEU AA 12 -0.68 -28.29 9.51
N GLU AA 13 -1.82 -27.85 10.03
CA GLU AA 13 -1.76 -26.77 11.02
C GLU AA 13 -1.47 -27.32 12.41
N ALA AA 14 -1.97 -28.50 12.74
CA ALA AA 14 -1.87 -29.02 14.09
C ALA AA 14 -0.59 -29.80 14.33
N GLN AA 15 0.22 -30.00 13.30
CA GLN AA 15 1.44 -30.76 13.45
C GLN AA 15 2.38 -30.10 14.43
N GLN BA 1 11.73 -31.79 7.70
CA GLN BA 1 12.31 -31.15 8.87
C GLN BA 1 11.43 -30.01 9.35
N ALA BA 2 10.64 -29.46 8.43
CA ALA BA 2 9.69 -28.43 8.81
C ALA BA 2 8.71 -28.91 9.86
N GLU BA 3 8.53 -30.23 9.98
CA GLU BA 3 7.65 -30.77 11.00
C GLU BA 3 8.07 -30.31 12.39
N ILE BA 4 9.37 -30.27 12.65
CA ILE BA 4 9.84 -29.85 13.96
C ILE BA 4 9.40 -28.43 14.25
N LEU BA 5 9.56 -27.52 13.28
CA LEU BA 5 9.18 -26.14 13.50
C LEU BA 5 7.67 -25.99 13.63
N ARG BA 6 6.91 -26.71 12.81
CA ARG BA 6 5.46 -26.69 12.96
C ARG BA 6 5.06 -27.07 14.37
N ALA BA 7 5.57 -28.20 14.86
CA ALA BA 7 5.27 -28.59 16.22
C ALA BA 7 5.66 -27.50 17.21
N TYR BA 8 6.89 -27.00 17.10
CA TYR BA 8 7.34 -25.90 17.94
C TYR BA 8 6.35 -24.75 17.96
N ALA BA 9 5.71 -24.48 16.83
CA ALA BA 9 4.75 -23.39 16.77
C ALA BA 9 3.58 -23.63 17.70
N ARG BA 10 3.10 -24.87 17.77
CA ARG BA 10 1.98 -25.16 18.65
C ARG BA 10 2.32 -24.85 20.09
N ILE BA 11 3.50 -25.29 20.55
CA ILE BA 11 3.96 -24.95 21.89
C ILE BA 11 3.98 -23.44 22.06
N LEU BA 12 4.77 -22.75 21.22
CA LEU BA 12 4.95 -21.32 21.36
C LEU BA 12 3.66 -20.55 21.23
N GLU BA 13 2.61 -21.19 20.72
CA GLU BA 13 1.30 -20.56 20.68
C GLU BA 13 0.55 -20.79 21.98
N ALA BA 14 0.33 -22.04 22.35
CA ALA BA 14 -0.53 -22.36 23.47
C ALA BA 14 0.05 -21.95 24.81
N GLN BA 15 1.28 -21.47 24.84
CA GLN BA 15 1.91 -21.07 26.08
C GLN BA 15 1.13 -19.95 26.75
N GLN CA 1 10.97 -14.12 29.79
CA GLN CA 1 9.95 -13.28 30.40
C GLN CA 1 8.76 -13.13 29.48
N ALA CA 2 9.01 -13.28 28.18
CA ALA CA 2 7.92 -13.24 27.21
C ALA CA 2 6.88 -14.31 27.49
N GLU CA 3 7.26 -15.37 28.22
CA GLU CA 3 6.29 -16.41 28.57
C GLU CA 3 5.11 -15.82 29.31
N ILE CA 4 5.35 -14.88 30.21
CA ILE CA 4 4.26 -14.29 30.97
C ILE CA 4 3.26 -13.64 30.02
N LEU CA 5 3.75 -12.84 29.08
CA LEU CA 5 2.85 -12.15 28.17
C LEU CA 5 2.14 -13.13 27.24
N ARG CA 6 2.86 -14.13 26.75
CA ARG CA 6 2.21 -15.15 25.94
C ARG CA 6 1.04 -15.78 26.69
N ALA CA 7 1.27 -16.25 27.90
CA ALA CA 7 0.19 -16.80 28.69
C ALA CA 7 -0.93 -15.79 28.86
N TYR CA 8 -0.59 -14.56 29.22
CA TYR CA 8 -1.58 -13.51 29.37
C TYR CA 8 -2.47 -13.38 28.14
N ALA CA 9 -1.90 -13.58 26.96
CA ALA CA 9 -2.69 -13.49 25.73
C ALA CA 9 -3.76 -14.57 25.70
N ARG CA 10 -3.44 -15.78 26.14
CA ARG CA 10 -4.44 -16.84 26.13
C ARG CA 10 -5.63 -16.47 26.99
N ILE CA 11 -5.39 -15.88 28.15
CA ILE CA 11 -6.49 -15.37 28.97
C ILE CA 11 -7.26 -14.31 28.19
N LEU CA 12 -6.56 -13.28 27.73
CA LEU CA 12 -7.21 -12.12 27.16
C LEU CA 12 -7.94 -12.42 25.86
N GLU CA 13 -7.67 -13.57 25.25
CA GLU CA 13 -8.41 -13.89 24.03
C GLU CA 13 -9.66 -14.71 24.32
N ALA CA 14 -9.61 -15.58 25.32
CA ALA CA 14 -10.71 -16.50 25.57
C ALA CA 14 -11.77 -15.91 26.46
N GLN CA 15 -11.57 -14.70 26.95
CA GLN CA 15 -12.54 -14.07 27.83
C GLN CA 15 -13.87 -13.88 27.14
N GLN DA 1 -15.27 -2.61 30.79
CA GLN DA 1 -16.43 -3.16 30.08
C GLN DA 1 -15.98 -4.01 28.90
N ALA DA 2 -14.73 -3.82 28.49
CA ALA DA 2 -14.19 -4.59 27.39
C ALA DA 2 -14.35 -6.10 27.59
N GLU DA 3 -14.45 -6.54 28.84
CA GLU DA 3 -14.72 -7.95 29.10
C GLU DA 3 -16.01 -8.39 28.44
N ILE DA 4 -17.06 -7.57 28.52
CA ILE DA 4 -18.34 -7.94 27.94
C ILE DA 4 -18.20 -8.16 26.44
N LEU DA 5 -17.53 -7.23 25.76
CA LEU DA 5 -17.41 -7.36 24.32
C LEU DA 5 -16.51 -8.53 23.94
N ARG DA 6 -15.43 -8.73 24.68
CA ARG DA 6 -14.59 -9.90 24.42
C ARG DA 6 -15.41 -11.17 24.51
N ALA DA 7 -16.13 -11.35 25.60
CA ALA DA 7 -17.00 -12.51 25.73
C ALA DA 7 -17.96 -12.61 24.56
N TYR DA 8 -18.62 -11.51 24.21
CA TYR DA 8 -19.52 -11.48 23.08
C TYR DA 8 -18.87 -11.99 21.82
N ALA DA 9 -17.60 -11.69 21.62
CA ALA DA 9 -16.89 -12.18 20.45
C ALA DA 9 -16.81 -13.69 20.42
N ARG DA 10 -16.59 -14.32 21.57
CA ARG DA 10 -16.52 -15.77 21.58
C ARG DA 10 -17.83 -16.39 21.12
N ILE DA 11 -18.95 -15.84 21.57
CA ILE DA 11 -20.24 -16.29 21.06
C ILE DA 11 -20.30 -16.07 19.56
N LEU DA 12 -20.07 -14.84 19.12
CA LEU DA 12 -20.30 -14.48 17.73
C LEU DA 12 -19.37 -15.19 16.78
N GLU DA 13 -18.29 -15.77 17.26
CA GLU DA 13 -17.42 -16.51 16.36
C GLU DA 13 -17.80 -17.98 16.27
N ALA DA 14 -18.26 -18.58 17.36
CA ALA DA 14 -18.51 -20.00 17.39
C ALA DA 14 -19.88 -20.37 16.86
N GLN DA 15 -20.71 -19.39 16.55
CA GLN DA 15 -22.04 -19.65 16.06
C GLN DA 15 -22.01 -20.45 14.77
N GLN EA 1 -4.98 38.23 -5.50
CA GLN EA 1 -5.85 37.46 -6.38
C GLN EA 1 -5.03 36.63 -7.35
N ALA EA 2 -3.76 37.00 -7.50
CA ALA EA 2 -2.87 36.27 -8.40
C ALA EA 2 -2.85 34.78 -8.09
N GLU EA 3 -3.15 34.39 -6.85
CA GLU EA 3 -3.25 32.99 -6.51
C GLU EA 3 -4.28 32.28 -7.38
N ILE EA 4 -5.44 32.92 -7.60
CA ILE EA 4 -6.48 32.29 -8.40
C ILE EA 4 -5.97 32.01 -9.80
N LEU EA 5 -5.34 33.00 -10.42
CA LEU EA 5 -4.88 32.81 -11.79
C LEU EA 5 -3.75 31.80 -11.86
N ARG EA 6 -2.82 31.83 -10.89
CA ARG EA 6 -1.79 30.81 -10.87
C ARG EA 6 -2.39 29.43 -10.83
N ALA EA 7 -3.31 29.19 -9.89
CA ALA EA 7 -3.98 27.90 -9.84
C ALA EA 7 -4.62 27.57 -11.17
N TYR EA 8 -5.37 28.51 -11.74
CA TYR EA 8 -5.99 28.32 -13.04
C TYR EA 8 -5.00 27.85 -14.08
N ALA EA 9 -3.78 28.36 -14.03
CA ALA EA 9 -2.77 27.95 -15.00
C ALA EA 9 -2.42 26.48 -14.86
N ARG EA 10 -2.34 25.98 -13.63
CA ARG EA 10 -2.03 24.57 -13.44
C ARG EA 10 -3.10 23.68 -14.07
N ILE EA 11 -4.36 24.07 -13.95
CA ILE EA 11 -5.42 23.36 -14.65
C ILE EA 11 -5.19 23.45 -16.15
N LEU EA 12 -5.08 24.66 -16.66
CA LEU EA 12 -5.07 24.88 -18.10
C LEU EA 12 -3.85 24.30 -18.78
N GLU EA 13 -2.82 23.96 -18.02
CA GLU EA 13 -1.66 23.34 -18.66
C GLU EA 13 -1.77 21.82 -18.70
N ALA EA 14 -2.38 21.22 -17.69
CA ALA EA 14 -2.39 19.77 -17.56
C ALA EA 14 -3.56 19.13 -18.30
N GLN EA 15 -4.45 19.94 -18.86
CA GLN EA 15 -5.60 19.40 -19.57
C GLN EA 15 -5.17 18.56 -20.74
N GLN FA 1 -13.13 23.38 -27.74
CA GLN FA 1 -12.51 22.42 -28.63
C GLN FA 1 -11.01 22.40 -28.44
N ALA FA 2 -10.46 23.52 -27.96
CA ALA FA 2 -9.04 23.58 -27.67
C ALA FA 2 -8.64 22.54 -26.63
N GLU FA 3 -9.58 22.06 -25.84
CA GLU FA 3 -9.28 21.02 -24.86
C GLU FA 3 -8.67 19.80 -25.52
N ILE FA 4 -9.18 19.41 -26.69
CA ILE FA 4 -8.64 18.26 -27.38
C ILE FA 4 -7.17 18.45 -27.68
N LEU FA 5 -6.81 19.62 -28.22
CA LEU FA 5 -5.43 19.86 -28.58
C LEU FA 5 -4.55 19.96 -27.33
N ARG FA 6 -5.03 20.62 -26.29
CA ARG FA 6 -4.28 20.66 -25.04
C ARG FA 6 -3.95 19.25 -24.58
N ALA FA 7 -4.97 18.40 -24.45
CA ALA FA 7 -4.72 17.02 -24.08
C ALA FA 7 -3.71 16.37 -25.00
N TYR FA 8 -3.88 16.54 -26.31
CA TYR FA 8 -2.94 15.97 -27.27
C TYR FA 8 -1.52 16.38 -26.97
N ALA FA 9 -1.33 17.61 -26.51
CA ALA FA 9 0.00 18.08 -26.19
C ALA FA 9 0.62 17.28 -25.06
N ARG FA 10 -0.19 16.93 -24.05
CA ARG FA 10 0.35 16.15 -22.95
C ARG FA 10 0.85 14.80 -23.42
N ILE FA 11 0.11 14.15 -24.33
CA ILE FA 11 0.60 12.92 -24.93
C ILE FA 11 1.91 13.17 -25.66
N LEU FA 12 1.91 14.16 -26.55
CA LEU FA 12 3.06 14.36 -27.42
C LEU FA 12 4.31 14.77 -26.67
N GLU FA 13 4.18 15.35 -25.48
CA GLU FA 13 5.37 15.76 -24.77
C GLU FA 13 5.99 14.60 -24.00
N ALA FA 14 5.17 13.70 -23.47
CA ALA FA 14 5.66 12.65 -22.60
C ALA FA 14 6.11 11.42 -23.36
N GLN FA 15 5.92 11.39 -24.67
CA GLN FA 15 6.29 10.23 -25.45
C GLN FA 15 7.78 9.97 -25.38
N GLN GA 1 8.73 7.86 -36.79
CA GLN GA 1 10.10 7.65 -36.32
C GLN GA 1 10.50 8.70 -35.31
N ALA GA 2 9.84 9.85 -35.38
CA ALA GA 2 10.08 10.90 -34.41
C ALA GA 2 9.78 10.43 -32.98
N GLU GA 3 8.96 9.39 -32.85
CA GLU GA 3 8.68 8.85 -31.53
C GLU GA 3 9.96 8.46 -30.81
N ILE GA 4 10.91 7.86 -31.53
CA ILE GA 4 12.15 7.45 -30.89
C ILE GA 4 12.87 8.65 -30.30
N LEU GA 5 12.97 9.73 -31.07
CA LEU GA 5 13.67 10.90 -30.58
C LEU GA 5 12.92 11.56 -29.43
N ARG GA 6 11.59 11.63 -29.53
CA ARG GA 6 10.82 12.16 -28.41
C ARG GA 6 11.12 11.39 -27.14
N ALA GA 7 11.03 10.06 -27.19
CA ALA GA 7 11.37 9.27 -26.03
C ALA GA 7 12.78 9.57 -25.54
N TYR GA 8 13.75 9.55 -26.44
CA TYR GA 8 15.12 9.89 -26.11
C TYR GA 8 15.21 11.20 -25.36
N ALA GA 9 14.37 12.17 -25.70
CA ALA GA 9 14.40 13.46 -25.03
C ALA GA 9 14.06 13.31 -23.55
N ARG GA 10 13.09 12.47 -23.23
CA ARG GA 10 12.72 12.28 -21.83
C ARG GA 10 13.90 11.77 -21.02
N ILE GA 11 14.59 10.76 -21.54
CA ILE GA 11 15.81 10.27 -20.88
C ILE GA 11 16.80 11.40 -20.72
N LEU GA 12 17.20 12.01 -21.82
CA LEU GA 12 18.23 13.05 -21.78
C LEU GA 12 17.83 14.24 -20.93
N GLU GA 13 16.55 14.34 -20.60
CA GLU GA 13 16.11 15.39 -19.69
C GLU GA 13 16.24 14.94 -18.24
N ALA GA 14 15.58 13.85 -17.89
CA ALA GA 14 15.48 13.44 -16.49
C ALA GA 14 16.80 12.95 -15.92
N GLN GA 15 17.84 12.85 -16.74
CA GLN GA 15 19.12 12.39 -16.26
C GLN GA 15 19.67 13.31 -15.19
N GLN HA 1 30.66 12.84 -19.59
CA GLN HA 1 30.87 13.65 -18.40
C GLN HA 1 29.73 14.65 -18.23
N ALA HA 2 29.09 15.00 -19.34
CA ALA HA 2 27.93 15.88 -19.26
C ALA HA 2 26.83 15.30 -18.39
N GLU HA 3 26.83 13.98 -18.19
CA GLU HA 3 25.85 13.36 -17.31
C GLU HA 3 25.87 13.97 -15.93
N ILE HA 4 27.06 14.24 -15.41
CA ILE HA 4 27.16 14.83 -14.08
C ILE HA 4 26.44 16.16 -14.03
N LEU HA 5 26.67 17.03 -15.00
CA LEU HA 5 26.03 18.34 -14.99
C LEU HA 5 24.54 18.22 -15.21
N ARG HA 6 24.11 17.34 -16.12
CA ARG HA 6 22.68 17.12 -16.29
C ARG HA 6 22.02 16.76 -14.97
N ALA HA 7 22.56 15.74 -14.29
CA ALA HA 7 22.01 15.38 -13.00
C ALA HA 7 22.01 16.57 -12.04
N TYR HA 8 23.14 17.27 -11.96
CA TYR HA 8 23.23 18.45 -11.11
C TYR HA 8 22.10 19.43 -11.37
N ALA HA 9 21.69 19.57 -12.63
CA ALA HA 9 20.60 20.47 -12.95
C ALA HA 9 19.31 20.04 -12.29
N ARG HA 10 19.04 18.75 -12.24
CA ARG HA 10 17.81 18.28 -11.61
C ARG HA 10 17.77 18.67 -10.15
N ILE HA 11 18.90 18.56 -9.45
CA ILE HA 11 18.98 19.04 -8.08
C ILE HA 11 18.71 20.54 -8.04
N LEU HA 12 19.49 21.29 -8.81
CA LEU HA 12 19.46 22.74 -8.71
C LEU HA 12 18.14 23.35 -9.15
N GLU HA 13 17.30 22.58 -9.83
CA GLU HA 13 16.00 23.13 -10.20
C GLU HA 13 14.93 22.84 -9.16
N ALA HA 14 14.99 21.68 -8.52
CA ALA HA 14 13.93 21.26 -7.62
C ALA HA 14 14.12 21.77 -6.21
N GLN HA 15 15.22 22.45 -5.94
CA GLN HA 15 15.48 22.95 -4.61
C GLN HA 15 14.42 23.93 -4.18
N GLN IA 1 22.14 32.02 -0.04
CA GLN IA 1 20.75 32.35 0.23
C GLN IA 1 19.89 32.00 -0.96
N ALA IA 2 20.52 31.82 -2.12
CA ALA IA 2 19.80 31.47 -3.33
C ALA IA 2 18.92 30.24 -3.13
N GLU IA 3 19.28 29.36 -2.21
CA GLU IA 3 18.44 28.22 -1.89
C GLU IA 3 17.04 28.66 -1.48
N ILE IA 4 16.94 29.69 -0.65
CA ILE IA 4 15.65 30.15 -0.20
C ILE IA 4 14.79 30.57 -1.38
N LEU IA 5 15.35 31.36 -2.29
CA LEU IA 5 14.57 31.83 -3.41
C LEU IA 5 14.22 30.70 -4.37
N ARG IA 6 15.15 29.79 -4.61
CA ARG IA 6 14.83 28.63 -5.43
C ARG IA 6 13.65 27.87 -4.86
N ALA IA 7 13.70 27.54 -3.57
CA ALA IA 7 12.57 26.89 -2.94
C ALA IA 7 11.29 27.69 -3.12
N TYR IA 8 11.35 28.99 -2.84
CA TYR IA 8 10.22 29.87 -3.02
C TYR IA 8 9.62 29.75 -4.40
N ALA IA 9 10.45 29.58 -5.42
CA ALA IA 9 9.95 29.42 -6.77
C ALA IA 9 9.10 28.17 -6.93
N ARG IA 10 9.49 27.08 -6.29
CA ARG IA 10 8.69 25.86 -6.40
C ARG IA 10 7.30 26.08 -5.85
N ILE IA 11 7.18 26.77 -4.72
CA ILE IA 11 5.87 27.13 -4.21
C ILE IA 11 5.13 27.99 -5.23
N LEU IA 12 5.76 29.08 -5.65
CA LEU IA 12 5.07 30.07 -6.46
C LEU IA 12 4.69 29.55 -7.82
N GLU IA 13 5.28 28.43 -8.26
CA GLU IA 13 4.87 27.89 -9.55
C GLU IA 13 3.73 26.90 -9.41
N ALA IA 14 3.71 26.11 -8.34
CA ALA IA 14 2.73 25.04 -8.21
C ALA IA 14 1.41 25.52 -7.66
N GLN IA 15 1.31 26.77 -7.26
CA GLN IA 15 0.09 27.28 -6.69
C GLN IA 15 -1.05 27.20 -7.67
N GLN JA 1 -32.42 -23.13 11.87
CA GLN JA 1 -31.82 -24.29 11.22
C GLN JA 1 -30.34 -24.38 11.53
N ALA JA 2 -29.77 -23.25 11.97
CA ALA JA 2 -28.36 -23.23 12.31
C ALA JA 2 -27.98 -24.32 13.30
N GLU JA 3 -28.93 -24.79 14.10
CA GLU JA 3 -28.66 -25.91 14.98
C GLU JA 3 -28.18 -27.13 14.21
N ILE JA 4 -28.82 -27.42 13.08
CA ILE JA 4 -28.43 -28.59 12.30
C ILE JA 4 -26.98 -28.48 11.85
N LEU JA 5 -26.60 -27.32 11.33
CA LEU JA 5 -25.23 -27.17 10.84
C LEU JA 5 -24.24 -27.18 11.98
N ARG JA 6 -24.56 -26.53 13.10
CA ARG JA 6 -23.68 -26.60 14.25
C ARG JA 6 -23.43 -28.05 14.66
N ALA JA 7 -24.50 -28.82 14.84
CA ALA JA 7 -24.32 -30.23 15.14
C ALA JA 7 -23.45 -30.92 14.11
N TYR JA 8 -23.75 -30.71 12.83
CA TYR JA 8 -22.95 -31.28 11.76
C TYR JA 8 -21.47 -30.98 11.93
N ALA JA 9 -21.14 -29.79 12.40
CA ALA JA 9 -19.75 -29.43 12.60
C ALA JA 9 -19.09 -30.31 13.65
N ARG JA 10 -19.81 -30.62 14.73
CA ARG JA 10 -19.23 -31.47 15.77
C ARG JA 10 -18.88 -32.83 15.21
N ILE JA 11 -19.73 -33.38 14.36
CA ILE JA 11 -19.38 -34.62 13.68
C ILE JA 11 -18.14 -34.42 12.82
N LEU JA 12 -18.19 -33.43 11.93
CA LEU JA 12 -17.15 -33.28 10.93
C LEU JA 12 -15.81 -32.91 11.52
N GLU JA 13 -15.77 -32.48 12.77
CA GLU JA 13 -14.48 -32.17 13.37
C GLU JA 13 -13.88 -33.38 14.07
N ALA JA 14 -14.71 -34.23 14.66
CA ALA JA 14 -14.22 -35.32 15.48
C ALA JA 14 -13.93 -36.58 14.68
N GLN JA 15 -14.24 -36.58 13.39
CA GLN JA 15 -14.02 -37.74 12.56
C GLN JA 15 -12.55 -38.10 12.52
N GLN KA 1 -12.81 -39.83 1.02
CA GLN KA 1 -11.42 -40.15 1.32
C GLN KA 1 -10.85 -39.16 2.32
N ALA KA 2 -11.42 -37.96 2.35
CA ALA KA 2 -11.02 -36.97 3.33
C ALA KA 2 -11.20 -37.46 4.75
N GLU KA 3 -12.08 -38.46 4.95
CA GLU KA 3 -12.27 -39.02 6.27
C GLU KA 3 -10.97 -39.53 6.86
N ILE KA 4 -10.13 -40.16 6.03
CA ILE KA 4 -8.87 -40.68 6.52
C ILE KA 4 -8.03 -39.56 7.08
N LEU KA 5 -7.91 -38.46 6.35
CA LEU KA 5 -7.08 -37.36 6.81
C LEU KA 5 -7.67 -36.69 8.04
N ARG KA 6 -9.00 -36.51 8.06
CA ARG KA 6 -9.63 -35.97 9.26
C ARG KA 6 -9.26 -36.80 10.48
N ALA KA 7 -9.48 -38.12 10.41
CA ALA KA 7 -9.10 -38.98 11.51
C ALA KA 7 -7.63 -38.81 11.86
N TYR KA 8 -6.76 -38.80 10.86
CA TYR KA 8 -5.34 -38.62 11.09
C TYR KA 8 -5.06 -37.36 11.90
N ALA KA 9 -5.85 -36.31 11.65
CA ALA KA 9 -5.65 -35.07 12.38
C ALA KA 9 -5.92 -35.26 13.87
N ARG KA 10 -6.94 -36.04 14.21
CA ARG KA 10 -7.23 -36.26 15.62
C ARG KA 10 -6.07 -36.94 16.31
N ILE KA 11 -5.45 -37.92 15.65
CA ILE KA 11 -4.25 -38.53 16.19
C ILE KA 11 -3.17 -37.48 16.39
N LEU KA 12 -2.87 -36.74 15.31
CA LEU KA 12 -1.73 -35.83 15.33
C LEU KA 12 -1.90 -34.70 16.32
N GLU KA 13 -3.13 -34.34 16.67
CA GLU KA 13 -3.29 -33.23 17.60
C GLU KA 13 -3.12 -33.69 19.04
N ALA KA 14 -3.55 -34.90 19.36
CA ALA KA 14 -3.57 -35.36 20.74
C ALA KA 14 -2.26 -35.98 21.17
N GLN KA 15 -1.32 -36.14 20.26
CA GLN KA 15 -0.05 -36.77 20.59
C GLN KA 15 0.69 -35.97 21.65
N GLN LA 1 10.92 -37.01 16.17
CA GLN LA 1 11.29 -36.27 17.37
C GLN LA 1 10.25 -35.21 17.69
N ALA LA 2 9.53 -34.78 16.66
CA ALA LA 2 8.45 -33.83 16.86
C ALA LA 2 7.39 -34.36 17.81
N GLU LA 3 7.32 -35.68 17.97
CA GLU LA 3 6.38 -36.27 18.91
C GLU LA 3 6.58 -35.71 20.32
N ILE LA 4 7.83 -35.53 20.73
CA ILE LA 4 8.09 -35.01 22.06
C ILE LA 4 7.49 -33.63 22.22
N LEU LA 5 7.69 -32.76 21.22
CA LEU LA 5 7.15 -31.42 21.33
C LEU LA 5 5.64 -31.41 21.26
N ARG LA 6 5.05 -32.24 20.40
CA ARG LA 6 3.60 -32.34 20.37
C ARG LA 6 3.06 -32.71 21.75
N ALA LA 7 3.61 -33.76 22.35
CA ALA LA 7 3.18 -34.13 23.70
C ALA LA 7 3.34 -32.96 24.65
N TYR LA 8 4.52 -32.34 24.67
CA TYR LA 8 4.76 -31.17 25.49
C TYR LA 8 3.67 -30.12 25.34
N ALA LA 9 3.15 -29.96 24.12
CA ALA LA 9 2.12 -28.98 23.89
C ALA LA 9 0.86 -29.30 24.69
N ARG LA 10 0.50 -30.57 24.77
CA ARG LA 10 -0.70 -30.93 25.52
C ARG LA 10 -0.56 -30.54 26.98
N ILE LA 11 0.59 -30.83 27.59
CA ILE LA 11 0.84 -30.39 28.95
C ILE LA 11 0.71 -28.89 29.04
N LEU LA 12 1.52 -28.17 28.27
CA LEU LA 12 1.55 -26.71 28.36
C LEU LA 12 0.21 -26.09 28.03
N GLU LA 13 -0.70 -26.84 27.43
CA GLU LA 13 -2.05 -26.35 27.21
C GLU LA 13 -2.93 -26.59 28.42
N ALA LA 14 -3.08 -27.85 28.83
CA ALA LA 14 -4.03 -28.20 29.85
C ALA LA 14 -3.67 -27.68 31.23
N GLN LA 15 -2.49 -27.08 31.37
CA GLN LA 15 -2.07 -26.56 32.66
C GLN LA 15 -3.02 -25.50 33.17
N GLN MA 1 5.77 -18.61 37.05
CA GLN MA 1 4.61 -17.85 37.49
C GLN MA 1 3.54 -17.86 36.43
N ALA MA 2 3.96 -18.03 35.17
CA ALA MA 2 2.99 -18.14 34.09
C ALA MA 2 2.04 -19.30 34.30
N GLU MA 3 2.41 -20.28 35.10
CA GLU MA 3 1.52 -21.39 35.41
C GLU MA 3 0.19 -20.90 35.96
N ILE MA 4 0.24 -19.90 36.84
CA ILE MA 4 -0.99 -19.39 37.42
C ILE MA 4 -1.92 -18.88 36.34
N LEU MA 5 -1.39 -18.08 35.41
CA LEU MA 5 -2.24 -17.53 34.37
C LEU MA 5 -2.73 -18.60 33.41
N ARG MA 6 -1.87 -19.55 33.07
CA ARG MA 6 -2.31 -20.67 32.24
C ARG MA 6 -3.50 -21.36 32.88
N ALA MA 7 -3.37 -21.76 34.13
CA ALA MA 7 -4.50 -22.39 34.81
C ALA MA 7 -5.72 -21.49 34.80
N TYR MA 8 -5.54 -20.21 35.14
CA TYR MA 8 -6.64 -19.26 35.10
C TYR MA 8 -7.37 -19.28 33.77
N ALA MA 9 -6.64 -19.45 32.68
CA ALA MA 9 -7.28 -19.50 31.37
C ALA MA 9 -8.23 -20.68 31.25
N ARG MA 10 -7.86 -21.84 31.80
CA ARG MA 10 -8.74 -22.99 31.72
C ARG MA 10 -10.06 -22.71 32.41
N ILE MA 11 -10.02 -22.05 33.57
CA ILE MA 11 -11.26 -21.62 34.22
C ILE MA 11 -12.02 -20.67 33.30
N LEU MA 12 -11.36 -19.60 32.87
CA LEU MA 12 -12.05 -18.54 32.16
C LEU MA 12 -12.58 -18.96 30.81
N GLU MA 13 -12.13 -20.09 30.30
CA GLU MA 13 -12.68 -20.55 29.01
C GLU MA 13 -13.87 -21.47 29.20
N ALA MA 14 -13.86 -22.29 30.24
CA ALA MA 14 -14.90 -23.30 30.40
C ALA MA 14 -16.12 -22.78 31.12
N GLN MA 15 -16.09 -21.54 31.58
CA GLN MA 15 -17.22 -20.98 32.30
C GLN MA 15 -18.45 -20.95 31.44
N GLN NA 1 -21.35 -9.75 34.29
CA GLN NA 1 -22.36 -10.41 33.48
C GLN NA 1 -21.69 -11.26 32.41
N ALA NA 2 -20.42 -10.98 32.15
CA ALA NA 2 -19.67 -11.74 31.16
C ALA NA 2 -19.73 -13.23 31.42
N GLU NA 3 -19.93 -13.64 32.67
CA GLU NA 3 -20.09 -15.05 32.96
C GLU NA 3 -21.25 -15.65 32.18
N ILE NA 4 -22.37 -14.94 32.10
CA ILE NA 4 -23.53 -15.46 31.39
C ILE NA 4 -23.19 -15.72 29.94
N LEU NA 5 -22.53 -14.76 29.28
CA LEU NA 5 -22.22 -14.93 27.88
C LEU NA 5 -21.17 -16.02 27.67
N ARG NA 6 -20.17 -16.08 28.54
CA ARG NA 6 -19.20 -17.17 28.45
C ARG NA 6 -19.90 -18.52 28.51
N ALA NA 7 -20.74 -18.72 29.52
CA ALA NA 7 -21.50 -19.96 29.60
C ALA NA 7 -22.29 -20.20 28.32
N TYR NA 8 -23.01 -19.18 27.85
CA TYR NA 8 -23.77 -19.29 26.62
C TYR NA 8 -22.92 -19.79 25.46
N ALA NA 9 -21.66 -19.37 25.42
CA ALA NA 9 -20.78 -19.83 24.36
C ALA NA 9 -20.54 -21.33 24.41
N ARG NA 10 -20.42 -21.89 25.62
CA ARG NA 10 -20.21 -23.33 25.72
C ARG NA 10 -21.39 -24.08 25.14
N ILE NA 11 -22.61 -23.63 25.42
CA ILE NA 11 -23.77 -24.23 24.78
C ILE NA 11 -23.67 -24.09 23.27
N LEU NA 12 -23.49 -22.86 22.81
CA LEU NA 12 -23.59 -22.58 21.38
C LEU NA 12 -22.48 -23.23 20.58
N GLU NA 13 -21.42 -23.68 21.23
CA GLU NA 13 -20.38 -24.37 20.47
C GLU NA 13 -20.61 -25.87 20.41
N ALA NA 14 -21.14 -26.46 21.48
CA ALA NA 14 -21.26 -27.91 21.56
C ALA NA 14 -22.51 -28.43 20.88
N GLN NA 15 -23.39 -27.55 20.41
CA GLN NA 15 -24.62 -27.97 19.79
C GLN NA 15 -24.35 -28.79 18.56
N GLN OA 1 0.96 45.71 -8.72
CA GLN OA 1 -0.09 45.07 -9.51
C GLN OA 1 0.53 44.21 -10.61
N ALA OA 2 1.80 44.48 -10.91
CA ALA OA 2 2.50 43.71 -11.93
C ALA OA 2 2.40 42.22 -11.69
N GLU OA 3 2.23 41.80 -10.44
CA GLU OA 3 2.03 40.39 -10.15
C GLU OA 3 0.84 39.83 -10.92
N ILE OA 4 -0.27 40.57 -10.96
CA ILE OA 4 -1.45 40.10 -11.64
C ILE OA 4 -1.16 39.84 -13.10
N LEU OA 5 -0.50 40.80 -13.76
CA LEU OA 5 -0.23 40.64 -15.19
C LEU OA 5 0.78 39.53 -15.44
N ARG OA 6 1.80 39.43 -14.60
CA ARG OA 6 2.73 38.33 -14.74
C ARG OA 6 2.01 36.99 -14.68
N ALA OA 7 1.19 36.79 -13.65
CA ALA OA 7 0.40 35.58 -13.57
C ALA OA 7 -0.42 35.37 -14.82
N TYR OA 8 -1.13 36.41 -15.25
CA TYR OA 8 -1.93 36.34 -16.46
C TYR OA 8 -1.12 35.84 -17.64
N ALA OA 9 0.15 36.23 -17.73
CA ALA OA 9 0.98 35.77 -18.83
C ALA OA 9 1.19 34.28 -18.79
N ARG OA 10 1.36 33.71 -17.60
CA ARG OA 10 1.56 32.27 -17.52
C ARG OA 10 0.35 31.52 -18.04
N ILE OA 11 -0.84 32.02 -17.74
CA ILE OA 11 -2.05 31.44 -18.34
C ILE OA 11 -1.99 31.59 -19.85
N LEU OA 12 -1.83 32.82 -20.32
CA LEU OA 12 -1.97 33.11 -21.74
C LEU OA 12 -0.91 32.45 -22.60
N GLU OA 13 0.17 31.97 -21.99
CA GLU OA 13 1.18 31.29 -22.79
C GLU OA 13 0.92 29.79 -22.87
N ALA OA 14 0.37 29.20 -21.81
CA ALA OA 14 0.23 27.76 -21.75
C ALA OA 14 -1.07 27.27 -22.36
N GLN OA 15 -1.95 28.18 -22.78
CA GLN OA 15 -3.22 27.79 -23.35
C GLN OA 15 -3.02 26.97 -24.60
N GLN PA 1 -11.25 32.87 -30.34
CA GLN PA 1 -10.84 31.90 -31.35
C GLN PA 1 -9.33 31.73 -31.34
N ALA PA 2 -8.64 32.78 -30.90
CA ALA PA 2 -7.19 32.69 -30.77
C ALA PA 2 -6.76 31.56 -29.85
N GLU PA 3 -7.65 31.13 -28.95
CA GLU PA 3 -7.33 30.02 -28.07
C GLU PA 3 -6.93 28.78 -28.85
N ILE PA 4 -7.61 28.50 -29.96
CA ILE PA 4 -7.28 27.33 -30.76
C ILE PA 4 -5.84 27.41 -31.24
N LEU PA 5 -5.45 28.57 -31.77
CA LEU PA 5 -4.09 28.70 -32.28
C LEU PA 5 -3.06 28.65 -31.15
N ARG PA 6 -3.35 29.30 -30.03
CA ARG PA 6 -2.45 29.20 -28.89
C ARG PA 6 -2.21 27.74 -28.53
N ALA PA 7 -3.29 26.98 -28.32
CA ALA PA 7 -3.13 25.57 -28.03
C ALA PA 7 -2.31 24.87 -29.10
N TYR PA 8 -2.61 25.13 -30.37
CA TYR PA 8 -1.87 24.53 -31.46
C TYR PA 8 -0.38 24.80 -31.33
N ALA PA 9 -0.02 25.97 -30.84
CA ALA PA 9 1.39 26.30 -30.68
C ALA PA 9 2.05 25.39 -29.66
N ARG PA 10 1.35 25.06 -28.57
CA ARG PA 10 1.94 24.17 -27.58
C ARG PA 10 2.24 22.81 -28.18
N ILE PA 11 1.33 22.29 -29.00
CA ILE PA 11 1.62 21.05 -29.71
C ILE PA 11 2.85 21.22 -30.59
N LEU PA 12 2.84 22.24 -31.44
CA LEU PA 12 3.89 22.39 -32.43
C LEU PA 12 5.25 22.64 -31.83
N GLU PA 13 5.32 23.16 -30.61
CA GLU PA 13 6.64 23.42 -30.04
C GLU PA 13 7.22 22.17 -29.40
N ALA PA 14 6.39 21.32 -28.82
CA ALA PA 14 6.87 20.19 -28.04
C ALA PA 14 7.11 18.95 -28.91
N GLN PA 15 6.75 19.02 -30.18
CA GLN PA 15 6.91 17.87 -31.05
C GLN PA 15 8.37 17.47 -31.18
N GLN QA 1 7.72 15.89 -42.69
CA GLN QA 1 9.09 15.51 -42.42
C GLN QA 1 9.71 16.47 -41.42
N ALA QA 2 9.18 17.69 -41.36
CA ALA QA 2 9.64 18.66 -40.38
C ALA QA 2 9.47 18.14 -38.96
N GLU QA 3 8.58 17.18 -38.75
CA GLU QA 3 8.40 16.59 -37.43
C GLU QA 3 9.71 16.05 -36.89
N ILE QA 4 10.50 15.41 -37.75
CA ILE QA 4 11.76 14.85 -37.30
C ILE QA 4 12.67 15.95 -36.76
N LEU QA 5 12.78 17.05 -37.48
CA LEU QA 5 13.65 18.13 -37.04
C LEU QA 5 13.10 18.79 -35.79
N ARG QA 6 11.79 18.99 -35.70
CA ARG QA 6 11.22 19.53 -34.48
C ARG QA 6 11.59 18.66 -33.28
N ALA QA 7 11.37 17.36 -33.39
CA ALA QA 7 11.77 16.47 -32.31
C ALA QA 7 13.24 16.62 -31.99
N TYR QA 8 14.09 16.56 -33.01
CA TYR QA 8 15.52 16.75 -32.83
C TYR QA 8 15.84 18.00 -32.04
N ALA QA 9 15.05 19.05 -32.23
CA ALA QA 9 15.29 20.30 -31.52
C ALA QA 9 15.12 20.12 -30.02
N ARG QA 10 14.11 19.34 -29.61
CA ARG QA 10 13.91 19.13 -28.19
C ARG QA 10 15.12 18.46 -27.56
N ILE QA 11 15.64 17.41 -28.20
CA ILE QA 11 16.86 16.79 -27.72
C ILE QA 11 17.97 17.81 -27.63
N LEU QA 12 18.30 18.44 -28.76
CA LEU QA 12 19.43 19.36 -28.80
C LEU QA 12 19.25 20.54 -27.86
N GLU QA 13 18.04 20.76 -27.36
CA GLU QA 13 17.81 21.78 -26.36
C GLU QA 13 18.08 21.25 -24.96
N ALA QA 14 17.35 20.20 -24.58
CA ALA QA 14 17.40 19.73 -23.20
C ALA QA 14 18.72 19.10 -22.81
N GLN QA 15 19.63 18.95 -23.76
CA GLN QA 15 20.92 18.34 -23.48
C GLN QA 15 21.68 19.15 -22.45
N GLN RA 1 31.94 17.89 -28.20
CA GLN RA 1 32.38 18.63 -27.02
C GLN RA 1 31.37 19.71 -26.66
N ALA RA 2 30.64 20.18 -27.66
CA ALA RA 2 29.59 21.15 -27.41
C ALA RA 2 28.55 20.63 -26.43
N GLU RA 3 28.45 19.30 -26.28
CA GLU RA 3 27.52 18.74 -25.32
C GLU RA 3 27.77 19.28 -23.93
N ILE RA 4 29.04 19.41 -23.54
CA ILE RA 4 29.36 19.91 -22.22
C ILE RA 4 28.78 21.29 -22.02
N LEU RA 5 28.98 22.18 -22.98
CA LEU RA 5 28.48 23.54 -22.84
C LEU RA 5 26.97 23.58 -22.87
N ARG RA 6 26.34 22.80 -23.75
CA ARG RA 6 24.89 22.72 -23.76
C ARG RA 6 24.37 22.35 -22.38
N ALA RA 7 24.88 21.26 -21.81
CA ALA RA 7 24.45 20.88 -20.47
C ALA RA 7 24.69 22.01 -19.48
N TYR RA 8 25.88 22.60 -19.51
CA TYR RA 8 26.20 23.72 -18.64
C TYR RA 8 25.15 24.81 -18.71
N ALA RA 9 24.60 25.05 -19.90
CA ALA RA 9 23.57 26.07 -20.04
C ALA RA 9 22.33 25.73 -19.24
N ARG RA 10 21.94 24.45 -19.21
CA ARG RA 10 20.76 24.08 -18.45
C ARG RA 10 20.94 24.39 -16.97
N ILE RA 11 22.13 24.14 -16.44
CA ILE RA 11 22.42 24.53 -15.07
C ILE RA 11 22.31 26.05 -14.94
N LEU RA 12 23.05 26.77 -15.77
CA LEU RA 12 23.18 28.21 -15.61
C LEU RA 12 21.89 28.95 -15.85
N GLU RA 13 20.90 28.31 -16.45
CA GLU RA 13 19.63 29.00 -16.63
C GLU RA 13 18.66 28.75 -15.48
N ALA RA 14 18.69 27.55 -14.91
CA ALA RA 14 17.71 27.18 -13.90
C ALA RA 14 18.11 27.60 -12.50
N GLN RA 15 19.30 28.16 -12.34
CA GLN RA 15 19.77 28.57 -11.04
C GLN RA 15 18.87 29.62 -10.43
N GLN SA 1 27.80 36.73 -6.97
CA GLN SA 1 26.50 37.17 -6.52
C GLN SA 1 25.46 36.96 -7.61
N ALA SA 2 25.93 36.79 -8.83
CA ALA SA 2 25.03 36.57 -9.96
C ALA SA 2 24.06 35.42 -9.71
N GLU SA 3 24.46 34.47 -8.86
CA GLU SA 3 23.54 33.39 -8.50
C GLU SA 3 22.26 33.93 -7.90
N ILE SA 4 22.36 34.93 -7.02
CA ILE SA 4 21.17 35.48 -6.39
C ILE SA 4 20.23 36.04 -7.44
N LEU SA 5 20.76 36.82 -8.37
CA LEU SA 5 19.89 37.43 -9.37
C LEU SA 5 19.32 36.38 -10.32
N ARG SA 6 20.13 35.39 -10.71
CA ARG SA 6 19.59 34.32 -11.53
C ARG SA 6 18.42 33.65 -10.84
N ALA SA 7 18.59 33.24 -9.59
CA ALA SA 7 17.48 32.67 -8.85
C ALA SA 7 16.29 33.59 -8.83
N TYR SA 8 16.51 34.87 -8.52
CA TYR SA 8 15.44 35.85 -8.52
C TYR SA 8 14.66 35.85 -9.81
N ALA SA 9 15.35 35.66 -10.93
CA ALA SA 9 14.68 35.62 -12.23
C ALA SA 9 13.70 34.48 -12.32
N ARG SA 10 14.05 33.31 -11.78
CA ARG SA 10 13.14 32.19 -11.83
C ARG SA 10 11.84 32.50 -11.11
N ILE SA 11 11.93 33.14 -9.94
CA ILE SA 11 10.74 33.59 -9.26
C ILE SA 11 9.98 34.57 -10.13
N LEU SA 12 10.65 35.62 -10.58
CA LEU SA 12 9.97 36.71 -11.26
C LEU SA 12 9.37 36.30 -12.59
N GLU SA 13 9.79 35.16 -13.14
CA GLU SA 13 9.17 34.72 -14.39
C GLU SA 13 7.97 33.83 -14.15
N ALA SA 14 8.00 33.01 -13.12
CA ALA SA 14 6.96 32.02 -12.91
C ALA SA 14 5.75 32.58 -12.18
N GLN SA 15 5.83 33.82 -11.71
CA GLN SA 15 4.74 34.42 -10.98
C GLN SA 15 3.48 34.50 -11.82
N GLN TA 1 -34.04 -32.57 14.53
CA GLN TA 1 -33.27 -33.69 14.01
C GLN TA 1 -31.83 -33.62 14.49
N ALA TA 2 -31.43 -32.44 14.95
CA ALA TA 2 -30.08 -32.25 15.46
C ALA TA 2 -29.73 -33.26 16.53
N GLU TA 3 -30.72 -33.80 17.23
CA GLU TA 3 -30.46 -34.85 18.20
C GLU TA 3 -29.78 -36.04 17.55
N ILE TA 4 -30.24 -36.43 16.37
CA ILE TA 4 -29.66 -37.59 15.70
C ILE TA 4 -28.19 -37.36 15.44
N LEU TA 5 -27.85 -36.19 14.89
CA LEU TA 5 -26.45 -35.94 14.57
C LEU TA 5 -25.60 -35.79 15.81
N ARG TA 6 -26.13 -35.14 16.85
CA ARG TA 6 -25.39 -35.08 18.11
C ARG TA 6 -25.05 -36.47 18.61
N ALA TA 7 -26.06 -37.34 18.69
CA ALA TA 7 -25.80 -38.71 19.10
C ALA TA 7 -24.75 -39.35 18.21
N TYR TA 8 -24.90 -39.22 16.89
CA TYR TA 8 -23.92 -39.77 15.96
C TYR TA 8 -22.52 -39.31 16.29
N ALA TA 9 -22.36 -38.07 16.73
CA ALA TA 9 -21.04 -37.58 17.08
C ALA TA 9 -20.44 -38.34 18.24
N ARG TA 10 -21.26 -38.68 19.24
CA ARG TA 10 -20.73 -39.42 20.38
C ARG TA 10 -20.19 -40.77 19.95
N ILE TA 11 -20.87 -41.43 19.03
CA ILE TA 11 -20.33 -42.66 18.46
C ILE TA 11 -19.02 -42.37 17.75
N LEU TA 12 -19.05 -41.44 16.80
CA LEU TA 12 -17.91 -41.23 15.92
C LEU TA 12 -16.69 -40.70 16.65
N GLU TA 13 -16.85 -40.22 17.88
CA GLU TA 13 -15.67 -39.77 18.61
C GLU TA 13 -15.06 -40.88 19.44
N ALA TA 14 -15.87 -41.78 19.97
CA ALA TA 14 -15.39 -42.79 20.89
C ALA TA 14 -14.90 -44.04 20.20
N GLN TA 15 -15.04 -44.12 18.88
CA GLN TA 15 -14.61 -45.29 18.15
C GLN TA 15 -13.12 -45.52 18.30
N GLN UA 1 -11.80 -47.71 6.96
CA GLN UA 1 -10.44 -47.89 7.44
C GLN UA 1 -10.09 -46.81 8.44
N ALA UA 2 -10.77 -45.67 8.34
CA ALA UA 2 -10.58 -44.61 9.31
C ALA UA 2 -10.90 -45.06 10.72
N GLU UA 3 -11.69 -46.12 10.87
CA GLU UA 3 -12.00 -46.65 12.19
C GLU UA 3 -10.73 -46.99 12.95
N ILE UA 4 -9.76 -47.59 12.26
CA ILE UA 4 -8.51 -47.96 12.93
C ILE UA 4 -7.85 -46.73 13.52
N LEU UA 5 -7.75 -45.66 12.74
CA LEU UA 5 -7.09 -44.47 13.25
C LEU UA 5 -7.89 -43.81 14.36
N ARG UA 6 -9.21 -43.76 14.22
CA ARG UA 6 -10.03 -43.24 15.30
C ARG UA 6 -9.74 -43.98 16.60
N ALA UA 7 -9.83 -45.30 16.57
CA ALA UA 7 -9.51 -46.09 17.75
C ALA UA 7 -8.12 -45.76 18.27
N TYR UA 8 -7.13 -45.71 17.36
CA TYR UA 8 -5.77 -45.37 17.76
C TYR UA 8 -5.72 -44.07 18.53
N ALA UA 9 -6.56 -43.11 18.14
CA ALA UA 9 -6.57 -41.83 18.82
C ALA UA 9 -6.99 -41.97 20.27
N ARG UA 10 -7.98 -42.84 20.53
CA ARG UA 10 -8.42 -43.03 21.91
C ARG UA 10 -7.30 -43.57 22.77
N ILE UA 11 -6.52 -44.51 22.23
CA ILE UA 11 -5.34 -44.97 22.95
C ILE UA 11 -4.38 -43.81 23.21
N LEU UA 12 -4.02 -43.10 22.15
CA LEU UA 12 -2.98 -42.09 22.25
C LEU UA 12 -3.37 -40.93 23.15
N GLU UA 13 -4.67 -40.69 23.34
CA GLU UA 13 -5.05 -39.56 24.18
C GLU UA 13 -5.01 -39.93 25.66
N ALA UA 14 -5.37 -41.16 25.99
CA ALA UA 14 -5.51 -41.57 27.37
C ALA UA 14 -4.22 -42.05 28.00
N GLN UA 15 -3.16 -42.15 27.21
CA GLN UA 15 -1.89 -42.64 27.72
C GLN UA 15 -1.36 -41.74 28.82
N GLN VA 1 9.52 -41.99 24.65
CA GLN VA 1 9.67 -41.18 25.84
C GLN VA 1 8.51 -40.21 25.98
N ALA VA 2 7.89 -39.89 24.85
CA ALA VA 2 6.70 -39.04 24.87
C ALA VA 2 5.59 -39.64 25.71
N GLU VA 3 5.63 -40.95 25.94
CA GLU VA 3 4.63 -41.58 26.79
C GLU VA 3 4.60 -40.95 28.17
N ILE VA 4 5.78 -40.64 28.72
CA ILE VA 4 5.82 -40.04 30.05
C ILE VA 4 5.07 -38.72 30.06
N LEU VA 5 5.32 -37.88 29.05
CA LEU VA 5 4.65 -36.59 29.02
C LEU VA 5 3.16 -36.73 28.78
N ARG VA 6 2.76 -37.65 27.89
CA ARG VA 6 1.34 -37.90 27.70
C ARG VA 6 0.68 -38.25 29.02
N ALA VA 7 1.24 -39.22 29.73
CA ALA VA 7 0.69 -39.57 31.03
C ALA VA 7 0.62 -38.36 31.95
N TYR VA 8 1.72 -37.63 32.07
CA TYR VA 8 1.75 -36.41 32.86
C TYR VA 8 0.60 -35.47 32.52
N ALA VA 9 0.23 -35.42 31.24
CA ALA VA 9 -0.87 -34.55 30.84
C ALA VA 9 -2.17 -34.95 31.49
N ARG VA 10 -2.42 -36.26 31.60
CA ARG VA 10 -3.66 -36.70 32.23
C ARG VA 10 -3.75 -36.23 33.68
N ILE VA 11 -2.66 -36.39 34.42
CA ILE VA 11 -2.62 -35.87 35.79
C ILE VA 11 -2.90 -34.39 35.78
N LEU VA 12 -2.06 -33.62 35.06
CA LEU VA 12 -2.18 -32.18 35.09
C LEU VA 12 -3.52 -31.69 34.56
N GLU VA 13 -4.28 -32.56 33.91
CA GLU VA 13 -5.62 -32.20 33.50
C GLU VA 13 -6.62 -32.49 34.61
N ALA VA 14 -6.69 -33.72 35.06
CA ALA VA 14 -7.75 -34.13 35.98
C ALA VA 14 -7.60 -33.52 37.36
N GLN VA 15 -6.51 -32.80 37.62
CA GLN VA 15 -6.30 -32.20 38.92
C GLN VA 15 -7.41 -31.22 39.25
N GLN WA 1 0.19 -23.35 43.78
CA GLN WA 1 -1.08 -22.68 44.04
C GLN WA 1 -2.01 -22.85 42.86
N ALA WA 2 -1.43 -23.03 41.68
CA ALA WA 2 -2.24 -23.28 40.49
C ALA WA 2 -3.11 -24.51 40.64
N GLU WA 3 -2.74 -25.42 41.55
CA GLU WA 3 -3.56 -26.59 41.79
C GLU WA 3 -4.98 -26.22 42.16
N ILE WA 4 -5.14 -25.18 42.99
CA ILE WA 4 -6.47 -24.77 43.39
C ILE WA 4 -7.30 -24.39 42.18
N LEU WA 5 -6.74 -23.59 41.28
CA LEU WA 5 -7.51 -23.16 40.12
C LEU WA 5 -7.77 -24.32 39.17
N ARG WA 6 -6.78 -25.19 38.98
CA ARG WA 6 -7.02 -26.37 38.16
C ARG WA 6 -8.21 -27.16 38.68
N ALA WA 7 -8.20 -27.50 39.97
CA ALA WA 7 -9.34 -28.19 40.55
C ALA WA 7 -10.63 -27.42 40.33
N TYR WA 8 -10.62 -26.12 40.62
CA TYR WA 8 -11.78 -25.28 40.41
C TYR WA 8 -12.33 -25.42 39.01
N ALA WA 9 -11.47 -25.58 38.02
CA ALA WA 9 -11.92 -25.74 36.64
C ALA WA 9 -12.75 -27.01 36.48
N ARG WA 10 -12.34 -28.09 37.14
CA ARG WA 10 -13.10 -29.33 37.01
C ARG WA 10 -14.52 -29.15 37.52
N ILE WA 11 -14.68 -28.44 38.64
CA ILE WA 11 -16.02 -28.11 39.11
C ILE WA 11 -16.74 -27.28 38.06
N LEU WA 12 -16.14 -26.17 37.66
CA LEU WA 12 -16.84 -25.20 36.83
C LEU WA 12 -17.15 -25.73 35.44
N GLU WA 13 -16.54 -26.84 35.03
CA GLU WA 13 -16.88 -27.39 33.73
C GLU WA 13 -18.00 -28.42 33.82
N ALA WA 14 -18.05 -29.19 34.89
CA ALA WA 14 -18.99 -30.30 34.98
C ALA WA 14 -20.34 -29.87 35.53
N GLN WA 15 -20.48 -28.60 35.92
CA GLN WA 15 -21.73 -28.13 36.48
C GLN WA 15 -22.85 -28.25 35.47
N GLN XA 1 -27.09 -17.27 37.37
CA GLN XA 1 -27.92 -18.08 36.48
C GLN XA 1 -27.05 -18.90 35.56
N ALA XA 2 -25.79 -18.50 35.42
CA ALA XA 2 -24.86 -19.22 34.57
C ALA XA 2 -24.81 -20.71 34.90
N GLU XA 3 -25.13 -21.08 36.13
CA GLU XA 3 -25.21 -22.49 36.48
C GLU XA 3 -26.19 -23.23 35.60
N ILE XA 4 -27.36 -22.62 35.34
CA ILE XA 4 -28.36 -23.28 34.53
C ILE XA 4 -27.82 -23.57 33.15
N LEU XA 5 -27.18 -22.58 32.52
CA LEU XA 5 -26.68 -22.78 31.18
C LEU XA 5 -25.52 -23.77 31.15
N ARG XA 6 -24.64 -23.70 32.14
CA ARG XA 6 -23.57 -24.70 32.22
C ARG XA 6 -24.15 -26.09 32.27
N ALA XA 7 -25.08 -26.34 33.18
CA ALA XA 7 -25.73 -27.64 33.23
C ALA XA 7 -26.33 -28.01 31.88
N TYR XA 8 -27.08 -27.08 31.28
CA TYR XA 8 -27.66 -27.31 29.97
C TYR XA 8 -26.63 -27.78 28.96
N ALA XA 9 -25.43 -27.24 29.03
CA ALA XA 9 -24.37 -27.65 28.11
C ALA XA 9 -24.02 -29.12 28.29
N ARG XA 10 -23.99 -29.61 29.52
CA ARG XA 10 -23.67 -31.02 29.71
C ARG XA 10 -24.68 -31.91 29.04
N ILE XA 11 -25.96 -31.57 29.15
CA ILE XA 11 -26.98 -32.30 28.41
C ILE XA 11 -26.71 -32.21 26.92
N LEU XA 12 -26.60 -30.99 26.41
CA LEU XA 12 -26.54 -30.78 24.97
C LEU XA 12 -25.29 -31.36 24.34
N GLU XA 13 -24.27 -31.67 25.13
CA GLU XA 13 -23.09 -32.28 24.54
C GLU XA 13 -23.18 -33.80 24.54
N ALA XA 14 -23.78 -34.40 25.56
CA ALA XA 14 -23.78 -35.85 25.70
C ALA XA 14 -24.88 -36.51 24.90
N GLN XA 15 -25.77 -35.74 24.30
CA GLN XA 15 -26.88 -36.30 23.56
C GLN XA 15 -26.38 -37.15 22.41
N GLN YA 1 7.06 52.80 -12.34
CA GLN YA 1 5.87 52.30 -13.01
C GLN YA 1 6.26 51.46 -14.21
N ALA YA 2 7.50 51.61 -14.66
CA ALA YA 2 7.99 50.84 -15.79
C ALA YA 2 7.78 49.34 -15.60
N GLU YA 3 7.72 48.88 -14.34
CA GLU YA 3 7.40 47.48 -14.10
C GLU YA 3 6.09 47.08 -14.72
N ILE YA 4 5.07 47.93 -14.60
CA ILE YA 4 3.77 47.60 -15.15
C ILE YA 4 3.85 47.39 -16.65
N LEU YA 5 4.52 48.32 -17.34
CA LEU YA 5 4.59 48.20 -18.79
C LEU YA 5 5.45 47.02 -19.21
N ARG YA 6 6.55 46.79 -18.51
CA ARG YA 6 7.35 45.60 -18.82
C ARG YA 6 6.50 44.34 -18.72
N ALA YA 7 5.81 44.16 -17.60
CA ALA YA 7 4.91 43.03 -17.47
C ALA YA 7 3.92 42.97 -18.61
N TYR YA 8 3.27 44.08 -18.91
CA TYR YA 8 2.33 44.16 -20.02
C TYR YA 8 2.94 43.64 -21.30
N ALA YA 9 4.22 43.92 -21.53
CA ALA YA 9 4.86 43.45 -22.76
C ALA YA 9 4.93 41.93 -22.79
N ARG YA 10 5.19 41.29 -21.67
CA ARG YA 10 5.25 39.84 -21.66
C ARG YA 10 3.91 39.23 -22.06
N ILE YA 11 2.82 39.82 -21.59
CA ILE YA 11 1.50 39.39 -22.06
C ILE YA 11 1.38 39.61 -23.56
N LEU YA 12 1.61 40.84 -23.99
CA LEU YA 12 1.32 41.22 -25.37
C LEU YA 12 2.21 40.52 -26.37
N GLU YA 13 3.30 39.90 -25.92
CA GLU YA 13 4.13 39.17 -26.87
C GLU YA 13 3.72 37.71 -26.98
N ALA YA 14 3.24 37.11 -25.89
CA ALA YA 14 2.96 35.68 -25.87
C ALA YA 14 1.56 35.36 -26.33
N GLN YA 15 0.75 36.37 -26.59
CA GLN YA 15 -0.63 36.13 -27.01
C GLN YA 15 -0.67 35.36 -28.31
N GLN ZA 1 -8.91 42.29 -32.73
CA GLN ZA 1 -8.72 41.34 -33.82
C GLN ZA 1 -7.25 41.03 -34.01
N ALA ZA 2 -6.40 41.98 -33.62
CA ALA ZA 2 -4.96 41.75 -33.68
C ALA ZA 2 -4.54 40.55 -32.85
N GLU ZA 3 -5.35 40.15 -31.88
CA GLU ZA 3 -5.04 38.97 -31.09
C GLU ZA 3 -4.86 37.75 -31.96
N ILE ZA 4 -5.70 37.59 -32.98
CA ILE ZA 4 -5.59 36.44 -33.87
C ILE ZA 4 -4.21 36.41 -34.51
N LEU ZA 5 -3.77 37.55 -35.05
CA LEU ZA 5 -2.48 37.58 -35.72
C LEU ZA 5 -1.34 37.39 -34.74
N ARG ZA 6 -1.43 37.99 -33.56
CA ARG ZA 6 -0.40 37.75 -32.55
C ARG ZA 6 -0.26 36.26 -32.28
N ALA ZA 7 -1.38 35.59 -31.97
CA ALA ZA 7 -1.32 34.16 -31.75
C ALA ZA 7 -0.72 33.44 -32.95
N TYR ZA 8 -1.15 33.80 -34.16
CA TYR ZA 8 -0.61 33.19 -35.36
C TYR ZA 8 0.91 33.30 -35.39
N ALA ZA 9 1.44 34.41 -34.91
CA ALA ZA 9 2.89 34.59 -34.92
C ALA ZA 9 3.58 33.58 -34.03
N ARG ZA 10 2.98 33.26 -32.88
CA ARG ZA 10 3.59 32.27 -32.00
C ARG ZA 10 3.67 30.92 -32.68
N ILE ZA 11 2.64 30.53 -33.41
CA ILE ZA 11 2.71 29.31 -34.19
C ILE ZA 11 3.83 29.40 -35.21
N LEU ZA 12 3.82 30.46 -36.01
CA LEU ZA 12 4.75 30.57 -37.13
C LEU ZA 12 6.20 30.64 -36.69
N GLU ZA 13 6.46 31.10 -35.46
CA GLU ZA 13 7.85 31.21 -35.05
C GLU ZA 13 8.39 29.88 -34.55
N ALA ZA 14 7.55 29.08 -33.90
CA ALA ZA 14 8.01 27.87 -33.25
C ALA ZA 14 8.02 26.67 -34.17
N GLN ZA 15 7.52 26.82 -35.40
CA GLN ZA 15 7.45 25.71 -36.33
C GLN ZA 15 8.83 25.18 -36.64
N GLN AB 1 6.64 24.27 -48.04
CA GLN AB 1 7.99 23.76 -47.95
C GLN AB 1 8.83 24.61 -46.99
N ALA AB 2 8.42 25.86 -46.84
CA ALA AB 2 9.09 26.73 -45.87
C ALA AB 2 9.04 26.15 -44.47
N GLU AB 3 8.09 25.27 -44.18
CA GLU AB 3 8.02 24.64 -42.88
C GLU AB 3 9.33 23.95 -42.53
N ILE AB 4 9.94 23.28 -43.50
CA ILE AB 4 11.19 22.58 -43.24
C ILE AB 4 12.25 23.56 -42.77
N LEU AB 5 12.38 24.69 -43.47
CA LEU AB 5 13.40 25.65 -43.09
C LEU AB 5 13.09 26.30 -41.75
N ARG AB 6 11.82 26.61 -41.50
CA ARG AB 6 11.45 27.14 -40.19
C ARG AB 6 11.89 26.18 -39.09
N ALA AB 7 11.52 24.91 -39.22
CA ALA AB 7 11.96 23.94 -38.23
C ALA AB 7 13.46 23.93 -38.09
N TYR AB 8 14.18 23.83 -39.21
CA TYR AB 8 15.63 23.89 -39.21
C TYR AB 8 16.16 25.06 -38.42
N ALA AB 9 15.47 26.19 -38.47
CA ALA AB 9 15.92 27.37 -37.74
C ALA AB 9 15.91 27.12 -36.25
N ARG AB 10 14.89 26.43 -35.75
CA ARG AB 10 14.84 26.17 -34.31
C ARG AB 10 16.05 25.35 -33.86
N ILE AB 11 16.38 24.31 -34.61
CA ILE AB 11 17.58 23.53 -34.32
C ILE AB 11 18.80 24.44 -34.33
N LEU AB 12 19.04 25.10 -35.45
CA LEU AB 12 20.24 25.91 -35.60
C LEU AB 12 20.29 27.05 -34.60
N GLU AB 13 19.17 27.36 -33.95
CA GLU AB 13 19.19 28.35 -32.89
C GLU AB 13 19.55 27.71 -31.55
N ALA AB 14 18.79 26.73 -31.12
CA ALA AB 14 18.94 26.18 -29.78
C ALA AB 14 20.23 25.41 -29.60
N GLN AB 15 21.00 25.22 -30.65
CA GLN AB 15 22.26 24.48 -30.55
C GLN AB 15 23.21 25.16 -29.59
N GLN BB 1 32.52 23.25 -36.64
CA GLN BB 1 33.17 23.87 -35.50
C GLN BB 1 32.33 25.02 -34.97
N ALA BB 2 31.53 25.61 -35.86
CA ALA BB 2 30.62 26.66 -35.44
C ALA BB 2 29.67 26.19 -34.36
N GLU BB 3 29.45 24.88 -34.25
CA GLU BB 3 28.59 24.35 -33.20
C GLU BB 3 29.07 24.79 -31.83
N ILE BB 4 30.38 24.78 -31.60
CA ILE BB 4 30.91 25.19 -30.31
C ILE BB 4 30.48 26.61 -29.99
N LEU BB 5 30.66 27.52 -30.94
CA LEU BB 5 30.31 28.92 -30.67
C LEU BB 5 28.82 29.10 -30.51
N ARG BB 6 28.02 28.42 -31.34
CA ARG BB 6 26.58 28.47 -31.16
C ARG BB 6 26.20 28.08 -29.75
N ALA BB 7 26.65 26.93 -29.29
CA ALA BB 7 26.37 26.52 -27.92
C ALA BB 7 26.83 27.57 -26.93
N TYR BB 8 28.07 28.05 -27.08
CA TYR BB 8 28.60 29.08 -26.22
C TYR BB 8 27.66 30.28 -26.11
N ALA BB 9 27.00 30.62 -27.21
CA ALA BB 9 26.07 31.74 -27.18
C ALA BB 9 24.90 31.48 -26.24
N ARG BB 10 24.39 30.24 -26.22
CA ARG BB 10 23.28 29.95 -25.33
C ARG BB 10 23.67 30.17 -23.88
N ILE BB 11 24.88 29.77 -23.50
CA ILE BB 11 25.38 30.07 -22.17
C ILE BB 11 25.44 31.57 -21.97
N LEU BB 12 26.14 32.27 -22.86
CA LEU BB 12 26.43 33.68 -22.64
C LEU BB 12 25.20 34.55 -22.70
N GLU BB 13 24.08 34.04 -23.19
CA GLU BB 13 22.87 34.85 -23.19
C GLU BB 13 22.03 34.63 -21.94
N ALA BB 14 22.01 33.41 -21.41
CA ALA BB 14 21.13 33.08 -20.31
C ALA BB 14 21.74 33.39 -18.95
N GLN BB 15 22.99 33.83 -18.93
CA GLN BB 15 23.66 34.12 -17.68
C GLN BB 15 22.94 35.22 -16.92
N GLN CB 1 32.89 41.26 -14.34
CA GLN CB 1 31.69 41.81 -13.71
C GLN CB 1 30.51 41.74 -14.66
N ALA CB 2 30.82 41.61 -15.95
CA ALA CB 2 29.77 41.53 -16.95
C ALA CB 2 28.74 40.45 -16.63
N GLU CB 3 29.13 39.43 -15.88
CA GLU CB 3 28.17 38.43 -15.45
C GLU CB 3 27.02 39.06 -14.67
N ILE CB 4 27.33 39.99 -13.77
CA ILE CB 4 26.30 40.61 -12.97
C ILE CB 4 25.28 41.31 -13.87
N LEU CB 5 25.77 42.09 -14.83
CA LEU CB 5 24.86 42.82 -15.69
C LEU CB 5 24.07 41.89 -16.60
N ARG CB 6 24.71 40.85 -17.13
CA ARG CB 6 23.98 39.88 -17.92
C ARG CB 6 22.84 39.29 -17.12
N ALA CB 7 23.14 38.79 -15.91
CA ALA CB 7 22.06 38.28 -15.06
C ALA CB 7 20.98 39.33 -14.86
N TYR CB 8 21.36 40.55 -14.51
CA TYR CB 8 20.41 41.64 -14.34
C TYR CB 8 19.48 41.78 -15.54
N ALA CB 9 20.01 41.59 -16.74
CA ALA CB 9 19.19 41.67 -17.93
C ALA CB 9 18.08 40.62 -17.94
N ARG CB 10 18.39 39.41 -17.50
CA ARG CB 10 17.36 38.37 -17.49
C ARG CB 10 16.21 38.77 -16.59
N ILE CB 11 16.50 39.33 -15.42
CA ILE CB 11 15.44 39.86 -14.58
C ILE CB 11 14.68 40.95 -15.31
N LEU CB 12 15.40 41.96 -15.80
CA LEU CB 12 14.75 43.15 -16.34
C LEU CB 12 13.96 42.85 -17.61
N GLU CB 13 14.20 41.71 -18.25
CA GLU CB 13 13.39 41.40 -19.43
C GLU CB 13 12.14 40.62 -19.08
N ALA CB 14 12.22 39.74 -18.08
CA ALA CB 14 11.11 38.84 -17.78
C ALA CB 14 10.07 39.48 -16.88
N GLN CB 15 10.33 40.68 -16.39
CA GLN CB 15 9.40 41.33 -15.49
C GLN CB 15 8.06 41.58 -16.16
N GLN DB 1 -35.07 -42.07 17.48
CA GLN DB 1 -34.14 -43.12 17.12
C GLN DB 1 -32.78 -42.90 17.77
N ALA DB 2 -32.55 -41.66 18.21
CA ALA DB 2 -31.30 -41.32 18.86
C ALA DB 2 -30.99 -42.25 20.03
N GLU DB 3 -32.01 -42.85 20.63
CA GLU DB 3 -31.78 -43.83 21.68
C GLU DB 3 -30.91 -44.97 21.18
N ILE DB 4 -31.18 -45.47 19.97
CA ILE DB 4 -30.42 -46.58 19.44
C ILE DB 4 -28.95 -46.21 19.34
N LEU DB 5 -28.65 -45.04 18.78
CA LEU DB 5 -27.26 -44.66 18.61
C LEU DB 5 -26.59 -44.39 19.95
N ARG DB 6 -27.30 -43.74 20.88
CA ARG DB 6 -26.73 -43.55 22.21
C ARG DB 6 -26.34 -44.89 22.81
N ALA DB 7 -27.26 -45.85 22.84
CA ALA DB 7 -26.92 -47.17 23.33
C ALA DB 7 -25.71 -47.74 22.61
N TYR DB 8 -25.71 -47.68 21.28
CA TYR DB 8 -24.59 -48.16 20.50
C TYR DB 8 -23.27 -47.56 20.98
N ALA DB 9 -23.28 -46.28 21.37
CA ALA DB 9 -22.07 -45.65 21.84
C ALA DB 9 -21.55 -46.30 23.12
N ARG DB 10 -22.45 -46.67 24.02
CA ARG DB 10 -22.01 -47.31 25.25
C ARG DB 10 -21.30 -48.63 24.97
N ILE DB 11 -21.80 -49.38 24.00
CA ILE DB 11 -21.08 -50.57 23.56
C ILE DB 11 -19.72 -50.19 23.00
N LEU DB 12 -19.72 -49.30 22.02
CA LEU DB 12 -18.50 -49.01 21.27
C LEU DB 12 -17.43 -48.34 22.10
N GLU DB 13 -17.79 -47.83 23.28
CA GLU DB 13 -16.76 -47.23 24.12
C GLU DB 13 -16.15 -48.24 25.08
N ALA DB 14 -16.94 -49.20 25.55
CA ALA DB 14 -16.49 -50.12 26.59
C ALA DB 14 -15.79 -51.34 26.02
N GLN DB 15 -15.76 -51.48 24.70
CA GLN DB 15 -15.14 -52.63 24.08
C GLN DB 15 -13.66 -52.70 24.43
N GLN EB 1 -10.74 -55.22 13.45
CA GLN EB 1 -9.44 -55.24 14.10
C GLN EB 1 -9.32 -54.09 15.10
N ALA EB 2 -10.09 -53.03 14.84
CA ALA EB 2 -10.12 -51.91 15.77
C ALA EB 2 -10.57 -52.34 17.15
N GLU EB 3 -11.27 -53.46 17.26
CA GLU EB 3 -11.69 -53.96 18.56
C GLU EB 3 -10.49 -54.16 19.48
N ILE EB 4 -9.39 -54.67 18.95
CA ILE EB 4 -8.21 -54.89 19.77
C ILE EB 4 -7.75 -53.59 20.38
N LEU EB 5 -7.65 -52.55 19.57
CA LEU EB 5 -7.17 -51.27 20.08
C LEU EB 5 -8.16 -50.65 21.06
N ARG EB 6 -9.45 -50.74 20.76
CA ARG EB 6 -10.45 -50.26 21.71
C ARG EB 6 -10.26 -50.91 23.07
N ALA EB 7 -10.22 -52.25 23.09
CA ALA EB 7 -9.97 -52.94 24.35
C ALA EB 7 -8.69 -52.46 25.00
N TYR EB 8 -7.61 -52.34 24.23
CA TYR EB 8 -6.35 -51.86 24.78
C TYR EB 8 -6.52 -50.52 25.47
N ALA EB 9 -7.39 -49.67 24.93
CA ALA EB 9 -7.60 -48.36 25.54
C ALA EB 9 -8.19 -48.50 26.93
N ARG EB 10 -9.11 -49.45 27.12
CA ARG EB 10 -9.70 -49.62 28.43
C ARG EB 10 -8.66 -50.02 29.46
N ILE EB 11 -7.72 -50.90 29.07
CA ILE EB 11 -6.61 -51.21 29.95
C ILE EB 11 -5.81 -49.95 30.25
N LEU EB 12 -5.39 -49.24 29.21
CA LEU EB 12 -4.47 -48.13 29.38
C LEU EB 12 -5.07 -46.98 30.16
N GLU EB 13 -6.40 -46.86 30.19
CA GLU EB 13 -6.98 -45.75 30.91
C GLU EB 13 -7.10 -46.05 32.41
N ALA EB 14 -7.37 -47.30 32.75
CA ALA EB 14 -7.65 -47.66 34.14
C ALA EB 14 -6.40 -47.99 34.93
N GLN EB 15 -5.25 -48.01 34.29
CA GLN EB 15 -4.02 -48.35 34.97
C GLN EB 15 -3.71 -47.35 36.07
N GLN FB 1 7.58 -46.70 33.27
CA GLN FB 1 7.50 -45.82 34.43
C GLN FB 1 6.25 -44.97 34.37
N ALA FB 2 5.74 -44.76 33.15
CA ALA FB 2 4.49 -44.04 32.99
C ALA FB 2 3.35 -44.71 33.72
N GLU FB 3 3.47 -46.00 34.01
CA GLU FB 3 2.44 -46.69 34.78
C GLU FB 3 2.18 -46.01 36.11
N ILE FB 4 3.24 -45.56 36.78
CA ILE FB 4 3.06 -44.91 38.06
C ILE FB 4 2.20 -43.66 37.92
N LEU FB 5 2.48 -42.85 36.91
CA LEU FB 5 1.71 -41.63 36.73
C LEU FB 5 0.29 -41.93 36.32
N ARG FB 6 0.09 -42.92 35.44
CA ARG FB 6 -1.27 -43.31 35.09
C ARG FB 6 -2.05 -43.69 36.33
N ALA FB 7 -1.50 -44.57 37.16
CA ALA FB 7 -2.18 -44.92 38.40
C ALA FB 7 -2.47 -43.68 39.24
N TYR FB 8 -1.46 -42.83 39.45
CA TYR FB 8 -1.65 -41.58 40.17
C TYR FB 8 -2.82 -40.78 39.65
N ALA FB 9 -3.05 -40.83 38.34
CA ALA FB 9 -4.15 -40.08 37.76
C ALA FB 9 -5.48 -40.59 38.27
N ARG FB 10 -5.63 -41.90 38.41
CA ARG FB 10 -6.89 -42.44 38.91
C ARG FB 10 -7.19 -41.92 40.30
N ILE FB 11 -6.20 -41.95 41.20
CA ILE FB 11 -6.38 -41.37 42.52
C ILE FB 11 -6.79 -39.92 42.41
N LEU FB 12 -5.95 -39.10 41.76
CA LEU FB 12 -6.21 -37.67 41.69
C LEU FB 12 -7.51 -37.35 40.99
N GLU FB 13 -8.09 -38.32 40.28
CA GLU FB 13 -9.40 -38.11 39.70
C GLU FB 13 -10.50 -38.44 40.70
N ALA FB 14 -10.52 -39.66 41.20
CA ALA FB 14 -11.63 -40.14 42.00
C ALA FB 14 -11.71 -39.46 43.35
N GLN FB 15 -10.74 -38.63 43.70
CA GLN FB 15 -10.75 -37.96 45.00
C GLN FB 15 -11.97 -37.08 45.13
N GLN GB 1 -5.78 -28.31 50.13
CA GLN GB 1 -7.13 -27.77 50.21
C GLN GB 1 -7.88 -28.07 48.92
N ALA GB 2 -7.14 -28.25 47.83
CA ALA GB 2 -7.77 -28.62 46.57
C ALA GB 2 -8.53 -29.93 46.68
N GLU GB 3 -8.20 -30.75 47.67
CA GLU GB 3 -8.93 -32.00 47.87
C GLU GB 3 -10.41 -31.74 48.06
N ILE GB 4 -10.77 -30.69 48.80
CA ILE GB 4 -12.17 -30.40 49.02
C ILE GB 4 -12.87 -30.16 47.69
N LEU GB 5 -12.29 -29.34 46.83
CA LEU GB 5 -12.93 -29.04 45.56
C LEU GB 5 -12.97 -30.26 44.65
N ARG GB 6 -11.89 -31.03 44.62
CA ARG GB 6 -11.91 -32.27 43.85
C ARG GB 6 -13.08 -33.14 44.27
N ALA GB 7 -13.20 -33.43 45.56
CA ALA GB 7 -14.33 -34.21 46.03
C ALA GB 7 -15.65 -33.58 45.62
N TYR GB 8 -15.79 -32.28 45.84
CA TYR GB 8 -16.99 -31.56 45.45
C TYR GB 8 -17.36 -31.82 44.00
N ALA GB 9 -16.36 -31.91 43.13
CA ALA GB 9 -16.62 -32.19 41.72
C ALA GB 9 -17.29 -33.53 41.52
N ARG GB 10 -16.88 -34.55 42.28
CA ARG GB 10 -17.50 -35.86 42.12
C ARG GB 10 -18.97 -35.80 42.46
N ILE GB 11 -19.34 -35.07 43.51
CA ILE GB 11 -20.75 -34.84 43.79
C ILE GB 11 -21.42 -34.15 42.63
N LEU GB 12 -20.88 -32.99 42.25
CA LEU GB 12 -21.55 -32.13 41.27
C LEU GB 12 -21.63 -32.74 39.89
N GLU GB 13 -20.88 -33.80 39.62
CA GLU GB 13 -21.00 -34.43 38.32
C GLU GB 13 -22.03 -35.56 38.33
N ALA GB 14 -22.13 -36.30 39.42
CA ALA GB 14 -22.97 -37.48 39.46
C ALA GB 14 -24.41 -37.16 39.82
N GLN GB 15 -24.72 -35.92 40.12
CA GLN GB 15 -26.06 -35.54 40.50
C GLN GB 15 -27.04 -35.81 39.37
N GLN HB 1 -32.49 -25.24 40.17
CA GLN HB 1 -33.12 -26.16 39.24
C GLN HB 1 -32.07 -26.94 38.46
N ALA HB 2 -30.85 -26.41 38.46
CA ALA HB 2 -29.75 -27.07 37.77
C ALA HB 2 -29.61 -28.53 38.17
N GLU HB 3 -30.04 -28.89 39.38
CA GLU HB 3 -30.02 -30.29 39.79
C GLU HB 3 -30.82 -31.15 38.84
N ILE HB 4 -31.99 -30.67 38.41
CA ILE HB 4 -32.83 -31.46 37.52
C ILE HB 4 -32.09 -31.75 36.22
N LEU HB 5 -31.48 -30.73 35.64
CA LEU HB 5 -30.79 -30.93 34.37
C LEU HB 5 -29.56 -31.79 34.54
N ARG HB 6 -28.81 -31.61 35.62
CA ARG HB 6 -27.67 -32.48 35.88
C ARG HB 6 -28.12 -33.93 35.92
N ALA HB 7 -29.13 -34.23 36.74
CA ALA HB 7 -29.65 -35.58 36.77
C ALA HB 7 -30.05 -36.07 35.39
N TYR HB 8 -30.79 -35.24 34.65
CA TYR HB 8 -31.19 -35.58 33.29
C TYR HB 8 -30.01 -35.98 32.44
N ALA HB 9 -28.88 -35.33 32.63
CA ALA HB 9 -27.68 -35.67 31.86
C ALA HB 9 -27.21 -37.08 32.15
N ARG HB 10 -27.29 -37.52 33.41
CA ARG HB 10 -26.86 -38.88 33.71
C ARG HB 10 -27.70 -39.90 32.97
N ILE HB 11 -29.01 -39.68 32.90
CA ILE HB 11 -29.85 -40.53 32.08
C ILE HB 11 -29.41 -40.47 30.64
N LEU HB 12 -29.35 -39.27 30.08
CA LEU HB 12 -29.14 -39.12 28.65
C LEU HB 12 -27.76 -39.59 28.21
N GLU HB 13 -26.83 -39.78 29.14
CA GLU HB 13 -25.53 -40.29 28.72
C GLU HB 13 -25.48 -41.81 28.78
N ALA HB 14 -26.14 -42.42 29.76
CA ALA HB 14 -26.02 -43.85 29.97
C ALA HB 14 -26.95 -44.66 29.08
N GLN HB 15 -27.82 -44.00 28.34
CA GLN HB 15 -28.77 -44.70 27.49
C GLN HB 15 -28.06 -45.54 26.46
N GLN IB 1 13.37 59.41 -16.41
CA GLN IB 1 12.06 59.07 -16.96
C GLN IB 1 12.21 58.25 -18.23
N ALA IB 2 13.42 58.31 -18.82
CA ALA IB 2 13.69 57.55 -20.03
C ALA IB 2 13.36 56.08 -19.88
N GLU IB 3 13.39 55.56 -18.65
CA GLU IB 3 12.99 54.18 -18.42
C GLU IB 3 11.56 53.94 -18.90
N ILE IB 4 10.66 54.88 -18.62
CA ILE IB 4 9.27 54.69 -19.01
C ILE IB 4 9.16 54.56 -20.52
N LEU IB 5 9.82 55.46 -21.25
CA LEU IB 5 9.72 55.41 -22.70
C LEU IB 5 10.39 54.19 -23.28
N ARG IB 6 11.55 53.80 -22.73
CA ARG IB 6 12.18 52.57 -23.17
C ARG IB 6 11.23 51.40 -23.03
N ALA IB 7 10.66 51.23 -21.84
CA ALA IB 7 9.69 50.16 -21.64
C ALA IB 7 8.56 50.26 -22.66
N TYR IB 8 7.99 51.45 -22.83
CA TYR IB 8 6.95 51.66 -23.81
C TYR IB 8 7.34 51.15 -25.18
N ALA IB 9 8.60 51.33 -25.56
CA ALA IB 9 9.05 50.86 -26.86
C ALA IB 9 8.96 49.35 -26.98
N ARG IB 10 9.29 48.63 -25.91
CA ARG IB 10 9.21 47.18 -25.98
C ARG IB 10 7.79 46.73 -26.23
N ILE IB 11 6.81 47.39 -25.62
CA ILE IB 11 5.42 47.10 -25.93
C ILE IB 11 5.14 47.42 -27.39
N LEU IB 12 5.44 48.64 -27.80
CA LEU IB 12 5.03 49.11 -29.11
C LEU IB 12 5.72 48.38 -30.25
N GLU IB 13 6.79 47.65 -29.97
CA GLU IB 13 7.43 46.90 -31.04
C GLU IB 13 6.86 45.50 -31.16
N ALA IB 14 6.47 44.89 -30.04
CA ALA IB 14 6.06 43.49 -30.04
C ALA IB 14 4.57 43.32 -30.34
N GLN IB 15 3.84 44.41 -30.46
CA GLN IB 15 2.41 44.33 -30.72
C GLN IB 15 2.14 43.63 -32.04
N GLN JB 1 -5.84 51.52 -35.12
CA GLN JB 1 -5.88 50.61 -36.26
C GLN JB 1 -4.48 50.19 -36.65
N ALA JB 2 -3.50 51.03 -36.31
CA ALA JB 2 -2.11 50.67 -36.57
C ALA JB 2 -1.71 49.39 -35.85
N GLU JB 3 -2.44 49.01 -34.80
CA GLU JB 3 -2.15 47.77 -34.11
C GLU JB 3 -2.19 46.58 -35.05
N ILE JB 4 -3.16 46.57 -35.97
CA ILE JB 4 -3.26 45.46 -36.90
C ILE JB 4 -1.99 45.33 -37.72
N LEU JB 5 -1.51 46.45 -38.25
CA LEU JB 5 -0.31 46.40 -39.07
C LEU JB 5 0.92 46.05 -38.24
N ARG JB 6 1.04 46.60 -37.04
CA ARG JB 6 2.14 46.20 -36.17
C ARG JB 6 2.16 44.70 -35.98
N ALA JB 7 1.03 44.12 -35.56
CA ALA JB 7 0.96 42.68 -35.42
C ALA JB 7 1.36 41.98 -36.70
N TYR JB 8 0.82 42.43 -37.84
CA TYR JB 8 1.16 41.83 -39.12
C TYR JB 8 2.66 41.81 -39.35
N ALA JB 9 3.36 42.85 -38.88
CA ALA JB 9 4.80 42.90 -39.06
C ALA JB 9 5.48 41.76 -38.30
N ARG JB 10 4.99 41.44 -37.11
CA ARG JB 10 5.61 40.36 -36.35
C ARG JB 10 5.48 39.04 -37.09
N ILE JB 11 4.34 38.79 -37.70
CA ILE JB 11 4.19 37.62 -38.55
C ILE JB 11 5.18 37.66 -39.68
N LEU JB 12 5.19 38.76 -40.42
CA LEU JB 12 5.98 38.82 -41.64
C LEU JB 12 7.47 38.76 -41.38
N GLU JB 13 7.92 39.11 -40.18
CA GLU JB 13 9.36 39.08 -39.93
C GLU JB 13 9.82 37.68 -39.56
N ALA JB 14 8.99 36.93 -38.84
CA ALA JB 14 9.41 35.64 -38.31
C ALA JB 14 9.18 34.51 -39.27
N GLN JB 15 8.56 34.76 -40.41
CA GLN JB 15 8.28 33.72 -41.38
C GLN JB 15 9.56 33.08 -41.88
N GLN KB 1 5.95 32.98 -52.96
CA GLN KB 1 7.26 32.34 -53.05
C GLN KB 1 8.26 33.05 -52.18
N ALA KB 2 8.00 34.33 -51.91
CA ALA KB 2 8.86 35.08 -51.01
C ALA KB 2 8.93 34.45 -49.63
N GLU KB 3 7.94 33.63 -49.27
CA GLU KB 3 7.96 32.94 -48.00
C GLU KB 3 9.22 32.12 -47.84
N ILE KB 4 9.65 31.44 -48.91
CA ILE KB 4 10.85 30.62 -48.82
C ILE KB 4 12.04 31.47 -48.45
N LEU KB 5 12.21 32.62 -49.11
CA LEU KB 5 13.35 33.46 -48.82
C LEU KB 5 13.26 34.07 -47.43
N ARG KB 6 12.07 34.49 -47.01
CA ARG KB 6 11.92 34.97 -45.64
C ARG KB 6 12.38 33.93 -44.64
N ALA KB 7 11.88 32.70 -44.78
CA ALA KB 7 12.33 31.64 -43.89
C ALA KB 7 13.84 31.48 -43.94
N TYR KB 8 14.39 31.38 -45.15
CA TYR KB 8 15.83 31.30 -45.32
C TYR KB 8 16.58 32.38 -44.55
N ALA KB 9 15.99 33.57 -44.47
CA ALA KB 9 16.63 34.66 -43.75
C ALA KB 9 16.78 34.34 -42.28
N ARG KB 10 15.76 33.71 -41.69
CA ARG KB 10 15.86 33.38 -40.27
C ARG KB 10 17.02 32.43 -40.01
N ILE KB 11 17.16 31.40 -40.83
CA ILE KB 11 18.30 30.51 -40.72
C ILE KB 11 19.60 31.30 -40.83
N LEU KB 12 19.77 31.99 -41.96
CA LEU KB 12 21.02 32.69 -42.22
C LEU KB 12 21.30 33.77 -41.18
N GLU KB 13 20.30 34.14 -40.39
CA GLU KB 13 20.54 35.07 -39.30
C GLU KB 13 21.00 34.33 -38.05
N ALA KB 14 20.20 33.40 -37.57
CA ALA KB 14 20.45 32.78 -36.27
C ALA KB 14 21.67 31.88 -36.29
N GLN KB 15 22.30 31.67 -37.43
CA GLN KB 15 23.47 30.82 -37.52
C GLN KB 15 24.58 31.36 -36.66
N GLN LB 1 32.77 28.97 -44.87
CA GLN LB 1 33.61 29.47 -43.78
C GLN LB 1 32.96 30.66 -43.12
N ALA LB 2 32.11 31.36 -43.87
CA ALA LB 2 31.37 32.47 -43.30
C ALA LB 2 30.50 32.04 -42.13
N GLU LB 3 30.17 30.75 -42.05
CA GLU LB 3 29.40 30.25 -40.92
C GLU LB 3 30.07 30.56 -39.60
N ILE LB 4 31.40 30.43 -39.54
CA ILE LB 4 32.10 30.70 -38.31
C ILE LB 4 31.87 32.14 -37.87
N LEU LB 5 32.03 33.09 -38.80
CA LEU LB 5 31.85 34.49 -38.43
C LEU LB 5 30.41 34.80 -38.09
N ARG LB 6 29.46 34.24 -38.83
CA ARG LB 6 28.06 34.42 -38.49
C ARG LB 6 27.80 33.99 -37.05
N ALA LB 7 28.20 32.77 -36.70
CA ALA LB 7 28.03 32.32 -35.33
C ALA LB 7 28.71 33.27 -34.36
N TYR LB 8 29.96 33.65 -34.64
CA TYR LB 8 30.69 34.58 -33.80
C TYR LB 8 29.89 35.84 -33.54
N ALA LB 9 29.14 36.31 -34.53
CA ALA LB 9 28.34 37.51 -34.33
C ALA LB 9 27.27 37.30 -33.28
N ARG LB 10 26.65 36.12 -33.24
CA ARG LB 10 25.63 35.88 -32.24
C ARG LB 10 26.21 35.99 -30.83
N ILE LB 11 27.41 35.46 -30.63
CA ILE LB 11 28.09 35.64 -29.35
C ILE LB 11 28.31 37.12 -29.09
N LEU LB 12 28.97 37.79 -30.04
CA LEU LB 12 29.42 39.16 -29.81
C LEU LB 12 28.28 40.14 -29.67
N GLU LB 13 27.06 39.75 -30.04
CA GLU LB 13 25.95 40.68 -29.86
C GLU LB 13 25.26 40.47 -28.53
N ALA LB 14 25.17 39.23 -28.05
CA ALA LB 14 24.40 38.93 -26.86
C ALA LB 14 25.20 39.11 -25.59
N GLN LB 15 26.47 39.43 -25.69
CA GLN LB 15 27.31 39.59 -24.52
C GLN LB 15 26.79 40.70 -23.64
N GLN MB 1 37.53 45.66 -22.04
CA GLN MB 1 36.48 46.28 -21.25
C GLN MB 1 35.19 46.37 -22.05
N ALA MB 2 35.32 46.28 -23.36
CA ALA MB 2 34.16 46.35 -24.24
C ALA MB 2 33.08 45.36 -23.84
N GLU MB 3 33.45 44.26 -23.18
CA GLU MB 3 32.45 43.34 -22.68
C GLU MB 3 31.47 44.02 -21.74
N ILE MB 4 31.98 44.88 -20.85
CA ILE MB 4 31.10 45.55 -19.90
C ILE MB 4 30.07 46.39 -20.64
N LEU MB 5 30.51 47.17 -21.63
CA LEU MB 5 29.57 48.02 -22.34
C LEU MB 5 28.60 47.21 -23.18
N ARG MB 6 29.08 46.16 -23.82
CA ARG MB 6 28.16 45.29 -24.56
C ARG MB 6 27.07 44.77 -23.64
N ALA MB 7 27.46 44.19 -22.51
CA ALA MB 7 26.46 43.74 -21.56
C ALA MB 7 25.51 44.86 -21.18
N TYR MB 8 26.05 46.03 -20.84
CA TYR MB 8 25.23 47.18 -20.50
C TYR MB 8 24.19 47.47 -21.57
N ALA MB 9 24.54 47.29 -22.83
CA ALA MB 9 23.61 47.52 -23.91
C ALA MB 9 22.41 46.58 -23.83
N ARG MB 10 22.64 45.32 -23.48
CA ARG MB 10 21.52 44.39 -23.38
C ARG MB 10 20.53 44.84 -22.33
N ILE MB 11 21.02 45.31 -21.19
CA ILE MB 11 20.12 45.89 -20.20
C ILE MB 11 19.39 47.08 -20.79
N LEU MB 12 20.14 48.04 -21.32
CA LEU MB 12 19.55 49.31 -21.73
C LEU MB 12 18.59 49.16 -22.90
N GLU MB 13 18.64 48.04 -23.61
CA GLU MB 13 17.68 47.87 -24.69
C GLU MB 13 16.40 47.18 -24.22
N ALA MB 14 16.50 46.24 -23.29
CA ALA MB 14 15.36 45.45 -22.90
C ALA MB 14 14.50 46.13 -21.85
N GLN MB 15 14.93 47.27 -21.34
CA GLN MB 15 14.19 47.96 -20.31
C GLN MB 15 12.81 48.36 -20.79
N GLN NB 1 -35.59 -51.53 20.85
CA GLN NB 1 -34.53 -52.50 20.66
C GLN NB 1 -33.30 -52.12 21.45
N ALA NB 2 -33.24 -50.84 21.83
CA ALA NB 2 -32.11 -50.35 22.62
C ALA NB 2 -31.85 -51.19 23.86
N GLU NB 3 -32.89 -51.87 24.37
CA GLU NB 3 -32.69 -52.78 25.49
C GLU NB 3 -31.66 -53.85 25.15
N ILE NB 4 -31.74 -54.41 23.95
CA ILE NB 4 -30.81 -55.47 23.58
C ILE NB 4 -29.37 -54.96 23.63
N LEU NB 5 -29.14 -53.79 23.04
CA LEU NB 5 -27.78 -53.27 23.03
C LEU NB 5 -27.30 -52.88 24.41
N ARG NB 6 -28.17 -52.28 25.22
CA ARG NB 6 -27.79 -51.98 26.59
C ARG NB 6 -27.36 -53.24 27.31
N ALA NB 7 -28.18 -54.29 27.27
CA ALA NB 7 -27.78 -55.55 27.88
C ALA NB 7 -26.44 -56.02 27.34
N TYR NB 8 -26.29 -56.02 26.01
CA TYR NB 8 -25.02 -56.41 25.40
C TYR NB 8 -23.85 -55.67 25.99
N ALA NB 9 -24.03 -54.39 26.31
CA ALA NB 9 -22.95 -53.61 26.90
C ALA NB 9 -22.54 -54.16 28.24
N ARG NB 10 -23.49 -54.58 29.06
CA ARG NB 10 -23.15 -55.11 30.37
C ARG NB 10 -22.29 -56.36 30.24
N ILE NB 11 -22.58 -57.21 29.26
CA ILE NB 11 -21.71 -58.34 28.97
C ILE NB 11 -20.34 -57.84 28.55
N LEU NB 12 -20.29 -56.99 27.54
CA LEU NB 12 -19.04 -56.62 26.92
C LEU NB 12 -18.15 -55.82 27.84
N GLU NB 13 -18.68 -55.28 28.93
CA GLU NB 13 -17.83 -54.55 29.85
C GLU NB 13 -17.26 -55.46 30.93
N ALA NB 14 -18.00 -56.47 31.35
CA ALA NB 14 -17.59 -57.30 32.48
C ALA NB 14 -16.72 -58.46 32.07
N GLN NB 15 -16.51 -58.66 30.77
CA GLN NB 15 -15.71 -59.77 30.30
C GLN NB 15 -14.29 -59.67 30.82
N GLN OB 1 -9.82 -62.34 20.41
CA GLN OB 1 -8.62 -62.20 21.21
C GLN OB 1 -8.73 -61.00 22.15
N ALA OB 2 -9.55 -60.04 21.74
CA ALA OB 2 -9.80 -58.89 22.61
C ALA OB 2 -10.37 -59.29 23.95
N GLU OB 3 -10.98 -60.48 24.04
CA GLU OB 3 -11.49 -60.97 25.30
C GLU OB 3 -10.42 -61.01 26.37
N ILE OB 4 -9.21 -61.43 26.00
CA ILE OB 4 -8.13 -61.49 26.96
C ILE OB 4 -7.87 -60.13 27.56
N LEU OB 5 -7.77 -59.11 26.70
CA LEU OB 5 -7.48 -57.78 27.20
C LEU OB 5 -8.63 -57.22 28.02
N ARG OB 6 -9.87 -57.45 27.56
CA ARG OB 6 -11.01 -57.02 28.37
C ARG OB 6 -10.92 -57.61 29.77
N ALA OB 7 -10.76 -58.93 29.88
CA ALA OB 7 -10.61 -59.54 31.19
C ALA OB 7 -9.47 -58.90 31.96
N TYR OB 8 -8.32 -58.72 31.33
CA TYR OB 8 -7.19 -58.09 31.97
C TYR OB 8 -7.56 -56.75 32.58
N ALA OB 9 -8.43 -56.01 31.89
CA ALA OB 9 -8.85 -54.71 32.40
C ALA OB 9 -9.59 -54.84 33.72
N ARG OB 10 -10.43 -55.87 33.85
CA ARG OB 10 -11.15 -56.05 35.10
C ARG OB 10 -10.21 -56.29 36.25
N ILE OB 11 -9.16 -57.08 36.02
CA ILE OB 11 -8.14 -57.25 37.04
C ILE OB 11 -7.50 -55.91 37.38
N LEU OB 12 -7.03 -55.21 36.35
CA LEU OB 12 -6.24 -54.00 36.57
C LEU OB 12 -7.04 -52.89 37.21
N GLU OB 13 -8.36 -52.90 37.07
CA GLU OB 13 -9.13 -51.82 37.67
C GLU OB 13 -9.40 -52.08 39.15
N ALA OB 14 -9.60 -53.33 39.53
CA ALA OB 14 -10.01 -53.66 40.88
C ALA OB 14 -8.85 -53.81 41.83
N GLN OB 15 -7.63 -53.76 41.33
CA GLN OB 15 -6.46 -53.95 42.17
C GLN OB 15 -6.39 -52.88 43.25
N GLN PB 1 5.05 -51.22 41.76
CA GLN PB 1 4.75 -50.31 42.85
C GLN PB 1 3.43 -49.59 42.60
N ALA PB 2 3.06 -49.47 41.33
CA ALA PB 2 1.78 -48.88 40.98
C ALA PB 2 0.62 -49.64 41.61
N GLU PB 3 0.83 -50.90 41.99
CA GLU PB 3 -0.21 -51.66 42.66
C GLU PB 3 -0.69 -50.95 43.91
N ILE PB 4 0.22 -50.37 44.68
CA ILE PB 4 -0.17 -49.69 45.89
C ILE PB 4 -1.12 -48.55 45.58
N LEU PB 5 -0.79 -47.75 44.58
CA LEU PB 5 -1.65 -46.61 44.24
C LEU PB 5 -2.99 -47.08 43.67
N ARG PB 6 -2.97 -48.11 42.84
CA ARG PB 6 -4.23 -48.65 42.36
C ARG PB 6 -5.13 -49.06 43.50
N ALA PB 7 -4.60 -49.83 44.45
CA ALA PB 7 -5.39 -50.20 45.62
C ALA PB 7 -5.90 -48.96 46.34
N TYR PB 8 -5.01 -48.02 46.62
CA TYR PB 8 -5.40 -46.77 47.26
C TYR PB 8 -6.56 -46.12 46.55
N ALA PB 9 -6.63 -46.22 45.24
CA ALA PB 9 -7.72 -45.62 44.49
C ALA PB 9 -9.05 -46.24 44.87
N ARG PB 10 -9.08 -47.55 45.06
CA ARG PB 10 -10.34 -48.19 45.43
C ARG PB 10 -10.85 -47.65 46.75
N ILE PB 11 -9.98 -47.54 47.75
CA ILE PB 11 -10.38 -46.93 49.01
C ILE PB 11 -10.91 -45.54 48.77
N LEU PB 12 -10.07 -44.67 48.19
CA LEU PB 12 -10.46 -43.27 48.02
C LEU PB 12 -11.68 -43.11 47.15
N GLU PB 13 -12.09 -44.15 46.44
CA GLU PB 13 -13.33 -44.12 45.69
C GLU PB 13 -14.51 -44.51 46.56
N ALA PB 14 -14.47 -45.71 47.13
CA ALA PB 14 -15.62 -46.26 47.83
C ALA PB 14 -15.93 -45.53 49.12
N GLN PB 15 -15.09 -44.60 49.53
CA GLN PB 15 -15.32 -43.88 50.76
C GLN PB 15 -16.63 -43.11 50.72
N GLN QB 1 -11.95 -33.58 55.94
CA GLN QB 1 -13.35 -33.17 55.82
C GLN QB 1 -13.91 -33.60 54.48
N ALA QB 2 -13.02 -33.74 53.50
CA ALA QB 2 -13.45 -34.23 52.20
C ALA QB 2 -14.09 -35.60 52.28
N GLU QB 3 -13.81 -36.35 53.34
CA GLU QB 3 -14.44 -37.65 53.53
C GLU QB 3 -15.95 -37.54 53.52
N ILE QB 4 -16.49 -36.50 54.15
CA ILE QB 4 -17.94 -36.34 54.19
C ILE QB 4 -18.49 -36.22 52.78
N LEU QB 5 -17.88 -35.38 51.95
CA LEU QB 5 -18.39 -35.21 50.60
C LEU QB 5 -18.20 -36.45 49.76
N ARG QB 6 -17.06 -37.13 49.90
CA ARG QB 6 -16.87 -38.38 49.20
C ARG QB 6 -17.99 -39.35 49.53
N ALA QB 7 -18.24 -39.59 50.81
CA ALA QB 7 -19.34 -40.46 51.18
C ALA QB 7 -20.65 -39.99 50.58
N TYR QB 8 -20.95 -38.69 50.72
CA TYR QB 8 -22.15 -38.12 50.14
C TYR QB 8 -22.31 -38.47 48.68
N ALA QB 9 -21.21 -38.51 47.95
CA ALA QB 9 -21.28 -38.85 46.53
C ALA QB 9 -21.78 -40.27 46.32
N ARG QB 10 -21.36 -41.21 47.18
CA ARG QB 10 -21.83 -42.57 47.02
C ARG QB 10 -23.34 -42.65 47.18
N ILE QB 11 -23.90 -41.92 48.13
CA ILE QB 11 -25.35 -41.83 48.23
C ILE QB 11 -25.94 -41.25 46.96
N LEU QB 12 -25.46 -40.07 46.58
CA LEU QB 12 -26.08 -39.32 45.51
C LEU QB 12 -25.95 -39.99 44.16
N GLU QB 13 -25.07 -40.99 44.04
CA GLU QB 13 -24.97 -41.68 42.76
C GLU QB 13 -25.86 -42.90 42.70
N ALA QB 14 -26.04 -43.60 43.83
CA ALA QB 14 -26.76 -44.85 43.82
C ALA QB 14 -28.26 -44.67 43.99
N GLN QB 15 -28.71 -43.44 44.18
CA GLN QB 15 -30.13 -43.19 44.38
C GLN QB 15 -30.93 -43.61 43.16
N GLN RB 1 -37.41 -33.61 42.76
CA GLN RB 1 -37.83 -34.62 41.80
C GLN RB 1 -36.63 -35.32 41.20
N ALA RB 2 -35.46 -34.68 41.32
CA ALA RB 2 -34.24 -35.25 40.79
C ALA RB 2 -34.01 -36.68 41.29
N GLU RB 3 -34.55 -37.01 42.45
CA GLU RB 3 -34.45 -38.38 42.94
C GLU RB 3 -35.05 -39.37 41.94
N ILE RB 4 -36.19 -39.04 41.36
CA ILE RB 4 -36.84 -39.94 40.42
C ILE RB 4 -35.92 -40.20 39.24
N LEU RB 5 -35.34 -39.14 38.67
CA LEU RB 5 -34.48 -39.33 37.51
C LEU RB 5 -33.20 -40.06 37.87
N ARG RB 6 -32.61 -39.75 39.01
CA ARG RB 6 -31.44 -40.50 39.44
C ARG RB 6 -31.75 -41.99 39.52
N ALA RB 7 -32.82 -42.35 40.22
CA ALA RB 7 -33.22 -43.75 40.26
C ALA RB 7 -33.39 -44.32 38.87
N TYR RB 8 -34.12 -43.61 38.01
CA TYR RB 8 -34.31 -44.04 36.63
C TYR RB 8 -33.00 -44.37 35.95
N ALA RB 9 -31.96 -43.58 36.23
CA ALA RB 9 -30.66 -43.84 35.64
C ALA RB 9 -30.10 -45.18 36.04
N ARG RB 10 -30.28 -45.58 37.31
CA ARG RB 10 -29.77 -46.87 37.73
C ARG RB 10 -30.42 -48.00 36.95
N ILE RB 11 -31.72 -47.92 36.72
CA ILE RB 11 -32.38 -48.89 35.86
C ILE RB 11 -31.77 -48.85 34.47
N LEU RB 12 -31.75 -47.66 33.86
CA LEU RB 12 -31.38 -47.54 32.47
C LEU RB 12 -29.92 -47.89 32.21
N GLU RB 13 -29.10 -47.95 33.24
CA GLU RB 13 -27.72 -48.34 33.02
C GLU RB 13 -27.52 -49.85 33.17
N ALA RB 14 -28.24 -50.48 34.08
CA ALA RB 14 -28.01 -51.88 34.38
C ALA RB 14 -28.75 -52.81 33.45
N GLN RB 15 -29.58 -52.28 32.57
CA GLN RB 15 -30.34 -53.10 31.66
C GLN RB 15 -29.43 -53.91 30.75
N GLN SB 1 19.76 65.65 -20.91
CA GLN SB 1 18.37 65.45 -21.31
C GLN SB 1 18.29 64.69 -22.62
N ALA SB 2 19.41 64.68 -23.35
CA ALA SB 2 19.46 63.96 -24.62
C ALA SB 2 19.01 62.52 -24.49
N GLU SB 3 19.14 61.93 -23.29
CA GLU SB 3 18.63 60.59 -23.07
C GLU SB 3 17.15 60.51 -23.38
N ILE SB 4 16.37 61.50 -22.94
CA ILE SB 4 14.93 61.47 -23.17
C ILE SB 4 14.64 61.43 -24.66
N LEU SB 5 15.29 62.30 -25.43
CA LEU SB 5 15.01 62.34 -26.86
C LEU SB 5 15.48 61.08 -27.56
N ARG SB 6 16.65 60.57 -27.18
CA ARG SB 6 17.11 59.31 -27.75
C ARG SB 6 16.07 58.22 -27.53
N ALA SB 7 15.63 58.04 -26.28
CA ALA SB 7 14.58 57.07 -26.02
C ALA SB 7 13.36 57.32 -26.88
N TYR SB 8 12.90 58.56 -26.93
CA TYR SB 8 11.77 58.93 -27.76
C TYR SB 8 11.95 58.46 -29.20
N ALA SB 9 13.16 58.54 -29.72
CA ALA SB 9 13.40 58.10 -31.09
C ALA SB 9 13.15 56.62 -31.25
N ARG SB 10 13.54 55.81 -30.27
CA ARG SB 10 13.31 54.37 -30.38
C ARG SB 10 11.82 54.06 -30.47
N ILE SB 11 11.00 54.78 -29.71
CA ILE SB 11 9.55 54.65 -29.87
C ILE SB 11 9.13 55.06 -31.27
N LEU SB 12 9.50 56.27 -31.66
CA LEU SB 12 8.98 56.85 -32.89
C LEU SB 12 9.46 56.12 -34.13
N GLU SB 13 10.48 55.28 -34.01
CA GLU SB 13 10.91 54.53 -35.18
C GLU SB 13 10.19 53.19 -35.29
N ALA SB 14 9.88 52.56 -34.16
CA ALA SB 14 9.33 51.22 -34.16
C ALA SB 14 7.83 51.20 -34.29
N GLN SB 15 7.18 52.35 -34.27
CA GLN SB 15 5.73 52.42 -34.35
C GLN SB 15 5.24 51.81 -35.65
N GLN TB 1 -2.23 60.56 -37.39
CA GLN TB 1 -2.50 59.72 -38.55
C GLN TB 1 -1.20 59.19 -39.13
N ALA TB 2 -0.12 59.91 -38.89
CA ALA TB 2 1.19 59.45 -39.32
C ALA TB 2 1.54 58.10 -38.72
N GLU TB 3 0.91 57.75 -37.61
CA GLU TB 3 1.15 56.45 -36.99
C GLU TB 3 0.89 55.31 -37.97
N ILE TB 4 -0.17 55.44 -38.76
CA ILE TB 4 -0.51 54.39 -39.72
C ILE TB 4 0.65 54.19 -40.70
N LEU TB 5 1.18 55.29 -41.24
CA LEU TB 5 2.25 55.16 -42.21
C LEU TB 5 3.53 54.65 -41.56
N ARG TB 6 3.84 55.13 -40.35
CA ARG TB 6 4.99 54.59 -39.64
C ARG TB 6 4.89 53.08 -39.52
N ALA TB 7 3.78 52.60 -38.99
CA ALA TB 7 3.57 51.16 -38.90
C ALA TB 7 3.75 50.49 -40.25
N TYR TB 8 3.12 51.05 -41.28
CA TYR TB 8 3.25 50.49 -42.62
C TYR TB 8 4.70 50.34 -43.03
N ALA TB 9 5.55 51.29 -42.61
CA ALA TB 9 6.96 51.21 -42.97
C ALA TB 9 7.61 49.99 -42.35
N ARG TB 10 7.24 49.65 -41.12
CA ARG TB 10 7.83 48.48 -40.48
C ARG TB 10 7.49 47.22 -41.26
N ILE TB 11 6.25 47.10 -41.73
CA ILE TB 11 5.89 46.00 -42.59
C ILE TB 11 6.74 46.00 -43.85
N LEU TB 12 6.77 47.14 -44.55
CA LEU TB 12 7.41 47.20 -45.85
C LEU TB 12 8.91 46.98 -45.78
N GLU TB 13 9.54 47.22 -44.64
CA GLU TB 13 10.98 47.04 -44.57
C GLU TB 13 11.35 45.59 -44.31
N ALA TB 14 10.53 44.88 -43.52
CA ALA TB 14 10.88 43.54 -43.10
C ALA TB 14 10.43 42.48 -44.08
N GLN TB 15 9.71 42.85 -45.12
CA GLN TB 15 9.21 41.89 -46.08
C GLN TB 15 10.35 41.16 -46.77
N GLN UB 1 5.45 41.98 -57.29
CA GLN UB 1 6.66 41.22 -57.58
C GLN UB 1 7.83 41.79 -56.81
N ALA UB 2 7.74 43.07 -56.46
CA ALA UB 2 8.76 43.69 -55.64
C ALA UB 2 8.94 42.98 -54.31
N GLU UB 3 7.92 42.25 -53.87
CA GLU UB 3 8.03 41.49 -52.63
C GLU UB 3 9.21 40.54 -52.66
N ILE UB 4 9.43 39.89 -53.80
CA ILE UB 4 10.55 38.96 -53.91
C ILE UB 4 11.87 39.68 -53.66
N LEU UB 5 12.04 40.84 -54.28
CA LEU UB 5 13.30 41.56 -54.10
C LEU UB 5 13.45 42.09 -52.68
N ARG UB 6 12.35 42.59 -52.10
CA ARG UB 6 12.41 43.02 -50.71
C ARG UB 6 12.88 41.88 -49.82
N ALA UB 7 12.26 40.71 -49.94
CA ALA UB 7 12.70 39.57 -49.16
C ALA UB 7 14.18 39.28 -49.41
N TYR UB 8 14.57 39.20 -50.68
CA TYR UB 8 15.97 38.99 -51.03
C TYR UB 8 16.88 39.95 -50.31
N ALA UB 9 16.44 41.19 -50.11
CA ALA UB 9 17.27 42.18 -49.43
C ALA UB 9 17.56 41.76 -48.01
N ARG UB 10 16.56 41.20 -47.31
CA ARG UB 10 16.79 40.78 -45.94
C ARG UB 10 17.88 39.73 -45.86
N ILE UB 11 17.82 38.73 -46.74
CA ILE UB 11 18.88 37.73 -46.80
C ILE UB 11 20.22 38.41 -47.05
N LEU UB 12 20.32 39.14 -48.16
CA LEU UB 12 21.60 39.74 -48.55
C LEU UB 12 22.10 40.73 -47.52
N GLU UB 13 21.24 41.14 -46.58
CA GLU UB 13 21.70 41.98 -45.49
C GLU UB 13 22.23 41.15 -44.34
N ALA UB 14 21.41 40.26 -43.80
CA ALA UB 14 21.75 39.56 -42.58
C ALA UB 14 22.87 38.55 -42.78
N GLN UB 15 23.32 38.34 -44.00
CA GLN UB 15 24.39 37.39 -44.26
C GLN UB 15 25.65 37.79 -43.53
N GLN VB 1 32.52 35.09 -52.78
CA GLN VB 1 33.52 35.45 -51.80
C GLN VB 1 33.07 36.66 -51.00
N ALA VB 2 32.22 37.48 -51.61
CA ALA VB 2 31.67 38.62 -50.91
C ALA VB 2 30.91 38.21 -49.66
N GLU VB 3 30.46 36.95 -49.60
CA GLU VB 3 29.79 36.46 -48.41
C GLU VB 3 30.64 36.64 -47.16
N ILE VB 4 31.94 36.38 -47.28
CA ILE VB 4 32.82 36.52 -46.13
C ILE VB 4 32.78 37.95 -45.61
N LEU VB 5 32.91 38.93 -46.50
CA LEU VB 5 32.92 40.32 -46.07
C LEU VB 5 31.57 40.75 -45.53
N ARG VB 6 30.49 40.31 -46.18
CA ARG VB 6 29.16 40.61 -45.64
C ARG VB 6 29.04 40.13 -44.21
N ALA VB 7 29.35 38.86 -43.97
CA ALA VB 7 29.32 38.35 -42.59
C ALA VB 7 30.20 39.18 -41.69
N TYR VB 8 31.43 39.45 -42.10
CA TYR VB 8 32.34 40.27 -41.32
C TYR VB 8 31.71 41.59 -40.91
N ALA VB 9 30.90 42.17 -41.78
CA ALA VB 9 30.23 43.43 -41.44
C ALA VB 9 29.30 43.26 -40.27
N ARG VB 10 28.57 42.15 -40.20
CA ARG VB 10 27.66 41.95 -39.10
C ARG VB 10 28.41 41.92 -37.77
N ILE VB 11 29.57 41.28 -37.74
CA ILE VB 11 30.41 41.34 -36.54
C ILE VB 11 30.80 42.77 -36.26
N LEU VB 12 31.41 43.42 -37.25
CA LEU VB 12 32.03 44.72 -37.02
C LEU VB 12 31.01 45.80 -36.71
N GLU VB 13 29.73 45.56 -36.94
CA GLU VB 13 28.74 46.57 -36.58
C GLU VB 13 28.19 46.35 -35.18
N ALA VB 14 28.03 45.10 -34.75
CA ALA VB 14 27.39 44.82 -33.48
C ALA VB 14 28.35 44.85 -32.32
N GLN VB 15 29.63 45.06 -32.57
CA GLN VB 15 30.62 45.07 -31.49
C GLN VB 15 30.33 46.19 -30.52
N GLN WB 1 41.60 50.04 -30.07
CA GLN WB 1 40.71 50.70 -29.13
C GLN WB 1 39.36 50.97 -29.75
N ALA WB 2 39.32 50.92 -31.08
CA ALA WB 2 38.08 51.15 -31.80
C ALA WB 2 36.96 50.25 -31.31
N GLU WB 3 37.30 49.08 -30.75
CA GLU WB 3 36.27 48.23 -30.16
C GLU WB 3 35.50 48.95 -29.08
N ILE WB 4 36.19 49.71 -28.23
CA ILE WB 4 35.50 50.41 -27.15
C ILE WB 4 34.48 51.38 -27.71
N LEU WB 5 34.87 52.16 -28.72
CA LEU WB 5 33.94 53.14 -29.27
C LEU WB 5 32.80 52.47 -30.01
N ARG WB 6 33.09 51.41 -30.76
CA ARG WB 6 32.01 50.67 -31.41
C ARG WB 6 30.99 50.20 -30.39
N ALA WB 7 31.45 49.53 -29.33
CA ALA WB 7 30.53 49.13 -28.29
C ALA WB 7 29.74 50.31 -27.75
N TYR WB 8 30.44 51.40 -27.43
CA TYR WB 8 29.79 52.60 -26.95
C TYR WB 8 28.66 53.04 -27.86
N ALA WB 9 28.84 52.90 -29.16
CA ALA WB 9 27.80 53.28 -30.11
C ALA WB 9 26.54 52.45 -29.93
N ARG WB 10 26.69 51.15 -29.65
CA ARG WB 10 25.51 50.32 -29.45
C ARG WB 10 24.70 50.81 -28.27
N ILE WB 11 25.35 51.17 -27.18
CA ILE WB 11 24.65 51.78 -26.06
C ILE WB 11 23.97 53.06 -26.51
N LEU WB 12 24.74 53.98 -27.09
CA LEU WB 12 24.23 55.31 -27.37
C LEU WB 12 23.13 55.31 -28.41
N GLU WB 13 22.98 54.24 -29.17
CA GLU WB 13 21.89 54.21 -30.13
C GLU WB 13 20.61 53.62 -29.54
N ALA WB 14 20.74 52.63 -28.66
CA ALA WB 14 19.58 51.92 -28.15
C ALA WB 14 18.93 52.63 -26.98
N GLN WB 15 19.52 53.69 -26.49
CA GLN WB 15 18.98 54.40 -25.34
C GLN WB 15 17.59 54.94 -25.64
N GLN XB 1 -35.61 -60.77 24.61
CA GLN XB 1 -34.45 -61.64 24.60
C GLN XB 1 -33.36 -61.10 25.51
N ALA XB 2 -33.47 -59.82 25.83
CA ALA XB 2 -32.50 -59.20 26.72
C ALA XB 2 -32.33 -59.96 28.02
N GLU XB 3 -33.34 -60.70 28.44
CA GLU XB 3 -33.21 -61.54 29.62
C GLU XB 3 -32.05 -62.52 29.47
N ILE XB 4 -31.93 -63.15 28.30
CA ILE XB 4 -30.87 -64.12 28.09
C ILE XB 4 -29.51 -63.47 28.29
N LEU XB 5 -29.31 -62.30 27.68
CA LEU XB 5 -28.00 -61.66 27.79
C LEU XB 5 -27.74 -61.17 29.20
N ARG XB 6 -28.75 -60.63 29.87
CA ARG XB 6 -28.59 -60.24 31.26
C ARG XB 6 -28.12 -61.41 32.09
N ALA XB 7 -28.84 -62.53 32.00
CA ALA XB 7 -28.40 -63.73 32.72
C ALA XB 7 -26.97 -64.09 32.37
N TYR XB 8 -26.65 -64.13 31.08
CA TYR XB 8 -25.30 -64.42 30.64
C TYR XB 8 -24.28 -63.54 31.33
N ALA XB 9 -24.61 -62.28 31.56
CA ALA XB 9 -23.67 -61.37 32.22
C ALA XB 9 -23.39 -61.82 33.64
N ARG XB 10 -24.40 -62.30 34.35
CA ARG XB 10 -24.17 -62.75 35.72
C ARG XB 10 -23.19 -63.91 35.76
N ILE XB 11 -23.29 -64.82 34.80
CA ILE XB 11 -22.28 -65.88 34.68
C ILE XB 11 -20.93 -65.27 34.40
N LEU XB 12 -20.83 -64.46 33.35
CA LEU XB 12 -19.54 -63.99 32.87
C LEU XB 12 -18.86 -63.06 33.85
N GLU XB 13 -19.57 -62.55 34.84
CA GLU XB 13 -18.91 -61.70 35.82
C GLU XB 13 -18.39 -62.50 37.00
N ALA XB 14 -19.09 -63.56 37.39
CA ALA XB 14 -18.75 -64.30 38.60
C ALA XB 14 -17.73 -65.39 38.35
N GLN XB 15 -17.35 -65.62 37.11
CA GLN XB 15 -16.40 -66.66 36.78
C GLN XB 15 -15.07 -66.41 37.46
N GLN YB 1 -9.11 -69.06 27.82
CA GLN YB 1 -8.04 -68.77 28.75
C GLN YB 1 -8.37 -67.56 29.59
N ALA YB 2 -9.23 -66.69 29.06
CA ALA YB 2 -9.68 -65.54 29.81
C ALA YB 2 -10.39 -65.95 31.11
N GLU YB 3 -10.88 -67.18 31.18
CA GLU YB 3 -11.51 -67.66 32.40
C GLU YB 3 -10.56 -67.55 33.59
N ILE YB 4 -9.29 -67.87 33.38
CA ILE YB 4 -8.33 -67.79 34.47
C ILE YB 4 -8.26 -66.38 35.02
N LEU YB 5 -8.16 -65.40 34.13
CA LEU YB 5 -8.06 -64.02 34.60
C LEU YB 5 -9.35 -63.54 35.24
N ARG YB 6 -10.49 -63.91 34.66
CA ARG YB 6 -11.76 -63.57 35.30
C ARG YB 6 -11.80 -64.08 36.73
N ALA YB 7 -11.53 -65.37 36.91
CA ALA YB 7 -11.48 -65.91 38.25
C ALA YB 7 -10.52 -65.14 39.14
N TYR YB 8 -9.32 -64.87 38.62
CA TYR YB 8 -8.33 -64.11 39.38
C TYR YB 8 -8.90 -62.78 39.86
N ALA YB 9 -9.75 -62.16 39.04
CA ALA YB 9 -10.33 -60.89 39.43
C ALA YB 9 -11.22 -61.05 40.65
N ARG YB 10 -11.97 -62.14 40.73
CA ARG YB 10 -12.82 -62.34 41.89
C ARG YB 10 -12.01 -62.43 43.17
N ILE YB 11 -10.87 -63.13 43.11
CA ILE YB 11 -9.97 -63.15 44.25
C ILE YB 11 -9.51 -61.75 44.58
N LEU YB 12 -8.98 -61.05 43.59
CA LEU YB 12 -8.33 -59.77 43.83
C LEU YB 12 -9.31 -58.71 44.32
N GLU YB 13 -10.59 -58.85 44.02
CA GLU YB 13 -11.53 -57.83 44.47
C GLU YB 13 -11.96 -58.05 45.91
N ALA YB 14 -12.09 -59.30 46.33
CA ALA YB 14 -12.63 -59.61 47.64
C ALA YB 14 -11.58 -59.62 48.73
N GLN YB 15 -10.32 -59.47 48.38
CA GLN YB 15 -9.25 -59.50 49.36
C GLN YB 15 -9.41 -58.39 50.38
N GLN ZB 1 1.92 -55.69 50.19
CA GLN ZB 1 1.40 -54.78 51.19
C GLN ZB 1 0.07 -54.20 50.74
N ALA ZB 2 -0.14 -54.17 49.43
CA ALA ZB 2 -1.42 -53.73 48.90
C ALA ZB 2 -2.57 -54.56 49.43
N GLU ZB 3 -2.30 -55.78 49.89
CA GLU ZB 3 -3.35 -56.61 50.47
C GLU ZB 3 -4.05 -55.90 51.62
N ILE ZB 4 -3.29 -55.20 52.46
CA ILE ZB 4 -3.88 -54.51 53.58
C ILE ZB 4 -4.89 -53.48 53.09
N LEU ZB 5 -4.51 -52.69 52.09
CA LEU ZB 5 -5.42 -51.67 51.60
C LEU ZB 5 -6.62 -52.27 50.91
N ARG ZB 6 -6.42 -53.34 50.14
CA ARG ZB 6 -7.55 -54.02 49.52
C ARG ZB 6 -8.55 -54.46 50.59
N ALA ZB 7 -8.06 -55.14 51.62
CA ALA ZB 7 -8.96 -55.53 52.71
C ALA ZB 7 -9.66 -54.32 53.30
N TYR ZB 8 -8.90 -53.28 53.64
CA TYR ZB 8 -9.48 -52.06 54.15
C TYR ZB 8 -10.61 -51.54 53.28
N ALA ZB 9 -10.49 -51.71 51.98
CA ALA ZB 9 -11.54 -51.24 51.07
C ALA ZB 9 -12.85 -51.97 51.32
N ARG ZB 10 -12.78 -53.27 51.58
CA ARG ZB 10 -14.01 -54.01 51.82
C ARG ZB 10 -14.74 -53.48 53.04
N ILE ZB 11 -14.00 -53.25 54.14
CA ILE ZB 11 -14.60 -52.62 55.31
C ILE ZB 11 -15.22 -51.29 54.94
N LEU ZB 12 -14.41 -50.38 54.40
CA LEU ZB 12 -14.89 -49.03 54.11
C LEU ZB 12 -16.01 -49.02 53.10
N GLU ZB 13 -16.23 -50.14 52.40
CA GLU ZB 13 -17.37 -50.24 51.51
C GLU ZB 13 -18.60 -50.71 52.26
N ALA ZB 14 -18.53 -51.87 52.88
CA ALA ZB 14 -19.70 -52.51 53.46
C ALA ZB 14 -20.23 -51.76 54.67
N GLN ZB 15 -19.54 -50.73 55.14
CA GLN ZB 15 -19.98 -49.98 56.30
C GLN ZB 15 -21.33 -49.36 56.05
N GLN AC 1 -18.23 -39.21 61.30
CA GLN AC 1 -19.62 -38.94 60.99
C GLN AC 1 -19.97 -39.48 59.61
N ALA AC 2 -18.97 -39.58 58.75
CA ALA AC 2 -19.18 -40.15 57.43
C ALA AC 2 -19.71 -41.58 57.51
N GLU AC 3 -19.49 -42.25 58.64
CA GLU AC 3 -20.01 -43.60 58.81
C GLU AC 3 -21.51 -43.63 58.61
N ILE AC 4 -22.23 -42.63 59.13
CA ILE AC 4 -23.67 -42.60 58.99
C ILE AC 4 -24.06 -42.60 57.52
N LEU AC 5 -23.43 -41.74 56.73
CA LEU AC 5 -23.78 -41.66 55.32
C LEU AC 5 -23.38 -42.93 54.57
N ARG AC 6 -22.21 -43.47 54.87
CA ARG AC 6 -21.81 -44.74 54.27
C ARG AC 6 -22.87 -45.80 54.50
N ALA AC 7 -23.26 -46.00 55.76
CA ALA AC 7 -24.32 -46.96 56.04
C ALA AC 7 -25.58 -46.64 55.28
N TYR AC 8 -26.01 -45.38 55.30
CA TYR AC 8 -27.18 -44.95 54.57
C TYR AC 8 -27.12 -45.37 53.11
N ALA AC 9 -25.93 -45.33 52.51
CA ALA AC 9 -25.79 -45.75 51.12
C ALA AC 9 -26.14 -47.21 50.93
N ARG AC 10 -25.76 -48.07 51.87
CA ARG AC 10 -26.08 -49.48 51.73
C ARG AC 10 -27.58 -49.69 51.71
N ILE AC 11 -28.32 -48.97 52.55
CA ILE AC 11 -29.77 -49.02 52.48
C ILE AC 11 -30.24 -48.55 51.12
N LEU AC 12 -29.83 -47.34 50.74
CA LEU AC 12 -30.38 -46.70 49.56
C LEU AC 12 -30.02 -47.42 48.27
N GLU AC 13 -29.04 -48.32 48.31
CA GLU AC 13 -28.73 -49.06 47.09
C GLU AC 13 -29.49 -50.36 46.99
N ALA AC 14 -29.74 -51.02 48.12
CA ALA AC 14 -30.34 -52.34 48.09
C ALA AC 14 -31.86 -52.29 48.07
N GLN AC 15 -32.45 -51.11 48.15
CA GLN AC 15 -33.89 -50.99 48.15
C GLN AC 15 -34.48 -51.54 46.88
N GLN BC 1 -41.75 -42.23 45.18
CA GLN BC 1 -41.95 -43.31 44.23
C GLN BC 1 -40.63 -43.91 43.81
N ALA BC 2 -39.55 -43.16 44.04
CA ALA BC 2 -38.22 -43.64 43.68
C ALA BC 2 -37.92 -45.01 44.29
N GLU BC 3 -38.58 -45.35 45.39
CA GLU BC 3 -38.42 -46.69 45.95
C GLU BC 3 -38.79 -47.76 44.94
N ILE BC 4 -39.88 -47.57 44.22
CA ILE BC 4 -40.31 -48.56 43.25
C ILE BC 4 -39.24 -48.78 42.20
N LEU BC 5 -38.69 -47.70 41.66
CA LEU BC 5 -37.69 -47.85 40.62
C LEU BC 5 -36.40 -48.44 41.16
N ARG BC 6 -35.99 -48.03 42.36
CA ARG BC 6 -34.81 -48.65 42.97
C ARG BC 6 -34.99 -50.15 43.08
N ALA BC 7 -36.11 -50.58 43.67
CA ALA BC 7 -36.38 -52.01 43.74
C ALA BC 7 -36.33 -52.65 42.36
N TYR BC 8 -37.00 -52.05 41.39
CA TYR BC 8 -36.98 -52.56 40.03
C TYR BC 8 -35.57 -52.77 39.51
N ALA BC 9 -34.65 -51.89 39.88
CA ALA BC 9 -33.27 -52.04 39.47
C ALA BC 9 -32.64 -53.31 40.00
N ARG BC 10 -32.95 -53.67 41.25
CA ARG BC 10 -32.37 -54.88 41.80
C ARG BC 10 -32.82 -56.10 41.01
N ILE BC 11 -34.08 -56.16 40.62
CA ILE BC 11 -34.54 -57.21 39.74
C ILE BC 11 -33.77 -57.18 38.43
N LEU BC 12 -33.78 -56.02 37.77
CA LEU BC 12 -33.25 -55.93 36.42
C LEU BC 12 -31.75 -56.14 36.36
N GLU BC 13 -31.06 -56.08 37.49
CA GLU BC 13 -29.63 -56.35 37.44
C GLU BC 13 -29.32 -57.81 37.70
N ALA BC 14 -30.09 -58.47 38.56
CA ALA BC 14 -29.77 -59.84 38.96
C ALA BC 14 -30.30 -60.87 37.98
N GLN BC 15 -31.05 -60.46 36.98
CA GLN BC 15 -31.63 -61.39 36.04
C GLN BC 15 -30.54 -62.15 35.29
N GLN CC 1 26.14 71.46 -25.92
CA GLN CC 1 24.71 71.42 -26.15
C GLN CC 1 24.40 70.74 -27.47
N ALA CC 2 25.41 70.66 -28.34
CA ALA CC 2 25.24 70.02 -29.63
C ALA CC 2 24.67 68.61 -29.50
N GLU CC 3 24.88 67.96 -28.36
CA GLU CC 3 24.27 66.66 -28.14
C GLU CC 3 22.76 66.72 -28.26
N ILE CC 4 22.15 67.76 -27.70
CA ILE CC 4 20.70 67.87 -27.75
C ILE CC 4 20.22 67.95 -29.18
N LEU CC 5 20.87 68.79 -29.99
CA LEU CC 5 20.42 68.93 -31.37
C LEU CC 5 20.69 67.68 -32.17
N ARG CC 6 21.83 67.04 -31.96
CA ARG CC 6 22.09 65.77 -32.64
C ARG CC 6 20.99 64.77 -32.34
N ALA CC 7 20.68 64.57 -31.06
CA ALA CC 7 19.58 63.68 -30.71
C ALA CC 7 18.30 64.10 -31.40
N TYR CC 8 17.95 65.38 -31.35
CA TYR CC 8 16.77 65.88 -32.01
C TYR CC 8 16.73 65.48 -33.48
N ALA CC 9 17.88 65.47 -34.14
CA ALA CC 9 17.91 65.09 -35.53
C ALA CC 9 17.50 63.64 -35.74
N ARG CC 10 17.91 62.75 -34.84
CA ARG CC 10 17.53 61.36 -34.99
C ARG CC 10 16.02 61.20 -34.91
N ILE CC 11 15.37 61.94 -34.02
CA ILE CC 11 13.92 61.95 -34.00
C ILE CC 11 13.38 62.48 -35.32
N LEU CC 12 13.82 63.67 -35.71
CA LEU CC 12 13.22 64.36 -36.84
C LEU CC 12 13.46 63.65 -38.16
N GLU CC 13 14.40 62.71 -38.21
CA GLU CC 13 14.61 61.99 -39.45
C GLU CC 13 13.76 60.73 -39.52
N ALA CC 14 13.52 60.07 -38.39
CA ALA CC 14 12.85 58.79 -38.38
C ALA CC 14 11.34 58.91 -38.32
N GLN CC 15 10.83 60.13 -38.17
CA GLN CC 15 9.40 60.33 -38.08
C GLN CC 15 8.69 59.85 -39.33
N GLN DC 1 1.96 69.33 -39.78
CA GLN DC 1 1.48 68.58 -40.93
C GLN DC 1 2.64 67.96 -41.68
N ALA DC 2 3.81 68.57 -41.55
CA ALA DC 2 5.01 68.01 -42.16
C ALA DC 2 5.30 66.60 -41.66
N GLU DC 3 4.78 66.25 -40.48
CA GLU DC 3 4.96 64.89 -39.97
C GLU DC 3 4.46 63.86 -40.95
N ILE DC 4 3.33 64.12 -41.60
CA ILE DC 4 2.79 63.16 -42.56
C ILE DC 4 3.79 62.91 -43.67
N LEU DC 5 4.35 63.97 -44.23
CA LEU DC 5 5.30 63.81 -45.33
C LEU DC 5 6.58 63.15 -44.86
N ARG DC 6 7.08 63.52 -43.68
CA ARG DC 6 8.25 62.84 -43.14
C ARG DC 6 8.02 61.35 -43.07
N ALA DC 7 6.93 60.94 -42.43
CA ALA DC 7 6.60 59.52 -42.37
C ALA DC 7 6.54 58.91 -43.76
N TYR DC 8 5.86 59.58 -44.69
CA TYR DC 8 5.77 59.09 -46.05
C TYR DC 8 7.14 58.83 -46.64
N ALA DC 9 8.11 59.66 -46.30
CA ALA DC 9 9.46 59.47 -46.81
C ALA DC 9 10.05 58.16 -46.34
N ARG DC 10 9.81 57.80 -45.09
CA ARG DC 10 10.35 56.54 -44.58
C ARG DC 10 9.80 55.36 -45.36
N ILE DC 11 8.50 55.39 -45.68
CA ILE DC 11 7.94 54.36 -46.54
C ILE DC 11 8.64 54.36 -47.88
N LEU DC 12 8.70 55.52 -48.53
CA LEU DC 12 9.18 55.58 -49.90
C LEU DC 12 10.65 55.23 -50.02
N GLU DC 13 11.42 55.36 -48.95
CA GLU DC 13 12.84 55.04 -49.07
C GLU DC 13 13.08 53.54 -48.92
N ALA DC 14 12.31 52.87 -48.07
CA ALA DC 14 12.56 51.48 -47.74
C ALA DC 14 11.90 50.52 -48.70
N GLN DC 15 11.10 51.02 -49.64
CA GLN DC 15 10.40 50.16 -50.57
C GLN DC 15 11.37 49.37 -51.42
N GLN EC 1 5.36 51.20 -61.22
CA GLN EC 1 6.46 50.35 -61.69
C GLN EC 1 7.76 50.76 -61.04
N ALA EC 2 7.84 52.02 -60.63
CA ALA EC 2 9.01 52.50 -59.92
C ALA EC 2 9.26 51.71 -58.66
N GLU EC 3 8.24 51.06 -58.12
CA GLU EC 3 8.41 50.22 -56.94
C GLU EC 3 9.49 49.17 -57.16
N ILE EC 4 9.51 48.56 -58.34
CA ILE EC 4 10.51 47.54 -58.61
C ILE EC 4 11.91 48.12 -58.49
N LEU EC 5 12.13 49.29 -59.09
CA LEU EC 5 13.47 49.87 -59.03
C LEU EC 5 13.82 50.32 -57.63
N ARG EC 6 12.86 50.88 -56.89
CA ARG EC 6 13.13 51.23 -55.51
C ARG EC 6 13.59 50.01 -54.72
N ALA EC 7 12.84 48.91 -54.81
CA ALA EC 7 13.25 47.69 -54.14
C ALA EC 7 14.65 47.27 -54.58
N TYR EC 8 14.89 47.23 -55.89
CA TYR EC 8 16.20 46.91 -56.42
C TYR EC 8 17.29 47.74 -55.78
N ALA EC 9 17.00 49.00 -55.48
CA ALA EC 9 18.00 49.87 -54.87
C ALA EC 9 18.41 49.35 -53.51
N ARG EC 10 17.45 48.86 -52.72
CA ARG EC 10 17.80 48.34 -51.41
C ARG EC 10 18.78 47.19 -51.51
N ILE EC 11 18.51 46.25 -52.40
CA ILE EC 11 19.46 45.16 -52.64
C ILE EC 11 20.81 45.72 -53.02
N LEU EC 12 20.86 46.50 -54.11
CA LEU EC 12 22.13 47.00 -54.62
C LEU EC 12 22.85 47.88 -53.62
N GLU EC 13 22.15 48.32 -52.57
CA GLU EC 13 22.82 49.06 -51.51
C GLU EC 13 23.40 48.12 -50.46
N ALA EC 14 22.56 47.29 -49.87
CA ALA EC 14 22.97 46.48 -48.73
C ALA EC 14 23.96 45.39 -49.11
N GLN EC 15 24.24 45.21 -50.38
CA GLN EC 15 25.17 44.19 -50.81
C GLN EC 15 26.54 44.41 -50.22
N GLN FC 1 31.97 41.58 -60.35
CA GLN FC 1 33.11 41.79 -59.49
C GLN FC 1 32.88 43.00 -58.59
N ALA FC 2 32.05 43.92 -59.06
CA ALA FC 2 31.69 45.07 -58.25
C ALA FC 2 31.05 44.66 -56.93
N GLU FC 3 30.50 43.46 -56.86
CA GLU FC 3 29.92 42.97 -55.62
C GLU FC 3 30.93 43.00 -54.49
N ILE FC 4 32.17 42.63 -54.77
CA ILE FC 4 33.19 42.63 -53.73
C ILE FC 4 33.36 44.03 -53.16
N LEU FC 5 33.47 45.03 -54.02
CA LEU FC 5 33.68 46.38 -53.52
C LEU FC 5 32.45 46.91 -52.82
N ARG FC 6 31.25 46.61 -53.34
CA ARG FC 6 30.04 47.00 -52.64
C ARG FC 6 30.04 46.46 -51.22
N ALA FC 7 30.26 45.15 -51.07
CA ALA FC 7 30.33 44.59 -49.72
C ALA FC 7 31.39 45.28 -48.89
N TYR FC 8 32.59 45.45 -49.45
CA TYR FC 8 33.65 46.14 -48.75
C TYR FC 8 33.21 47.48 -48.21
N ALA FC 9 32.37 48.19 -48.96
CA ALA FC 9 31.88 49.48 -48.49
C ALA FC 9 31.07 49.35 -47.22
N ARG FC 10 30.25 48.30 -47.10
CA ARG FC 10 29.46 48.12 -45.89
C ARG FC 10 30.35 47.96 -44.68
N ILE FC 11 31.44 47.21 -44.82
CA ILE FC 11 32.42 47.12 -43.74
C ILE FC 11 32.98 48.50 -43.44
N LEU FC 12 33.53 49.14 -44.47
CA LEU FC 12 34.29 50.37 -44.26
C LEU FC 12 33.43 51.52 -43.78
N GLU FC 13 32.11 51.40 -43.87
CA GLU FC 13 31.28 52.48 -43.35
C GLU FC 13 30.88 52.25 -41.89
N ALA FC 14 30.66 51.00 -41.51
CA ALA FC 14 30.14 50.70 -40.19
C ALA FC 14 31.23 50.59 -39.14
N GLN FC 15 32.49 50.69 -39.54
CA GLN FC 15 33.58 50.55 -38.60
C GLN FC 15 33.52 51.63 -37.54
N GLN GC 1 45.10 54.39 -38.32
CA GLN GC 1 44.40 55.08 -37.24
C GLN GC 1 43.01 55.50 -37.70
N ALA GC 2 42.82 55.54 -39.01
CA ALA GC 2 41.53 55.91 -39.56
C ALA GC 2 40.39 55.10 -38.97
N GLU GC 3 40.67 53.88 -38.51
CA GLU GC 3 39.65 53.09 -37.83
C GLU GC 3 39.08 53.83 -36.64
N ILE GC 4 39.93 54.47 -35.85
CA ILE GC 4 39.45 55.18 -34.67
C ILE GC 4 38.46 56.26 -35.06
N LEU GC 5 38.82 57.06 -36.07
CA LEU GC 5 37.93 58.15 -36.46
C LEU GC 5 36.65 57.63 -37.09
N ARG GC 6 36.75 56.59 -37.91
CA ARG GC 6 35.54 55.99 -38.45
C ARG GC 6 34.60 55.57 -37.34
N ALA GC 7 35.11 54.80 -36.38
CA ALA GC 7 34.28 54.42 -35.23
C ALA GC 7 33.69 55.64 -34.56
N TYR GC 8 34.52 56.65 -34.28
CA TYR GC 8 34.05 57.88 -33.67
C TYR GC 8 32.87 58.47 -34.42
N ALA GC 9 32.89 58.38 -35.74
CA ALA GC 9 31.78 58.90 -36.54
C ALA GC 9 30.48 58.18 -36.24
N ARG GC 10 30.53 56.87 -36.03
CA ARG GC 10 29.30 56.15 -35.74
C ARG GC 10 28.68 56.64 -34.43
N ILE GC 11 29.50 56.88 -33.42
CA ILE GC 11 28.99 57.49 -32.20
C ILE GC 11 28.40 58.85 -32.50
N LEU GC 12 29.19 59.73 -33.14
CA LEU GC 12 28.79 61.11 -33.30
C LEU GC 12 27.58 61.28 -34.20
N GLU GC 13 27.22 60.25 -34.97
CA GLU GC 13 26.03 60.38 -35.80
C GLU GC 13 24.79 59.89 -35.07
N ALA GC 14 24.91 58.84 -34.26
CA ALA GC 14 23.75 58.22 -33.65
C ALA GC 14 23.31 58.91 -32.37
N GLN GC 15 24.07 59.90 -31.91
CA GLN GC 15 23.73 60.58 -30.68
C GLN GC 15 22.39 61.27 -30.79
N GLN HC 1 -35.29 -69.88 28.85
CA GLN HC 1 -34.06 -70.64 29.02
C GLN HC 1 -33.16 -69.96 30.03
N ALA HC 2 -33.42 -68.67 30.28
CA ALA HC 2 -32.63 -67.92 31.23
C ALA HC 2 -32.55 -68.61 32.59
N GLU HC 3 -33.54 -69.43 32.92
CA GLU HC 3 -33.47 -70.21 34.15
C GLU HC 3 -32.23 -71.07 34.19
N ILE HC 4 -31.90 -71.73 33.08
CA ILE HC 4 -30.73 -72.60 33.05
C ILE HC 4 -29.47 -71.82 33.38
N LEU HC 5 -29.29 -70.66 32.73
CA LEU HC 5 -28.09 -69.89 32.97
C LEU HC 5 -28.05 -69.32 34.38
N ARG HC 6 -29.19 -68.85 34.87
CA ARG HC 6 -29.23 -68.39 36.25
C ARG HC 6 -28.77 -69.48 37.20
N ALA HC 7 -29.35 -70.67 37.09
CA ALA HC 7 -28.90 -71.78 37.92
C ALA HC 7 -27.41 -72.02 37.75
N TYR HC 8 -26.93 -72.07 36.52
CA TYR HC 8 -25.51 -72.24 36.26
C TYR HC 8 -24.67 -71.24 37.02
N ALA HC 9 -25.15 -70.01 37.14
CA ALA HC 9 -24.39 -69.00 37.86
C ALA HC 9 -24.24 -69.35 39.33
N ARG HC 10 -25.29 -69.90 39.94
CA ARG HC 10 -25.19 -70.27 41.35
C ARG HC 10 -24.11 -71.33 41.56
N ILE HC 11 -24.01 -72.28 40.64
CA ILE HC 11 -22.90 -73.23 40.71
C ILE HC 11 -21.59 -72.50 40.57
N LEU HC 12 -21.44 -71.74 39.48
CA LEU HC 12 -20.14 -71.17 39.14
C LEU HC 12 -19.67 -70.14 40.14
N GLU HC 13 -20.55 -69.66 41.01
CA GLU HC 13 -20.10 -68.71 42.01
C GLU HC 13 -19.65 -69.40 43.30
N ALA HC 14 -20.29 -70.51 43.66
CA ALA HC 14 -20.04 -71.15 44.92
C ALA HC 14 -18.91 -72.15 44.87
N GLN HC 15 -18.35 -72.39 43.68
CA GLN HC 15 -17.27 -73.35 43.54
C GLN HC 15 -16.07 -72.94 44.36
N GLN IC 1 -8.75 -75.38 35.65
CA GLN IC 1 -7.82 -74.95 36.69
C GLN IC 1 -8.38 -73.75 37.42
N ALA IC 2 -9.23 -72.99 36.74
CA ALA IC 2 -9.88 -71.86 37.39
C ALA IC 2 -10.70 -72.28 38.59
N GLU IC 3 -11.08 -73.55 38.67
CA GLU IC 3 -11.81 -74.04 39.83
C GLU IC 3 -11.03 -73.78 41.11
N ILE IC 4 -9.73 -74.00 41.08
CA ILE IC 4 -8.92 -73.78 42.28
C ILE IC 4 -9.05 -72.34 42.75
N LEU IC 5 -8.93 -71.39 41.83
CA LEU IC 5 -9.01 -69.99 42.23
C LEU IC 5 -10.41 -69.62 42.68
N ARG IC 6 -11.43 -70.12 41.99
CA ARG IC 6 -12.80 -69.88 42.46
C ARG IC 6 -12.97 -70.33 43.89
N ALA IC 7 -12.61 -71.57 44.18
CA ALA IC 7 -12.68 -72.06 45.55
C ALA IC 7 -11.90 -71.16 46.50
N TYR IC 8 -10.68 -70.79 46.11
CA TYR IC 8 -9.87 -69.90 46.94
C TYR IC 8 -10.62 -68.63 47.28
N ALA IC 9 -11.41 -68.13 46.33
CA ALA IC 9 -12.15 -66.90 46.58
C ALA IC 9 -13.17 -67.08 47.69
N ARG IC 10 -13.82 -68.24 47.74
CA ARG IC 10 -14.79 -68.48 48.80
C ARG IC 10 -14.13 -68.45 50.16
N ILE IC 11 -12.94 -69.03 50.28
CA ILE IC 11 -12.19 -68.92 51.52
C ILE IC 11 -11.90 -67.46 51.83
N LEU IC 12 -11.31 -66.76 50.87
CA LEU IC 12 -10.83 -65.41 51.12
C LEU IC 12 -11.95 -64.44 51.43
N GLU IC 13 -13.17 -64.71 50.99
CA GLU IC 13 -14.25 -63.77 51.27
C GLU IC 13 -14.83 -63.97 52.66
N ALA IC 14 -14.89 -65.20 53.12
CA ALA IC 14 -15.56 -65.51 54.37
C ALA IC 14 -14.66 -65.38 55.58
N GLN IC 15 -13.38 -65.11 55.38
CA GLN IC 15 -12.45 -65.00 56.48
C GLN IC 15 -12.83 -63.87 57.41
N GLN JC 1 -1.86 -60.09 58.43
CA GLN JC 1 -2.58 -59.18 59.32
C GLN JC 1 -3.90 -58.75 58.69
N ALA JC 2 -3.95 -58.81 57.36
CA ALA JC 2 -5.19 -58.51 56.66
C ALA JC 2 -6.32 -59.43 57.08
N GLU JC 3 -5.99 -60.59 57.64
CA GLU JC 3 -7.01 -61.50 58.13
C GLU JC 3 -7.91 -60.81 59.15
N ILE JC 4 -7.34 -60.01 60.03
CA ILE JC 4 -8.13 -59.34 61.04
C ILE JC 4 -9.16 -58.43 60.38
N LEU JC 5 -8.74 -57.65 59.39
CA LEU JC 5 -9.66 -56.75 58.75
C LEU JC 5 -10.71 -57.49 57.95
N ARG JC 6 -10.31 -58.56 57.26
CA ARG JC 6 -11.29 -59.38 56.56
C ARG JC 6 -12.37 -59.86 57.51
N ALA JC 7 -11.96 -60.45 58.64
CA ALA JC 7 -12.94 -60.89 59.62
C ALA JC 7 -13.82 -59.73 60.06
N TYR JC 8 -13.22 -58.61 60.43
CA TYR JC 8 -13.95 -57.42 60.81
C TYR JC 8 -15.01 -57.07 59.79
N ALA JC 9 -14.72 -57.27 58.51
CA ALA JC 9 -15.68 -56.95 57.46
C ALA JC 9 -16.93 -57.79 57.59
N ARG JC 10 -16.78 -59.07 57.92
CA ARG JC 10 -17.96 -59.92 58.07
C ARG JC 10 -18.88 -59.40 59.16
N ILE JC 11 -18.32 -59.05 60.31
CA ILE JC 11 -19.11 -58.44 61.37
C ILE JC 11 -19.80 -57.20 60.85
N LEU JC 12 -19.01 -56.24 60.38
CA LEU JC 12 -19.58 -54.95 59.96
C LEU JC 12 -20.57 -55.10 58.82
N GLU JC 13 -20.58 -56.25 58.16
CA GLU JC 13 -21.59 -56.51 57.15
C GLU JC 13 -22.86 -57.06 57.76
N ALA JC 14 -22.75 -58.18 58.46
CA ALA JC 14 -23.93 -58.90 58.92
C ALA JC 14 -24.67 -58.17 60.03
N GLN JC 15 -24.14 -57.06 60.51
CA GLN JC 15 -24.79 -56.30 61.57
C GLN JC 15 -26.15 -55.83 61.13
N GLN KC 1 -24.68 -45.22 66.16
CA GLN KC 1 -26.04 -45.10 65.68
C GLN KC 1 -26.17 -45.73 64.30
N ALA KC 2 -25.06 -45.76 63.57
CA ALA KC 2 -25.06 -46.41 62.26
C ALA KC 2 -25.45 -47.88 62.36
N GLU KC 3 -25.31 -48.47 63.54
CA GLU KC 3 -25.73 -49.85 63.71
C GLU KC 3 -27.19 -50.04 63.34
N ILE KC 4 -28.04 -49.10 63.72
CA ILE KC 4 -29.45 -49.22 63.39
C ILE KC 4 -29.65 -49.32 61.89
N LEU KC 5 -29.01 -48.43 61.14
CA LEU KC 5 -29.20 -48.46 59.69
C LEU KC 5 -28.58 -49.69 59.07
N ARG KC 6 -27.42 -50.11 59.55
CA ARG KC 6 -26.84 -51.35 59.06
C ARG KC 6 -27.81 -52.50 59.22
N ALA KC 7 -28.33 -52.70 60.43
CA ALA KC 7 -29.32 -53.74 60.64
C ALA KC 7 -30.51 -53.58 59.70
N TYR KC 8 -31.05 -52.36 59.62
CA TYR KC 8 -32.15 -52.08 58.71
C TYR KC 8 -31.87 -52.56 57.31
N ALA KC 9 -30.63 -52.43 56.85
CA ALA KC 9 -30.29 -52.88 55.51
C ALA KC 9 -30.47 -54.38 55.37
N ARG KC 10 -30.12 -55.16 56.39
CA ARG KC 10 -30.29 -56.59 56.29
C ARG KC 10 -31.75 -56.95 56.09
N ILE KC 11 -32.65 -56.27 56.80
CA ILE KC 11 -34.07 -56.47 56.56
C ILE KC 11 -34.41 -56.11 55.12
N LEU KC 12 -34.07 -54.88 54.73
CA LEU KC 12 -34.53 -54.34 53.46
C LEU KC 12 -33.94 -55.07 52.27
N GLU KC 13 -32.90 -55.88 52.47
CA GLU KC 13 -32.37 -56.63 51.35
C GLU KC 13 -32.99 -58.00 51.23
N ALA KC 14 -33.31 -58.65 52.34
CA ALA KC 14 -33.79 -60.01 52.32
C ALA KC 14 -35.29 -60.12 52.11
N GLN KC 15 -35.99 -59.00 52.05
CA GLN KC 15 -37.42 -59.01 51.88
C GLN KC 15 -37.81 -59.67 50.57
N GLN LC 1 -45.63 -51.20 47.53
CA GLN LC 1 -45.62 -52.33 46.61
C GLN LC 1 -44.19 -52.82 46.39
N ALA LC 2 -43.24 -51.96 46.70
CA ALA LC 2 -41.83 -52.32 46.54
C ALA LC 2 -41.49 -53.62 47.24
N GLU LC 3 -42.23 -53.99 48.29
CA GLU LC 3 -42.02 -55.28 48.93
C GLU LC 3 -42.16 -56.42 47.94
N ILE LC 4 -43.17 -56.36 47.08
CA ILE LC 4 -43.40 -57.43 46.13
C ILE LC 4 -42.18 -57.59 45.22
N LEU LC 5 -41.67 -56.49 44.69
CA LEU LC 5 -40.53 -56.58 43.78
C LEU LC 5 -39.28 -57.02 44.52
N ARG LC 6 -39.05 -56.52 45.72
CA ARG LC 6 -37.91 -56.99 46.50
C ARG LC 6 -37.96 -58.49 46.67
N ALA LC 7 -39.10 -59.01 47.14
CA ALA LC 7 -39.24 -60.46 47.26
C ALA LC 7 -38.95 -61.15 45.93
N TYR LC 8 -39.56 -60.66 44.86
CA TYR LC 8 -39.33 -61.21 43.54
C TYR LC 8 -37.85 -61.31 43.21
N ALA LC 9 -37.06 -60.33 43.63
CA ALA LC 9 -35.63 -60.35 43.39
C ALA LC 9 -34.97 -61.53 44.07
N ARG LC 10 -35.39 -61.87 45.29
CA ARG LC 10 -34.78 -63.00 45.97
C ARG LC 10 -35.00 -64.29 45.20
N ILE LC 11 -36.20 -64.47 44.66
CA ILE LC 11 -36.44 -65.62 43.78
C ILE LC 11 -35.53 -65.55 42.59
N LEU LC 12 -35.56 -64.43 41.87
CA LEU LC 12 -34.88 -64.35 40.59
C LEU LC 12 -33.37 -64.42 40.71
N GLU LC 13 -32.83 -64.23 41.92
CA GLU LC 13 -31.39 -64.36 42.06
C GLU LC 13 -30.97 -65.78 42.43
N ALA LC 14 -31.78 -66.48 43.22
CA ALA LC 14 -31.40 -67.79 43.72
C ALA LC 14 -31.69 -68.91 42.76
N GLN LC 15 -32.36 -68.61 41.65
CA GLN LC 15 -32.73 -69.63 40.69
C GLN LC 15 -31.48 -70.31 40.12
N GLN MC 1 32.46 76.92 -31.46
CA GLN MC 1 31.01 77.02 -31.51
C GLN MC 1 30.48 76.45 -32.80
N ALA MC 2 31.37 76.32 -33.79
CA ALA MC 2 30.98 75.76 -35.08
C ALA MC 2 30.30 74.42 -34.94
N GLU MC 3 30.57 73.68 -33.87
CA GLU MC 3 29.87 72.43 -33.62
C GLU MC 3 28.37 72.65 -33.55
N ILE MC 4 27.93 73.70 -32.87
CA ILE MC 4 26.51 73.96 -32.73
C ILE MC 4 25.87 74.15 -34.10
N LEU MC 5 26.49 74.97 -34.94
CA LEU MC 5 25.90 75.23 -36.25
C LEU MC 5 25.95 73.99 -37.14
N ARG MC 6 27.04 73.24 -37.10
CA ARG MC 6 27.09 71.99 -37.84
C ARG MC 6 25.94 71.09 -37.46
N ALA MC 7 25.77 70.85 -36.16
CA ALA MC 7 24.64 70.04 -35.71
C ALA MC 7 23.32 70.61 -36.22
N TYR MC 8 23.12 71.92 -36.06
CA TYR MC 8 21.92 72.57 -36.57
C TYR MC 8 21.67 72.25 -38.03
N ALA MC 9 22.73 72.16 -38.82
CA ALA MC 9 22.56 71.86 -40.24
C ALA MC 9 21.98 70.47 -40.44
N ARG MC 10 22.41 69.50 -39.64
CA ARG MC 10 21.87 68.15 -39.79
C ARG MC 10 20.38 68.12 -39.53
N ILE MC 11 19.92 68.88 -38.54
CA ILE MC 11 18.48 69.02 -38.34
C ILE MC 11 17.84 69.66 -39.57
N LEU MC 12 18.35 70.84 -39.95
CA LEU MC 12 17.68 71.63 -40.98
C LEU MC 12 17.70 70.98 -42.34
N GLU MC 13 18.53 69.96 -42.54
CA GLU MC 13 18.52 69.28 -43.82
C GLU MC 13 17.54 68.11 -43.84
N ALA MC 14 17.38 67.43 -42.72
CA ALA MC 14 16.59 66.21 -42.68
C ALA MC 14 15.12 66.47 -42.42
N GLN MC 15 14.75 67.72 -42.17
CA GLN MC 15 13.36 68.05 -41.89
C GLN MC 15 12.47 67.70 -43.06
N GLN NC 1 6.71 77.78 -42.28
CA GLN NC 1 6.01 77.13 -43.40
C GLN NC 1 7.02 76.45 -44.31
N ALA NC 2 8.25 76.94 -44.30
CA ALA NC 2 9.30 76.30 -45.08
C ALA NC 2 9.50 74.85 -44.67
N GLU NC 3 9.10 74.48 -43.46
CA GLU NC 3 9.20 73.10 -43.02
C GLU NC 3 8.50 72.16 -43.98
N ILE NC 4 7.32 72.56 -44.47
CA ILE NC 4 6.58 71.72 -45.39
C ILE NC 4 7.42 71.43 -46.63
N LEU NC 5 8.01 72.46 -47.20
CA LEU NC 5 8.79 72.26 -48.41
C LEU NC 5 10.05 71.47 -48.15
N ARG NC 6 10.73 71.73 -47.03
CA ARG NC 6 11.88 70.91 -46.67
C ARG NC 6 11.51 69.45 -46.62
N ALA NC 7 10.46 69.11 -45.87
CA ALA NC 7 10.02 67.73 -45.83
C ALA NC 7 9.72 67.20 -47.23
N TYR NC 8 9.01 67.98 -48.03
CA TYR NC 8 8.70 67.57 -49.40
C TYR NC 8 9.96 67.22 -50.16
N ALA NC 9 11.05 67.93 -49.91
CA ALA NC 9 12.30 67.65 -50.60
C ALA NC 9 12.82 66.26 -50.26
N ARG NC 10 12.68 65.86 -48.99
CA ARG NC 10 13.15 64.53 -48.61
C ARG NC 10 12.40 63.45 -49.36
N ILE NC 11 11.08 63.62 -49.52
CA ILE NC 11 10.32 62.70 -50.34
C ILE NC 11 10.86 62.70 -51.76
N LEU NC 12 10.95 63.88 -52.36
CA LEU NC 12 11.27 63.98 -53.78
C LEU NC 12 12.67 63.48 -54.09
N GLU NC 13 13.58 63.49 -53.13
CA GLU NC 13 14.93 63.04 -53.42
C GLU NC 13 15.04 61.52 -53.37
N ALA NC 14 14.31 60.89 -52.46
CA ALA NC 14 14.47 59.46 -52.23
C ALA NC 14 13.60 58.62 -53.13
N GLN NC 15 12.75 59.24 -53.94
CA GLN NC 15 11.86 58.49 -54.81
C GLN NC 15 12.64 57.66 -55.80
N GLN OC 1 5.72 60.55 -64.71
CA GLN OC 1 6.65 59.64 -65.35
C GLN OC 1 8.07 59.89 -64.85
N ALA OC 2 8.31 61.13 -64.40
CA ALA OC 2 9.61 61.45 -63.82
C ALA OC 2 9.93 60.57 -62.62
N GLU OC 3 8.91 59.98 -61.99
CA GLU OC 3 9.14 59.08 -60.88
C GLU OC 3 10.08 57.94 -61.27
N ILE OC 4 9.90 57.40 -62.46
CA ILE OC 4 10.75 56.30 -62.90
C ILE OC 4 12.20 56.75 -62.94
N LEU OC 5 12.47 57.92 -63.51
CA LEU OC 5 13.85 58.38 -63.60
C LEU OC 5 14.42 58.71 -62.23
N ARG OC 6 13.62 59.32 -61.36
CA ARG OC 6 14.07 59.56 -60.00
C ARG OC 6 14.50 58.27 -59.34
N ALA OC 7 13.64 57.26 -59.38
CA ALA OC 7 14.01 55.97 -58.81
C ALA OC 7 15.31 55.45 -59.43
N TYR OC 8 15.37 55.44 -60.77
CA TYR OC 8 16.58 55.04 -61.47
C TYR OC 8 17.81 55.73 -60.93
N ALA OC 9 17.68 57.00 -60.55
CA ALA OC 9 18.82 57.73 -60.04
C ALA OC 9 19.34 57.10 -58.75
N ARG OC 10 18.45 56.66 -57.87
CA ARG OC 10 18.89 56.06 -56.63
C ARG OC 10 19.74 54.82 -56.89
N ILE OC 11 19.28 53.95 -57.80
CA ILE OC 11 20.07 52.80 -58.20
C ILE OC 11 21.43 53.25 -58.72
N LEU OC 12 21.42 54.07 -59.76
CA LEU OC 12 22.66 54.48 -60.41
C LEU OC 12 23.58 55.23 -59.47
N GLU OC 13 23.06 55.69 -58.33
CA GLU OC 13 23.91 56.30 -57.32
C GLU OC 13 24.52 55.25 -56.41
N ALA OC 14 23.67 54.48 -55.73
CA ALA OC 14 24.14 53.58 -54.70
C ALA OC 14 24.96 52.42 -55.23
N GLN OC 15 25.07 52.29 -56.55
CA GLN OC 15 25.83 51.19 -57.13
C GLN OC 15 27.28 51.26 -56.70
N GLN PC 1 31.15 48.48 -67.54
CA GLN PC 1 32.41 48.54 -66.81
C GLN PC 1 32.41 49.71 -65.84
N ALA PC 2 31.62 50.73 -66.17
CA ALA PC 2 31.48 51.86 -65.27
C ALA PC 2 30.96 51.44 -63.91
N GLU PC 3 30.30 50.29 -63.82
CA GLU PC 3 29.84 49.80 -62.53
C GLU PC 3 30.97 49.68 -61.53
N ILE PC 4 32.13 49.21 -61.98
CA ILE PC 4 33.26 49.06 -61.08
C ILE PC 4 33.62 50.40 -60.47
N LEU PC 5 33.74 51.43 -61.30
CA LEU PC 5 34.13 52.74 -60.79
C LEU PC 5 33.05 53.34 -59.90
N ARG PC 6 31.79 53.18 -60.29
CA ARG PC 6 30.70 53.65 -59.42
C ARG PC 6 30.83 53.04 -58.04
N ALA PC 7 30.93 51.70 -57.96
CA ALA PC 7 31.10 51.07 -56.68
C ALA PC 7 32.32 51.61 -55.95
N TYR PC 8 33.45 51.70 -56.64
CA TYR PC 8 34.66 52.26 -56.05
C TYR PC 8 34.41 53.60 -55.41
N ALA PC 9 33.57 54.42 -56.01
CA ALA PC 9 33.26 55.73 -55.44
C ALA PC 9 32.60 55.59 -54.07
N ARG PC 10 31.70 54.63 -53.92
CA ARG PC 10 31.05 54.46 -52.62
C ARG PC 10 32.06 54.16 -51.53
N ILE PC 11 33.04 53.31 -51.84
CA ILE PC 11 34.13 53.08 -50.89
C ILE PC 11 34.86 54.38 -50.62
N LEU PC 12 35.34 55.02 -51.68
CA LEU PC 12 36.24 56.16 -51.52
C LEU PC 12 35.56 57.36 -50.88
N GLU PC 13 34.23 57.37 -50.81
CA GLU PC 13 33.59 58.49 -50.15
C GLU PC 13 33.34 58.22 -48.67
N ALA PC 14 33.05 56.98 -48.31
CA ALA PC 14 32.66 56.66 -46.94
C ALA PC 14 33.85 56.39 -46.05
N GLN PC 15 35.05 56.38 -46.59
CA GLN PC 15 36.24 56.11 -45.80
C GLN PC 15 36.41 57.13 -44.70
N GLN QC 1 48.02 58.84 -46.80
CA GLN QC 1 47.53 59.54 -45.61
C GLN QC 1 46.15 60.11 -45.87
N ALA QC 2 45.80 60.23 -47.15
CA ALA QC 2 44.49 60.76 -47.52
C ALA QC 2 43.36 60.02 -46.83
N GLU QC 3 43.58 58.76 -46.45
CA GLU QC 3 42.57 58.03 -45.70
C GLU QC 3 42.22 58.75 -44.41
N ILE QC 4 43.22 59.27 -43.71
CA ILE QC 4 42.96 59.95 -42.45
C ILE QC 4 42.05 61.15 -42.67
N LEU QC 5 42.34 61.96 -43.68
CA LEU QC 5 41.53 63.14 -43.91
C LEU QC 5 40.15 62.77 -44.40
N ARG QC 6 40.03 61.78 -45.27
CA ARG QC 6 38.71 61.32 -45.68
C ARG QC 6 37.88 60.93 -44.47
N ALA QC 7 38.42 60.07 -43.61
CA ALA QC 7 37.71 59.71 -42.39
C ALA QC 7 37.32 60.95 -41.60
N TYR QC 8 38.27 61.85 -41.39
CA TYR QC 8 38.00 63.09 -40.67
C TYR QC 8 36.81 63.83 -41.25
N ALA QC 9 36.66 63.81 -42.57
CA ALA QC 9 35.53 64.47 -43.19
C ALA QC 9 34.20 63.86 -42.76
N ARG QC 10 34.15 62.53 -42.62
CA ARG QC 10 32.90 61.92 -42.20
C ARG QC 10 32.49 62.39 -40.82
N ILE QC 11 33.44 62.51 -39.91
CA ILE QC 11 33.15 63.10 -38.61
C ILE QC 11 32.66 64.52 -38.79
N LEU QC 12 33.45 65.34 -39.47
CA LEU QC 12 33.16 66.77 -39.52
C LEU QC 12 31.89 67.09 -40.26
N GLU QC 13 31.34 66.15 -41.02
CA GLU QC 13 30.08 66.43 -41.69
C GLU QC 13 28.88 66.02 -40.84
N ALA QC 14 29.00 64.93 -40.09
CA ALA QC 14 27.87 64.38 -39.37
C ALA QC 14 27.66 65.05 -38.03
N GLN QC 15 28.55 65.93 -37.61
CA GLN QC 15 28.44 66.58 -36.32
C GLN QC 15 27.16 67.39 -36.24
N GLN RC 1 -34.59 -78.90 33.60
CA GLN RC 1 -33.32 -79.52 33.97
C GLN RC 1 -32.62 -78.71 35.04
N ALA RC 2 -33.03 -77.45 35.19
CA ALA RC 2 -32.44 -76.58 36.19
C ALA RC 2 -32.48 -77.20 37.58
N GLU RC 3 -33.41 -78.10 37.83
CA GLU RC 3 -33.44 -78.81 39.10
C GLU RC 3 -32.13 -79.55 39.34
N ILE RC 4 -31.60 -80.21 38.31
CA ILE RC 4 -30.37 -80.97 38.48
C ILE RC 4 -29.24 -80.05 38.92
N LEU RC 5 -29.10 -78.92 38.24
CA LEU RC 5 -28.00 -78.02 38.57
C LEU RC 5 -28.20 -77.39 39.94
N ARG RC 6 -29.42 -77.01 40.28
CA ARG RC 6 -29.69 -76.49 41.61
C ARG RC 6 -29.25 -77.49 42.67
N ALA RC 7 -29.70 -78.74 42.55
CA ALA RC 7 -29.26 -79.76 43.48
C ALA RC 7 -27.75 -79.86 43.52
N TYR RC 8 -27.11 -79.92 42.35
CA TYR RC 8 -25.66 -79.97 42.28
C TYR RC 8 -25.02 -78.86 43.09
N ALA RC 9 -25.62 -77.68 43.08
CA ALA RC 9 -25.06 -76.56 43.83
C ALA RC 9 -25.07 -76.84 45.32
N ARG RC 10 -26.13 -77.46 45.83
CA ARG RC 10 -26.18 -77.76 47.25
C ARG RC 10 -25.05 -78.69 47.66
N ILE RC 11 -24.73 -79.67 46.82
CA ILE RC 11 -23.57 -80.50 47.06
C ILE RC 11 -22.30 -79.66 47.05
N LEU RC 12 -22.10 -78.93 45.96
CA LEU RC 12 -20.83 -78.25 45.74
C LEU RC 12 -20.59 -77.13 46.74
N GLU RC 13 -21.61 -76.70 47.46
CA GLU RC 13 -21.38 -75.67 48.46
C GLU RC 13 -21.04 -76.27 49.83
N ALA RC 14 -21.62 -77.41 50.16
CA ALA RC 14 -21.47 -77.97 51.49
C ALA RC 14 -20.25 -78.86 51.62
N GLN RC 15 -19.53 -79.09 50.53
CA GLN RC 15 -18.36 -79.94 50.58
C GLN RC 15 -17.31 -79.39 51.51
N GLN SC 1 -8.74 -81.46 43.92
CA GLN SC 1 -7.99 -80.90 45.04
C GLN SC 1 -8.75 -79.72 45.64
N ALA SC 2 -9.57 -79.09 44.81
CA ALA SC 2 -10.41 -77.99 45.31
C ALA SC 2 -11.33 -78.44 46.43
N GLU SC 3 -11.60 -79.74 46.53
CA GLU SC 3 -12.42 -80.25 47.62
C GLU SC 3 -11.85 -79.87 48.96
N ILE SC 4 -10.52 -79.95 49.12
CA ILE SC 4 -9.91 -79.60 50.38
C ILE SC 4 -10.24 -78.17 50.76
N LEU SC 5 -10.08 -77.25 49.81
CA LEU SC 5 -10.34 -75.84 50.11
C LEU SC 5 -11.82 -75.60 50.37
N ARG SC 6 -12.69 -76.23 49.59
CA ARG SC 6 -14.12 -76.10 49.86
C ARG SC 6 -14.43 -76.51 51.29
N ALA SC 7 -13.99 -77.70 51.69
CA ALA SC 7 -14.20 -78.13 53.07
C ALA SC 7 -13.64 -77.11 54.05
N TYR SC 8 -12.41 -76.65 53.80
CA TYR SC 8 -11.81 -75.65 54.67
C TYR SC 8 -12.70 -74.44 54.84
N ALA SC 9 -13.40 -74.05 53.79
CA ALA SC 9 -14.29 -72.90 53.87
C ALA SC 9 -15.41 -73.14 54.86
N ARG SC 10 -15.95 -74.36 54.89
CA ARG SC 10 -17.02 -74.64 55.83
C ARG SC 10 -16.55 -74.48 57.26
N ILE SC 11 -15.34 -74.94 57.56
CA ILE SC 11 -14.76 -74.70 58.87
C ILE SC 11 -14.66 -73.21 59.13
N LEU SC 12 -14.02 -72.50 58.22
CA LEU SC 12 -13.70 -71.09 58.46
C LEU SC 12 -14.93 -70.22 58.57
N GLU SC 13 -16.06 -70.64 58.00
CA GLU SC 13 -17.24 -69.79 58.08
C GLU SC 13 -17.97 -69.99 59.40
N ALA SC 14 -17.98 -71.21 59.93
CA ALA SC 14 -18.78 -71.53 61.10
C ALA SC 14 -18.06 -71.26 62.40
N GLN SC 15 -16.79 -70.87 62.34
CA GLN SC 15 -16.02 -70.63 63.54
C GLN SC 15 -16.63 -69.50 64.35
N GLN TC 1 -6.28 -64.62 66.52
CA GLN TC 1 -7.18 -63.74 67.25
C GLN TC 1 -8.43 -63.48 66.44
N ALA TC 2 -8.32 -63.59 65.12
CA ALA TC 2 -9.48 -63.45 64.26
C ALA TC 2 -10.56 -64.46 64.60
N GLU TC 3 -10.20 -65.56 65.25
CA GLU TC 3 -11.20 -66.54 65.66
C GLU TC 3 -12.28 -65.90 66.51
N ILE TC 4 -11.88 -65.01 67.42
CA ILE TC 4 -12.87 -64.37 68.29
C ILE TC 4 -13.88 -63.60 67.46
N LEU TC 5 -13.41 -62.83 66.49
CA LEU TC 5 -14.32 -62.04 65.68
C LEU TC 5 -15.19 -62.93 64.79
N ARG TC 6 -14.61 -63.98 64.23
CA ARG TC 6 -15.41 -64.92 63.45
C ARG TC 6 -16.55 -65.47 64.30
N ALA TC 7 -16.24 -65.97 65.49
CA ALA TC 7 -17.29 -66.45 66.36
C ALA TC 7 -18.32 -65.37 66.64
N TYR TC 8 -17.87 -64.18 67.02
CA TYR TC 8 -18.77 -63.05 67.24
C TYR TC 8 -19.71 -62.84 66.06
N ALA TC 9 -19.23 -63.08 64.84
CA ALA TC 9 -20.08 -62.90 63.68
C ALA TC 9 -21.26 -63.85 63.70
N ARG TC 10 -21.04 -65.10 64.11
CA ARG TC 10 -22.14 -66.04 64.15
C ARG TC 10 -23.23 -65.58 65.09
N ILE TC 11 -22.86 -65.12 66.28
CA ILE TC 11 -23.83 -64.55 67.20
C ILE TC 11 -24.56 -63.41 66.54
N LEU TC 12 -23.82 -62.39 66.11
CA LEU TC 12 -24.43 -61.18 65.57
C LEU TC 12 -25.24 -61.48 64.32
N GLU TC 13 -25.08 -62.65 63.72
CA GLU TC 13 -25.91 -63.05 62.61
C GLU TC 13 -27.20 -63.71 63.09
N ALA TC 14 -27.08 -64.78 63.85
CA ALA TC 14 -28.23 -65.59 64.22
C ALA TC 14 -29.18 -64.89 65.17
N GLN TC 15 -28.82 -63.71 65.66
CA GLN TC 15 -29.66 -62.98 66.59
C GLN TC 15 -31.00 -62.66 65.95
N GLN UC 1 -31.16 -51.76 70.54
CA GLN UC 1 -32.46 -51.78 69.89
C GLN UC 1 -32.36 -52.47 68.54
N ALA UC 2 -31.16 -52.44 67.95
CA ALA UC 2 -30.93 -53.13 66.69
C ALA UC 2 -31.19 -54.63 66.82
N GLU UC 3 -31.15 -55.16 68.04
CA GLU UC 3 -31.47 -56.57 68.25
C GLU UC 3 -32.84 -56.91 67.71
N ILE UC 4 -33.81 -56.04 67.92
CA ILE UC 4 -35.16 -56.31 67.43
C ILE UC 4 -35.16 -56.50 65.93
N LEU UC 5 -34.50 -55.58 65.21
CA LEU UC 5 -34.50 -55.68 63.76
C LEU UC 5 -33.70 -56.89 63.28
N ARG UC 6 -32.56 -57.16 63.92
CA ARG UC 6 -31.82 -58.36 63.58
C ARG UC 6 -32.70 -59.59 63.68
N ALA UC 7 -33.35 -59.79 64.82
CA ALA UC 7 -34.26 -60.91 64.95
C ALA UC 7 -35.32 -60.91 63.88
N TYR UC 8 -35.96 -59.76 63.66
CA TYR UC 8 -36.95 -59.62 62.61
C TYR UC 8 -36.45 -60.13 61.27
N ALA UC 9 -35.19 -59.89 60.98
CA ALA UC 9 -34.63 -60.37 59.72
C ALA UC 9 -34.65 -61.88 59.62
N ARG UC 10 -34.37 -62.57 60.73
CA ARG UC 10 -34.40 -64.03 60.69
C ARG UC 10 -35.78 -64.54 60.33
N ILE UC 11 -36.81 -63.92 60.88
CA ILE UC 11 -38.18 -64.27 60.48
C ILE UC 11 -38.36 -64.00 59.00
N LEU UC 12 -38.09 -62.77 58.59
CA LEU UC 12 -38.43 -62.34 57.24
C LEU UC 12 -37.62 -63.05 56.17
N GLU UC 13 -36.54 -63.73 56.54
CA GLU UC 13 -35.80 -64.47 55.53
C GLU UC 13 -36.29 -65.91 55.40
N ALA UC 14 -36.69 -66.53 56.51
CA ALA UC 14 -37.02 -67.94 56.50
C ALA UC 14 -38.46 -68.20 56.12
N GLN UC 15 -39.25 -67.16 55.91
CA GLN UC 15 -40.65 -67.32 55.57
C GLN UC 15 -40.80 -68.07 54.26
N GLN VC 1 -48.91 -60.54 49.81
CA GLN VC 1 -48.68 -61.71 48.98
C GLN VC 1 -47.20 -62.07 48.96
N ALA VC 2 -46.37 -61.10 49.34
CA ALA VC 2 -44.93 -61.33 49.38
C ALA VC 2 -44.56 -62.56 50.18
N GLU VC 3 -45.40 -62.95 51.14
CA GLU VC 3 -45.15 -64.19 51.88
C GLU VC 3 -45.06 -65.38 50.94
N ILE VC 4 -45.95 -65.45 49.96
CA ILE VC 4 -45.94 -66.58 49.05
C ILE VC 4 -44.62 -66.66 48.31
N LEU VC 5 -44.14 -65.53 47.79
CA LEU VC 5 -42.90 -65.55 47.04
C LEU VC 5 -41.71 -65.84 47.93
N ARG VC 6 -41.69 -65.26 49.13
CA ARG VC 6 -40.63 -65.58 50.07
C ARG VC 6 -40.57 -67.08 50.32
N ALA VC 7 -41.69 -67.68 50.67
CA ALA VC 7 -41.72 -69.13 50.84
C ALA VC 7 -41.20 -69.85 49.61
N TYR VC 8 -41.70 -69.46 48.44
CA TYR VC 8 -41.25 -70.05 47.19
C TYR VC 8 -39.74 -70.02 47.05
N ALA VC 9 -39.11 -68.94 47.52
CA ALA VC 9 -37.66 -68.84 47.45
C ALA VC 9 -36.98 -69.92 48.28
N ARG VC 10 -37.53 -70.24 49.44
CA ARG VC 10 -36.91 -71.27 50.26
C ARG VC 10 -36.91 -72.61 49.54
N ILE VC 11 -38.01 -72.94 48.87
CA ILE VC 11 -38.03 -74.13 48.04
C ILE VC 11 -36.98 -74.03 46.95
N LEU VC 12 -37.02 -72.96 46.17
CA LEU VC 12 -36.19 -72.85 44.98
C LEU VC 12 -34.71 -72.77 45.31
N GLU VC 13 -34.35 -72.48 46.55
CA GLU VC 13 -32.94 -72.46 46.88
C GLU VC 13 -32.44 -73.82 47.37
N ALA VC 14 -33.27 -74.56 48.09
CA ALA VC 14 -32.83 -75.80 48.71
C ALA VC 14 -32.91 -76.98 47.77
N GLN VC 15 -33.45 -76.79 46.58
CA GLN VC 15 -33.58 -77.90 45.64
C GLN VC 15 -32.24 -78.47 45.27
N GLN WC 1 38.47 82.23 -37.55
CA GLN WC 1 37.04 82.46 -37.42
C GLN WC 1 36.31 82.00 -38.68
N ALA WC 2 37.07 81.85 -39.76
CA ALA WC 2 36.48 81.39 -41.02
C ALA WC 2 35.69 80.11 -40.84
N GLU WC 3 36.03 79.30 -39.85
CA GLU WC 3 35.24 78.11 -39.57
C GLU WC 3 33.78 78.45 -39.31
N ILE WC 4 33.52 79.51 -38.55
CA ILE WC 4 32.15 79.87 -38.23
C ILE WC 4 31.39 80.19 -39.50
N LEU WC 5 31.98 80.99 -40.38
CA LEU WC 5 31.28 81.37 -41.60
C LEU WC 5 31.10 80.19 -42.53
N ARG WC 6 32.12 79.34 -42.65
CA ARG WC 6 31.96 78.13 -43.45
C ARG WC 6 30.78 77.31 -42.96
N ALA WC 7 30.74 77.02 -41.66
CA ALA WC 7 29.60 76.30 -41.12
C ALA WC 7 28.30 77.00 -41.44
N TYR WC 8 28.24 78.31 -41.21
CA TYR WC 8 27.05 79.09 -41.54
C TYR WC 8 26.60 78.87 -42.98
N ALA WC 9 27.55 78.73 -43.89
CA ALA WC 9 27.20 78.51 -45.29
C ALA WC 9 26.46 77.20 -45.48
N ARG WC 10 26.89 76.15 -44.78
CA ARG WC 10 26.23 74.86 -44.91
C ARG WC 10 24.77 74.95 -44.48
N ILE WC 11 24.50 75.70 -43.41
CA ILE WC 11 23.11 75.97 -43.04
C ILE WC 11 22.40 76.71 -44.15
N LEU WC 12 22.97 77.86 -44.55
CA LEU WC 12 22.26 78.76 -45.45
C LEU WC 12 22.07 78.17 -46.84
N GLU WC 13 22.77 77.10 -47.17
CA GLU WC 13 22.55 76.49 -48.47
C GLU WC 13 21.47 75.42 -48.42
N ALA WC 14 21.38 74.69 -47.31
CA ALA WC 14 20.48 73.54 -47.23
C ALA WC 14 19.08 73.93 -46.79
N GLN WC 15 18.86 75.18 -46.45
CA GLN WC 15 17.56 75.62 -45.99
C GLN WC 15 16.51 75.41 -47.06
N GLN XC 1 11.84 85.91 -45.21
CA GLN XC 1 10.97 85.39 -46.26
C GLN XC 1 11.79 84.66 -47.31
N ALA XC 2 13.05 85.05 -47.43
CA ALA XC 2 13.95 84.35 -48.35
C ALA XC 2 14.06 82.87 -48.03
N GLU XC 3 13.75 82.48 -46.80
CA GLU XC 3 13.78 81.07 -46.43
C GLU XC 3 12.88 80.24 -47.33
N ILE XC 4 11.71 80.77 -47.66
CA ILE XC 4 10.79 80.04 -48.51
C ILE XC 4 11.45 79.74 -49.86
N LEU XC 5 12.07 80.75 -50.46
CA LEU XC 5 12.68 80.54 -51.76
C LEU XC 5 13.88 79.62 -51.67
N ARG XC 6 14.70 79.78 -50.63
CA ARG XC 6 15.80 78.84 -50.44
C ARG XC 6 15.31 77.41 -50.41
N ALA XC 7 14.33 77.13 -49.56
CA ALA XC 7 13.76 75.79 -49.52
C ALA XC 7 13.26 75.37 -50.89
N TYR XC 8 12.54 76.24 -51.57
CA TYR XC 8 12.05 75.93 -52.91
C TYR XC 8 13.16 75.50 -53.83
N ALA XC 9 14.34 76.11 -53.67
CA ALA XC 9 15.47 75.75 -54.52
C ALA XC 9 15.89 74.31 -54.29
N ARG XC 10 15.86 73.85 -53.04
CA ARG XC 10 16.26 72.48 -52.77
C ARG XC 10 15.32 71.51 -53.47
N ILE XC 11 14.02 71.80 -53.46
CA ILE XC 11 13.08 70.99 -54.23
C ILE XC 11 13.44 71.01 -55.70
N LEU XC 12 13.58 72.21 -56.26
CA LEU XC 12 13.74 72.35 -57.70
C LEU XC 12 15.04 71.75 -58.20
N GLU XC 13 16.06 71.63 -57.35
CA GLU XC 13 17.31 71.09 -57.83
C GLU XC 13 17.29 69.56 -57.84
N ALA XC 14 16.62 68.95 -56.88
CA ALA XC 14 16.67 67.50 -56.72
C ALA XC 14 15.62 66.78 -57.55
N GLN XC 15 14.75 67.51 -58.22
CA GLN XC 15 13.69 66.90 -59.01
C GLN XC 15 14.29 66.05 -60.12
N GLN YC 1 6.68 69.99 -68.03
CA GLN YC 1 7.45 69.03 -68.80
C GLN YC 1 8.93 69.13 -68.47
N ALA YC 2 9.34 70.31 -68.00
CA ALA YC 2 10.71 70.49 -67.57
C ALA YC 2 11.09 69.53 -66.45
N GLU YC 3 10.10 69.00 -65.73
CA GLU YC 3 10.37 68.02 -64.69
C GLU YC 3 11.14 66.83 -65.23
N ILE YC 4 10.78 66.37 -66.42
CA ILE YC 4 11.47 65.22 -67.00
C ILE YC 4 12.95 65.54 -67.20
N LEU YC 5 13.25 66.70 -67.74
CA LEU YC 5 14.65 67.05 -67.97
C LEU YC 5 15.39 67.26 -66.66
N ARG YC 6 14.76 67.89 -65.69
CA ARG YC 6 15.40 68.03 -64.39
C ARG YC 6 15.77 66.67 -63.83
N ALA YC 7 14.82 65.74 -63.80
CA ALA YC 7 15.14 64.40 -63.34
C ALA YC 7 16.29 63.80 -64.13
N TYR YC 8 16.20 63.85 -65.45
CA TYR YC 8 17.28 63.37 -66.31
C TYR YC 8 18.63 63.93 -65.90
N ALA YC 9 18.66 65.18 -65.45
CA ALA YC 9 19.91 65.78 -65.05
C ALA YC 9 20.52 65.06 -63.86
N ARG YC 10 19.69 64.64 -62.91
CA ARG YC 10 20.22 63.93 -61.75
C ARG YC 10 20.91 62.65 -62.17
N ILE YC 11 20.27 61.87 -63.03
CA ILE YC 11 20.90 60.67 -63.57
C ILE YC 11 22.22 61.03 -64.22
N LEU YC 12 22.17 61.90 -65.24
CA LEU YC 12 23.36 62.23 -66.01
C LEU YC 12 24.45 62.86 -65.16
N GLU YC 13 24.11 63.29 -63.95
CA GLU YC 13 25.13 63.78 -63.03
C GLU YC 13 25.73 62.64 -62.22
N ALA YC 14 24.90 61.91 -61.49
CA ALA YC 14 25.40 60.92 -60.55
C ALA YC 14 26.04 59.72 -61.22
N GLN YC 15 25.99 59.64 -62.54
CA GLN YC 15 26.57 58.52 -63.25
C GLN YC 15 28.06 58.44 -63.00
N GLN ZC 1 30.39 55.86 -74.32
CA GLN ZC 1 31.72 55.78 -73.75
C GLN ZC 1 31.94 56.89 -72.74
N ALA ZC 2 31.21 57.99 -72.93
CA ALA ZC 2 31.29 59.09 -71.97
C ALA ZC 2 30.89 58.65 -70.58
N GLU ZC 3 30.14 57.56 -70.46
CA GLU ZC 3 29.78 57.05 -69.15
C GLU ZC 3 31.01 56.78 -68.30
N ILE ZC 4 32.05 56.23 -68.90
CA ILE ZC 4 33.26 55.94 -68.14
C ILE ZC 4 33.82 57.21 -67.53
N LEU ZC 5 33.94 58.27 -68.32
CA LEU ZC 5 34.51 59.51 -67.80
C LEU ZC 5 33.59 60.15 -66.78
N ARG ZC 6 32.28 60.13 -67.01
CA ARG ZC 6 31.36 60.64 -66.02
C ARG ZC 6 31.57 59.96 -64.68
N ALA ZC 7 31.56 58.62 -64.67
CA ALA ZC 7 31.82 57.90 -63.44
C ALA ZC 7 33.16 58.30 -62.84
N TYR ZC 8 34.21 58.33 -63.65
CA TYR ZC 8 35.52 58.73 -63.20
C TYR ZC 8 35.48 60.07 -62.47
N ALA ZC 9 34.64 60.98 -62.94
CA ALA ZC 9 34.54 62.28 -62.28
C ALA ZC 9 34.03 62.14 -60.85
N ARG ZC 10 33.06 61.26 -60.63
CA ARG ZC 10 32.55 61.08 -59.27
C ARG ZC 10 33.64 60.63 -58.33
N ILE ZC 11 34.50 59.72 -58.78
CA ILE ZC 11 35.66 59.34 -57.98
C ILE ZC 11 36.54 60.56 -57.74
N LEU ZC 12 36.95 61.22 -58.82
CA LEU ZC 12 37.97 62.26 -58.72
C LEU ZC 12 37.48 63.48 -57.96
N GLU ZC 13 36.18 63.60 -57.74
CA GLU ZC 13 35.71 64.74 -56.96
C GLU ZC 13 35.62 64.41 -55.48
N ALA ZC 14 35.26 63.19 -55.13
CA ALA ZC 14 35.00 62.84 -53.74
C ALA ZC 14 36.25 62.42 -53.00
N GLN ZC 15 37.38 62.35 -53.69
CA GLN ZC 15 38.61 61.92 -53.05
C GLN ZC 15 39.01 62.87 -51.95
N GLN AD 1 50.41 63.65 -55.33
CA GLN AD 1 50.12 64.33 -54.08
C GLN AD 1 48.78 65.03 -54.14
N ALA AD 2 48.30 65.24 -55.36
CA ALA AD 2 47.02 65.90 -55.56
C ALA AD 2 45.90 65.23 -54.77
N GLU AD 3 46.04 63.93 -54.47
CA GLU AD 3 45.08 63.27 -53.62
C GLU AD 3 44.94 63.95 -52.28
N ILE AD 4 46.06 64.34 -51.68
CA ILE AD 4 46.00 64.98 -50.36
C ILE AD 4 45.19 66.26 -50.44
N LEU AD 5 45.45 67.09 -51.44
CA LEU AD 5 44.73 68.36 -51.54
C LEU AD 5 43.26 68.13 -51.86
N ARG AD 6 42.96 67.19 -52.75
CA ARG AD 6 41.57 66.88 -53.02
C ARG AD 6 40.84 66.50 -51.75
N ALA AD 7 41.39 65.56 -50.98
CA ALA AD 7 40.79 65.20 -49.71
C ALA AD 7 40.62 66.42 -48.82
N TYR AD 8 41.67 67.23 -48.69
CA TYR AD 8 41.60 68.45 -47.90
C TYR AD 8 40.42 69.32 -48.30
N ALA AD 9 40.12 69.38 -49.59
CA ALA AD 9 38.99 70.17 -50.06
C ALA AD 9 37.67 69.65 -49.50
N ARG AD 10 37.50 68.33 -49.40
CA ARG AD 10 36.26 67.81 -48.86
C ARG AD 10 36.06 68.25 -47.42
N ILE AD 11 37.12 68.23 -46.62
CA ILE AD 11 37.04 68.78 -45.27
C ILE AD 11 36.67 70.25 -45.33
N LEU AD 12 37.44 71.04 -46.08
CA LEU AD 12 37.29 72.48 -46.04
C LEU AD 12 35.97 72.95 -46.61
N GLU AD 13 35.25 72.10 -47.34
CA GLU AD 13 33.96 72.53 -47.84
C GLU AD 13 32.83 72.17 -46.87
N ALA AD 14 32.94 71.04 -46.18
CA ALA AD 14 31.85 70.57 -45.35
C ALA AD 14 31.85 71.18 -43.96
N GLN AD 15 32.87 71.96 -43.64
CA GLN AD 15 32.97 72.55 -42.31
C GLN AD 15 31.79 73.47 -42.04
#